data_7R3Y
#
_entry.id   7R3Y
#
_cell.length_a   154.400
_cell.length_b   70.100
_cell.length_c   159.500
_cell.angle_alpha   90.000
_cell.angle_beta   113.100
_cell.angle_gamma   90.000
#
_symmetry.space_group_name_H-M   'P 1 2 1'
#
loop_
_entity.id
_entity.type
_entity.pdbx_description
1 polymer 'DNA polymerase epsilon catalytic subunit'
2 polymer 'DNA Primer'
3 polymer 'DNA Template'
4 polymer 'DNA Template'
5 non-polymer "2'-DEOXYADENOSINE 5'-TRIPHOSPHATE"
6 non-polymer 'CALCIUM ION'
7 water water
#
loop_
_entity_poly.entity_id
_entity_poly.type
_entity_poly.pdbx_seq_one_letter_code
_entity_poly.pdbx_strand_id
1 'polypeptide(L)'
;MMFGKKKNNGGSSTARYSAGNKYNTLSNNYALSAQQLLNASKIDDIDSMMGFERYVPPQYNGRFDAKDIDQIPGRVGWLT
NMHATLVSQETLSSGSNGGGNSNDGERVTTNQGISGVDFYFLDEEGGSFKSTVVYDPYFFIACNDESRVNDVEELVKKYL
ESCLKSLQIIRKEDLTMDNHLLGLQKTLIKLSFVNSNQLFEARKLLRPILQDNANNNVQRNIYNVAANGSEKVDAKHLIE
DIREYDVPYHVRVSIDKDIRVGKWYKVTQQGFIEDTRKIAFADPVVMAFDIETTKPPLKFPDSAVDQIMMISYMIDGEGF
LITNREIISEDIEDFEYTPKPEYPGFFTIFNENDEVALLQRFFEHIRDVRPTVISTFNGDFFDWPFIHNRSKIHGLDMFD
EIGFAPDAEGEYKSSYCSHMDCFRWLKRDSYLPQGSQGLKAVTQSKLGYNPIELDPELMTPYAFEKPQHLSEYSVSDAVA
TYYLYMKYVHPFIFSLCTIIPLNPDETLRKGTGTLCEMLLMVQAYQHNILLPNKHTDPIERFYDGHLLESETYVGGHVES
LEAGVFRSDLKNEFKIDPSAIDELLQELPEALKFSVEVENKSSVDKVTNFEEIKNQITQKLLELKENNIRNELPLIYHVD
VASMYPNIMTTNRLQPDSIKAERDCASCDFNRPGKTCARKLKWAWRGEFFPSKMDEYNMIKRALQNETFPNKNKFSKKKV
LTFDELSYADQVIHIKKRLTEYSRKVYHRVKVSEIVEREAIVCQRENPFYVDTVKSFRDRRYEFKGLAKTWKGNLSKIDP
SDKHARDEAKKMIVLYDSLQLAHKVILNSFYGYVMRKGSRWYSMEMAGITCLTGATIIQMARALVERVGRPLELDTDGIW
CILPKSFPETYFFTLENGKKLYLSYPCSMLNYRVHQKFTNHQYQELKDPLNYIYETHSENTIFFEVDGPYKAMILPSSKE
EGKGIKKRYAVFNEDGSLAELKGFELKRRGELQLIKNFQSDIFKVFLEGDTLEGCYSAVASVCNRWLDVLDSHGLMLEDE
DLVSLICENRSMSKTLKEYEGQKSTSITTARRLGDFLGEDMVKDKGLQCKYIISSKPFNAPVTERAIPVAIFSADIPIKR
SFLRRWTLDPSLEDLDIRTIIDWGYYRERLGSAIQKIITIPAALQGVSNPVPRVEHPDWLKRKIAT
;
A,B
2 'polydeoxyribonucleotide' (DT)(DA)(DA)(DC)(DC)(DG)(DC)(DG)(DT)(DT)(DOC) P,C
3 'polydeoxyribonucleotide' (DC)(DT)(DC)(DT)(DT)G(DA)(DA)(DC)(DG)(DC)(DG)(DG)(DT)(DT)(DA) T
4 'polydeoxyribonucleotide' (DC)(DT)(DC)(DT)(DT)(DG)(DA)(DA)(DC)(DG)(DC)(DG)(DG)(DT)(DT)(DA) D
#
# COMPACT_ATOMS: atom_id res chain seq x y z
N ALA A 31 38.81 -51.45 -10.75
CA ALA A 31 38.33 -50.39 -9.87
C ALA A 31 36.83 -50.52 -9.62
N LEU A 32 36.07 -49.48 -9.99
CA LEU A 32 34.64 -49.43 -9.68
C LEU A 32 33.90 -50.68 -10.12
N SER A 33 34.41 -51.37 -11.16
CA SER A 33 33.86 -52.67 -11.48
C SER A 33 33.73 -53.53 -10.23
N ALA A 34 34.74 -53.47 -9.39
CA ALA A 34 34.75 -54.32 -8.19
C ALA A 34 33.35 -54.40 -7.58
N GLN A 35 32.79 -53.25 -7.27
CA GLN A 35 31.48 -53.25 -6.60
C GLN A 35 30.47 -53.93 -7.51
N GLN A 36 30.52 -53.62 -8.80
CA GLN A 36 29.49 -54.16 -9.72
C GLN A 36 29.59 -55.67 -9.77
N LEU A 37 30.80 -56.19 -9.88
CA LEU A 37 30.92 -57.65 -10.02
C LEU A 37 30.43 -58.26 -8.72
N LEU A 38 30.75 -57.60 -7.61
CA LEU A 38 30.34 -58.12 -6.29
C LEU A 38 28.82 -58.14 -6.21
N ASN A 39 28.20 -57.06 -6.67
CA ASN A 39 26.74 -56.93 -6.55
C ASN A 39 26.11 -58.09 -7.31
N ALA A 40 26.64 -58.40 -8.49
CA ALA A 40 26.01 -59.43 -9.31
C ALA A 40 26.06 -60.77 -8.58
N SER A 41 27.17 -61.06 -7.94
CA SER A 41 27.29 -62.36 -7.26
C SER A 41 26.23 -62.38 -6.18
N LYS A 42 26.10 -61.27 -5.48
CA LYS A 42 25.03 -61.16 -4.45
C LYS A 42 23.72 -61.38 -5.18
N ILE A 43 23.38 -60.46 -6.09
CA ILE A 43 22.09 -60.64 -6.76
C ILE A 43 21.92 -62.06 -7.28
N ASP A 44 22.98 -62.63 -7.87
CA ASP A 44 22.85 -63.99 -8.39
C ASP A 44 22.44 -64.99 -7.31
N ASP A 45 23.04 -64.87 -6.13
CA ASP A 45 22.71 -65.80 -5.05
C ASP A 45 21.29 -65.60 -4.56
N ILE A 46 20.84 -64.34 -4.49
CA ILE A 46 19.48 -64.04 -3.95
C ILE A 46 18.46 -64.51 -4.97
N ASP A 47 18.76 -64.30 -6.24
CA ASP A 47 17.83 -64.77 -7.29
C ASP A 47 17.77 -66.30 -7.20
N SER A 48 18.92 -66.92 -6.97
CA SER A 48 18.96 -68.40 -6.88
C SER A 48 18.10 -68.80 -5.70
N MET A 49 18.18 -68.03 -4.63
CA MET A 49 17.37 -68.31 -3.44
C MET A 49 15.90 -68.20 -3.81
N MET A 50 15.55 -67.23 -4.65
CA MET A 50 14.11 -67.00 -4.95
C MET A 50 13.65 -67.80 -6.15
N GLY A 51 14.45 -68.72 -6.66
CA GLY A 51 13.94 -69.63 -7.70
C GLY A 51 14.33 -69.24 -9.09
N PHE A 52 15.18 -68.23 -9.23
CA PHE A 52 15.65 -67.92 -10.59
C PHE A 52 17.13 -68.28 -10.64
N GLU A 53 17.45 -69.31 -11.43
CA GLU A 53 18.86 -69.74 -11.55
C GLU A 53 19.18 -69.69 -13.03
N ARG A 54 20.41 -69.36 -13.38
CA ARG A 54 20.69 -69.18 -14.82
C ARG A 54 20.35 -70.46 -15.54
N TYR A 55 19.58 -70.36 -16.61
CA TYR A 55 19.30 -71.55 -17.44
C TYR A 55 20.11 -71.40 -18.70
N VAL A 56 21.06 -72.29 -18.86
CA VAL A 56 21.84 -72.30 -20.11
C VAL A 56 21.20 -73.34 -21.02
N PRO A 57 20.65 -72.95 -22.17
CA PRO A 57 19.92 -73.90 -22.99
C PRO A 57 20.87 -74.89 -23.65
N PRO A 58 20.39 -76.09 -23.99
CA PRO A 58 21.24 -77.03 -24.71
C PRO A 58 21.71 -76.45 -26.03
N GLN A 59 22.80 -77.03 -26.54
CA GLN A 59 23.40 -76.56 -27.78
C GLN A 59 22.73 -77.26 -28.96
N TYR A 60 22.48 -76.50 -30.02
CA TYR A 60 21.78 -76.98 -31.21
C TYR A 60 22.60 -76.67 -32.44
N ASN A 61 22.88 -77.68 -33.24
CA ASN A 61 23.49 -77.53 -34.55
C ASN A 61 22.45 -77.80 -35.65
N GLY A 62 21.20 -77.36 -35.41
CA GLY A 62 20.16 -77.43 -36.41
C GLY A 62 19.52 -76.07 -36.63
N ARG A 63 18.86 -75.93 -37.79
CA ARG A 63 18.60 -74.62 -38.38
C ARG A 63 17.79 -73.72 -37.46
N PHE A 64 18.21 -72.45 -37.39
CA PHE A 64 17.57 -71.49 -36.49
C PHE A 64 16.48 -70.73 -37.25
N ASP A 65 15.32 -71.37 -37.44
CA ASP A 65 14.14 -70.59 -37.82
C ASP A 65 13.10 -70.64 -36.71
N ALA A 66 12.38 -69.53 -36.57
CA ALA A 66 11.32 -69.39 -35.58
C ALA A 66 10.18 -70.39 -35.81
N LYS A 67 10.03 -70.88 -37.04
CA LYS A 67 8.93 -71.76 -37.41
C LYS A 67 9.17 -73.22 -37.04
N ASP A 68 10.34 -73.56 -36.49
CA ASP A 68 10.61 -74.89 -35.98
C ASP A 68 10.69 -74.94 -34.46
N ILE A 69 10.22 -73.89 -33.78
CA ILE A 69 10.46 -73.63 -32.36
C ILE A 69 10.29 -74.88 -31.49
N ASP A 70 9.36 -75.76 -31.87
CA ASP A 70 9.15 -76.98 -31.10
C ASP A 70 10.37 -77.89 -31.15
N GLN A 71 11.12 -77.88 -32.25
CA GLN A 71 12.25 -78.79 -32.41
C GLN A 71 13.51 -78.28 -31.70
N ILE A 72 13.76 -76.98 -31.76
CA ILE A 72 15.02 -76.45 -31.20
C ILE A 72 15.05 -76.70 -29.69
N PRO A 73 16.11 -77.29 -29.15
CA PRO A 73 16.18 -77.48 -27.70
C PRO A 73 16.22 -76.14 -26.97
N GLY A 74 15.60 -76.11 -25.81
CA GLY A 74 15.51 -74.89 -25.04
C GLY A 74 14.36 -74.94 -24.06
N ARG A 75 14.23 -73.86 -23.30
CA ARG A 75 13.20 -73.73 -22.28
C ARG A 75 12.33 -72.53 -22.62
N VAL A 76 11.03 -72.76 -22.66
CA VAL A 76 10.03 -71.74 -22.91
C VAL A 76 9.52 -71.16 -21.59
N GLY A 77 9.39 -69.83 -21.54
CA GLY A 77 8.93 -69.16 -20.34
C GLY A 77 8.32 -67.81 -20.64
N TRP A 78 7.61 -67.29 -19.64
CA TRP A 78 6.98 -65.97 -19.72
C TRP A 78 7.90 -64.95 -19.07
N LEU A 79 8.32 -63.94 -19.85
CA LEU A 79 9.32 -62.98 -19.39
C LEU A 79 8.66 -61.95 -18.49
N THR A 80 9.13 -61.85 -17.24
CA THR A 80 8.51 -61.01 -16.24
C THR A 80 9.38 -59.85 -15.78
N ASN A 81 10.68 -59.86 -16.08
CA ASN A 81 11.57 -58.85 -15.54
C ASN A 81 12.91 -58.91 -16.29
N MET A 82 13.68 -57.84 -16.17
CA MET A 82 14.99 -57.78 -16.82
C MET A 82 15.83 -56.69 -16.18
N HIS A 83 17.11 -57.00 -15.93
CA HIS A 83 18.03 -56.06 -15.31
C HIS A 83 19.42 -56.20 -15.92
N ALA A 84 20.12 -55.07 -16.02
CA ALA A 84 21.50 -55.09 -16.46
C ALA A 84 22.39 -55.70 -15.39
N THR A 85 23.40 -56.45 -15.83
CA THR A 85 24.32 -57.09 -14.91
C THR A 85 25.70 -57.12 -15.56
N LEU A 86 26.71 -57.38 -14.74
CA LEU A 86 28.00 -57.87 -15.22
C LEU A 86 28.13 -59.36 -14.97
N VAL A 87 28.97 -59.99 -15.78
CA VAL A 87 29.15 -61.43 -15.79
C VAL A 87 30.62 -61.75 -16.03
N SER A 88 31.20 -62.52 -15.12
CA SER A 88 32.50 -63.11 -15.35
C SER A 88 32.33 -64.35 -16.23
N GLN A 89 33.24 -64.50 -17.19
CA GLN A 89 33.13 -65.56 -18.18
C GLN A 89 32.84 -66.91 -17.54
N GLU A 90 31.98 -67.69 -18.20
CA GLU A 90 31.45 -68.98 -17.72
C GLU A 90 32.35 -69.72 -16.72
N GLN A 112 38.29 -57.92 -16.42
CA GLN A 112 37.11 -57.06 -16.44
C GLN A 112 35.83 -57.88 -16.59
N GLY A 113 34.74 -57.36 -16.05
CA GLY A 113 33.45 -57.98 -16.23
C GLY A 113 32.86 -57.71 -17.60
N ILE A 114 31.87 -58.50 -17.97
CA ILE A 114 31.21 -58.41 -19.27
C ILE A 114 29.78 -57.93 -19.04
N SER A 115 29.35 -56.98 -19.87
CA SER A 115 27.99 -56.46 -19.76
C SER A 115 26.98 -57.41 -20.39
N GLY A 116 25.81 -57.50 -19.75
CA GLY A 116 24.74 -58.34 -20.25
C GLY A 116 23.46 -58.00 -19.51
N VAL A 117 22.39 -58.68 -19.89
CA VAL A 117 21.07 -58.49 -19.29
C VAL A 117 20.56 -59.82 -18.77
N ASP A 118 20.19 -59.85 -17.49
CA ASP A 118 19.47 -60.98 -16.93
C ASP A 118 17.99 -60.86 -17.28
N PHE A 119 17.39 -61.97 -17.70
CA PHE A 119 15.97 -62.02 -18.03
C PHE A 119 15.29 -63.05 -17.15
N TYR A 120 14.20 -62.64 -16.51
CA TYR A 120 13.53 -63.44 -15.50
C TYR A 120 12.23 -64.01 -16.05
N PHE A 121 12.07 -65.32 -15.96
CA PHE A 121 11.00 -66.04 -16.65
C PHE A 121 10.17 -66.86 -15.68
N LEU A 122 8.89 -67.00 -16.00
CA LEU A 122 8.03 -68.02 -15.42
C LEU A 122 7.78 -69.07 -16.48
N ASP A 123 8.03 -70.33 -16.15
CA ASP A 123 7.95 -71.39 -17.14
C ASP A 123 6.53 -71.97 -17.22
N GLU A 124 6.33 -72.82 -18.23
CA GLU A 124 5.02 -73.44 -18.42
C GLU A 124 4.67 -74.43 -17.31
N GLU A 125 5.66 -74.97 -16.61
CA GLU A 125 5.44 -76.04 -15.64
C GLU A 125 5.36 -75.53 -14.20
N GLY A 126 5.03 -74.25 -14.01
CA GLY A 126 4.82 -73.71 -12.68
C GLY A 126 6.06 -73.24 -11.95
N GLY A 127 7.23 -73.31 -12.56
CA GLY A 127 8.47 -72.89 -11.94
C GLY A 127 8.97 -71.57 -12.48
N SER A 128 10.26 -71.33 -12.28
CA SER A 128 10.86 -70.08 -12.73
C SER A 128 12.36 -70.29 -12.98
N PHE A 129 12.93 -69.38 -13.75
CA PHE A 129 14.34 -69.41 -14.13
C PHE A 129 14.72 -68.06 -14.71
N LYS A 130 16.02 -67.83 -14.83
CA LYS A 130 16.56 -66.67 -15.52
C LYS A 130 17.50 -67.12 -16.63
N SER A 131 17.71 -66.25 -17.60
CA SER A 131 18.68 -66.49 -18.67
C SER A 131 19.30 -65.16 -19.05
N THR A 132 20.55 -65.22 -19.48
CA THR A 132 21.36 -64.02 -19.69
C THR A 132 21.74 -63.87 -21.15
N VAL A 133 21.75 -62.62 -21.61
CA VAL A 133 22.16 -62.27 -22.96
C VAL A 133 23.32 -61.29 -22.84
N VAL A 134 24.47 -61.65 -23.40
CA VAL A 134 25.59 -60.73 -23.49
C VAL A 134 25.44 -59.92 -24.77
N TYR A 135 26.00 -58.71 -24.77
CA TYR A 135 25.88 -57.80 -25.91
C TYR A 135 26.81 -56.62 -25.71
N ASP A 136 27.76 -56.43 -26.62
CA ASP A 136 28.76 -55.39 -26.46
C ASP A 136 28.13 -54.01 -26.54
N PRO A 137 28.25 -53.17 -25.52
CA PRO A 137 27.75 -51.80 -25.61
C PRO A 137 28.54 -51.01 -26.63
N TYR A 138 27.90 -50.00 -27.19
CA TYR A 138 28.47 -49.32 -28.34
C TYR A 138 27.86 -47.93 -28.50
N PHE A 139 28.66 -47.01 -29.04
CA PHE A 139 28.14 -45.75 -29.58
C PHE A 139 28.93 -45.41 -30.84
N PHE A 140 28.59 -44.29 -31.46
CA PHE A 140 29.10 -43.96 -32.78
C PHE A 140 29.90 -42.67 -32.75
N ILE A 141 30.90 -42.58 -33.63
CA ILE A 141 31.64 -41.35 -33.87
C ILE A 141 31.21 -40.82 -35.23
N ALA A 142 30.74 -39.57 -35.24
CA ALA A 142 30.37 -38.91 -36.48
C ALA A 142 31.56 -38.12 -37.01
N CYS A 143 31.66 -38.07 -38.34
CA CYS A 143 32.78 -37.42 -39.01
C CYS A 143 32.27 -36.33 -39.96
N ASN A 144 33.00 -35.22 -40.00
CA ASN A 144 32.71 -34.12 -40.91
C ASN A 144 33.47 -34.26 -42.23
N ASP A 145 34.06 -35.42 -42.50
CA ASP A 145 34.82 -35.64 -43.74
C ASP A 145 34.82 -37.15 -44.00
N GLU A 146 33.82 -37.60 -44.76
CA GLU A 146 33.60 -39.03 -44.94
C GLU A 146 34.59 -39.67 -45.91
N SER A 147 35.49 -38.90 -46.51
CA SER A 147 36.59 -39.47 -47.25
C SER A 147 37.72 -39.94 -46.33
N ARG A 148 37.80 -39.38 -45.11
CA ARG A 148 38.88 -39.69 -44.18
C ARG A 148 38.40 -40.41 -42.93
N VAL A 149 37.24 -41.07 -42.99
CA VAL A 149 36.82 -41.95 -41.90
C VAL A 149 37.94 -42.90 -41.53
N ASN A 150 38.66 -43.37 -42.54
CA ASN A 150 39.82 -44.24 -42.37
C ASN A 150 40.79 -43.69 -41.34
N ASP A 151 41.14 -42.41 -41.45
CA ASP A 151 42.21 -41.85 -40.63
C ASP A 151 41.78 -41.72 -39.17
N VAL A 152 40.58 -41.16 -38.93
CA VAL A 152 40.09 -41.08 -37.56
C VAL A 152 39.88 -42.48 -37.01
N GLU A 153 39.56 -43.44 -37.88
CA GLU A 153 39.47 -44.83 -37.47
C GLU A 153 40.78 -45.31 -36.87
N GLU A 154 41.88 -45.14 -37.60
CA GLU A 154 43.19 -45.53 -37.10
C GLU A 154 43.63 -44.70 -35.91
N LEU A 155 43.05 -43.51 -35.74
CA LEU A 155 43.42 -42.65 -34.63
C LEU A 155 42.75 -43.08 -33.33
N VAL A 156 41.45 -43.38 -33.38
CA VAL A 156 40.75 -43.74 -32.15
C VAL A 156 41.15 -45.13 -31.71
N LYS A 157 41.57 -45.95 -32.68
CA LYS A 157 42.07 -47.30 -32.40
C LYS A 157 43.22 -47.25 -31.40
N LYS A 158 44.24 -46.42 -31.67
CA LYS A 158 45.35 -46.23 -30.74
C LYS A 158 44.92 -45.47 -29.49
N TYR A 159 44.27 -44.31 -29.66
CA TYR A 159 43.99 -43.43 -28.54
C TYR A 159 43.09 -44.08 -27.48
N LEU A 160 42.17 -44.94 -27.91
CA LEU A 160 41.25 -45.61 -26.99
C LEU A 160 41.59 -47.08 -26.78
N GLU A 161 42.88 -47.44 -26.88
CA GLU A 161 43.25 -48.85 -26.74
C GLU A 161 42.93 -49.39 -25.36
N SER A 162 42.94 -48.53 -24.34
CA SER A 162 42.72 -48.99 -22.98
C SER A 162 41.31 -49.55 -22.79
N CYS A 163 40.31 -48.93 -23.42
CA CYS A 163 38.91 -49.26 -23.18
C CYS A 163 38.18 -49.86 -24.38
N LEU A 164 38.74 -49.73 -25.58
CA LEU A 164 38.05 -50.18 -26.79
C LEU A 164 38.18 -51.70 -26.91
N LYS A 165 37.09 -52.36 -27.32
CA LYS A 165 37.16 -53.79 -27.64
C LYS A 165 37.24 -54.06 -29.14
N SER A 166 36.27 -53.56 -29.91
CA SER A 166 36.25 -53.75 -31.35
C SER A 166 35.69 -52.50 -32.02
N LEU A 167 35.93 -52.40 -33.32
CA LEU A 167 35.59 -51.20 -34.07
C LEU A 167 35.13 -51.59 -35.46
N GLN A 168 34.29 -50.76 -36.06
CA GLN A 168 33.60 -51.16 -37.29
C GLN A 168 33.01 -49.93 -37.98
N ILE A 169 33.04 -49.95 -39.31
CA ILE A 169 32.46 -48.88 -40.12
C ILE A 169 31.05 -49.29 -40.50
N ILE A 170 30.07 -48.45 -40.15
CA ILE A 170 28.66 -48.71 -40.43
C ILE A 170 28.08 -47.56 -41.24
N ARG A 171 26.77 -47.60 -41.49
CA ARG A 171 26.07 -46.47 -42.07
C ARG A 171 24.62 -46.48 -41.61
N LYS A 172 24.08 -45.30 -41.33
CA LYS A 172 22.70 -45.14 -40.94
C LYS A 172 22.10 -43.95 -41.69
N GLU A 173 20.78 -43.84 -41.63
CA GLU A 173 20.07 -42.72 -42.24
C GLU A 173 20.05 -41.55 -41.26
N ASP A 174 20.38 -40.36 -41.77
CA ASP A 174 20.41 -39.13 -40.98
C ASP A 174 19.41 -38.16 -41.59
N LEU A 175 18.34 -37.85 -40.85
CA LEU A 175 17.29 -37.01 -41.39
C LEU A 175 17.71 -35.54 -41.50
N THR A 176 18.93 -35.27 -41.03
CA THR A 176 19.47 -33.90 -41.07
C THR A 176 20.50 -33.81 -42.19
N MET A 177 20.49 -34.78 -43.12
CA MET A 177 21.51 -34.82 -44.19
C MET A 177 20.81 -34.70 -45.53
N ASP A 178 21.34 -33.86 -46.41
CA ASP A 178 20.74 -33.67 -47.75
C ASP A 178 20.81 -34.97 -48.53
N ASN A 179 19.75 -35.26 -49.29
CA ASN A 179 19.74 -36.44 -50.19
C ASN A 179 19.55 -37.75 -49.39
N HIS A 180 19.08 -37.65 -48.15
CA HIS A 180 18.82 -38.87 -47.41
C HIS A 180 17.57 -39.57 -47.93
N LEU A 181 16.63 -38.81 -48.50
CA LEU A 181 15.42 -39.38 -49.06
C LEU A 181 15.66 -40.12 -50.37
N LEU A 182 16.85 -39.96 -50.96
CA LEU A 182 17.23 -40.70 -52.16
C LEU A 182 18.11 -41.90 -51.85
N GLY A 183 18.34 -42.20 -50.57
CA GLY A 183 19.11 -43.36 -50.16
C GLY A 183 20.49 -43.06 -49.63
N LEU A 184 20.96 -41.82 -49.73
CA LEU A 184 22.26 -41.47 -49.17
C LEU A 184 22.24 -41.63 -47.65
N GLN A 185 23.34 -42.14 -47.10
CA GLN A 185 23.41 -42.53 -45.71
C GLN A 185 24.67 -41.95 -45.08
N LYS A 186 24.62 -41.71 -43.77
CA LYS A 186 25.76 -41.19 -43.04
C LYS A 186 26.68 -42.32 -42.61
N THR A 187 27.98 -42.14 -42.86
CA THR A 187 28.99 -43.10 -42.43
C THR A 187 29.43 -42.79 -41.02
N LEU A 188 29.61 -43.83 -40.22
CA LEU A 188 29.80 -43.72 -38.79
C LEU A 188 30.78 -44.80 -38.35
N ILE A 189 31.50 -44.54 -37.27
CA ILE A 189 32.40 -45.52 -36.67
C ILE A 189 31.70 -46.09 -35.44
N LYS A 190 31.47 -47.40 -35.43
CA LYS A 190 30.80 -48.04 -34.32
C LYS A 190 31.86 -48.56 -33.35
N LEU A 191 32.01 -47.85 -32.22
CA LEU A 191 32.89 -48.29 -31.16
C LEU A 191 32.15 -49.27 -30.28
N SER A 192 32.75 -50.43 -30.01
CA SER A 192 32.15 -51.45 -29.18
C SER A 192 33.03 -51.74 -27.98
N PHE A 193 32.40 -52.14 -26.88
CA PHE A 193 33.10 -52.29 -25.61
C PHE A 193 32.71 -53.60 -24.94
N VAL A 194 33.54 -54.02 -23.98
CA VAL A 194 33.27 -55.24 -23.23
C VAL A 194 32.22 -55.00 -22.16
N ASN A 195 32.22 -53.81 -21.55
CA ASN A 195 31.23 -53.46 -20.54
C ASN A 195 30.98 -51.97 -20.58
N SER A 196 29.99 -51.54 -19.80
CA SER A 196 29.56 -50.15 -19.82
C SER A 196 30.52 -49.21 -19.10
N ASN A 197 31.33 -49.72 -18.18
CA ASN A 197 32.39 -48.90 -17.59
C ASN A 197 33.39 -48.48 -18.66
N GLN A 198 33.78 -49.41 -19.53
CA GLN A 198 34.70 -49.07 -20.62
C GLN A 198 34.08 -48.04 -21.55
N LEU A 199 32.77 -48.15 -21.81
CA LEU A 199 32.08 -47.18 -22.65
C LEU A 199 32.15 -45.79 -22.04
N PHE A 200 31.82 -45.67 -20.74
CA PHE A 200 31.93 -44.39 -20.07
C PHE A 200 33.36 -43.86 -20.12
N GLU A 201 34.34 -44.77 -20.02
CA GLU A 201 35.74 -44.37 -20.06
C GLU A 201 36.09 -43.71 -21.39
N ALA A 202 35.59 -44.27 -22.50
CA ALA A 202 35.87 -43.69 -23.80
C ALA A 202 35.24 -42.30 -23.94
N ARG A 203 34.02 -42.13 -23.41
CA ARG A 203 33.37 -40.81 -23.44
C ARG A 203 34.22 -39.77 -22.73
N LYS A 204 34.74 -40.16 -21.57
CA LYS A 204 35.66 -39.31 -20.82
C LYS A 204 36.90 -38.93 -21.61
N LEU A 205 37.35 -39.77 -22.53
CA LEU A 205 38.52 -39.48 -23.34
C LEU A 205 38.20 -38.69 -24.61
N LEU A 206 36.97 -38.79 -25.12
CA LEU A 206 36.61 -38.16 -26.37
C LEU A 206 36.18 -36.71 -26.19
N ARG A 207 35.41 -36.42 -25.13
CA ARG A 207 34.96 -35.05 -24.87
C ARG A 207 36.08 -34.02 -24.86
N PRO A 208 37.29 -34.29 -24.33
CA PRO A 208 38.39 -33.34 -24.52
C PRO A 208 38.62 -32.99 -25.98
N ILE A 209 38.77 -34.01 -26.81
CA ILE A 209 38.85 -33.80 -28.25
C ILE A 209 37.59 -33.08 -28.74
N LEU A 210 36.42 -33.57 -28.33
CA LEU A 210 35.19 -32.93 -28.75
C LEU A 210 35.15 -31.46 -28.31
N GLN A 211 35.76 -31.15 -27.17
CA GLN A 211 35.63 -29.79 -26.65
C GLN A 211 36.70 -28.83 -27.14
N ASP A 212 37.92 -29.28 -27.47
CA ASP A 212 38.78 -28.27 -28.09
C ASP A 212 38.47 -28.09 -29.56
N ASN A 213 38.01 -29.13 -30.27
CA ASN A 213 37.61 -28.92 -31.66
C ASN A 213 36.66 -27.74 -31.79
N ALA A 214 35.78 -27.57 -30.80
CA ALA A 214 34.91 -26.39 -30.77
C ALA A 214 35.69 -25.11 -30.48
N ASN A 215 36.77 -25.19 -29.71
CA ASN A 215 37.58 -24.02 -29.42
C ASN A 215 38.55 -23.74 -30.57
N ASN A 216 38.98 -22.49 -30.68
CA ASN A 216 39.85 -22.07 -31.81
C ASN A 216 41.23 -22.72 -31.74
N ASN A 217 41.68 -23.32 -32.84
CA ASN A 217 43.02 -23.97 -32.87
C ASN A 217 44.09 -22.89 -32.87
N VAL A 218 45.19 -23.11 -32.16
CA VAL A 218 46.23 -22.05 -32.01
C VAL A 218 47.43 -22.38 -32.90
N GLN A 219 47.60 -21.67 -34.02
CA GLN A 219 48.74 -21.93 -34.94
C GLN A 219 49.84 -20.90 -34.68
N ARG A 220 51.00 -21.36 -34.23
CA ARG A 220 52.15 -20.49 -33.92
C ARG A 220 52.73 -19.85 -35.18
N ASN A 221 52.86 -20.60 -36.27
CA ASN A 221 53.45 -19.94 -37.46
C ASN A 221 52.38 -19.04 -38.05
N ILE A 222 52.37 -17.78 -37.65
CA ILE A 222 51.29 -16.87 -38.10
C ILE A 222 51.42 -16.70 -39.60
N TYR A 223 52.53 -17.12 -40.17
CA TYR A 223 52.76 -16.86 -41.61
C TYR A 223 52.32 -18.07 -42.43
N ASN A 224 51.75 -19.07 -41.76
CA ASN A 224 51.26 -20.27 -42.47
C ASN A 224 49.74 -20.17 -42.69
N VAL A 225 49.28 -20.38 -43.92
CA VAL A 225 47.85 -20.40 -44.21
C VAL A 225 47.30 -21.82 -44.08
N VAL A 233 44.01 -31.27 -42.58
CA VAL A 233 43.61 -31.05 -41.20
C VAL A 233 43.94 -32.26 -40.34
N ASP A 234 44.15 -32.02 -39.04
CA ASP A 234 44.58 -33.07 -38.12
C ASP A 234 43.50 -34.13 -37.96
N ALA A 235 43.95 -35.35 -37.63
CA ALA A 235 43.06 -36.49 -37.52
C ALA A 235 42.03 -36.31 -36.40
N LYS A 236 42.37 -35.58 -35.36
CA LYS A 236 41.45 -35.39 -34.24
C LYS A 236 40.35 -34.40 -34.53
N HIS A 237 40.57 -33.50 -35.49
CA HIS A 237 39.57 -32.44 -35.71
C HIS A 237 38.45 -32.96 -36.59
N LEU A 238 38.58 -34.19 -37.07
CA LEU A 238 37.57 -34.73 -38.00
C LEU A 238 36.40 -35.32 -37.20
N ILE A 239 36.54 -35.36 -35.87
CA ILE A 239 35.47 -35.91 -35.00
C ILE A 239 34.46 -34.79 -34.76
N GLU A 240 33.31 -34.87 -35.42
CA GLU A 240 32.27 -33.83 -35.31
C GLU A 240 31.52 -34.03 -34.02
N ASP A 241 31.17 -35.28 -33.73
CA ASP A 241 30.37 -35.52 -32.54
C ASP A 241 30.34 -37.02 -32.30
N ILE A 242 29.92 -37.40 -31.09
CA ILE A 242 29.56 -38.78 -30.80
C ILE A 242 28.05 -38.87 -30.73
N ARG A 243 27.54 -40.09 -30.90
CA ARG A 243 26.12 -40.30 -31.12
C ARG A 243 25.68 -41.59 -30.43
N GLU A 244 24.44 -41.58 -29.92
CA GLU A 244 23.83 -42.73 -29.25
C GLU A 244 24.70 -43.22 -28.09
N TYR A 245 25.34 -42.27 -27.41
CA TYR A 245 26.23 -42.54 -26.28
C TYR A 245 25.51 -42.60 -24.94
N ASP A 246 24.25 -42.16 -24.88
CA ASP A 246 23.52 -42.02 -23.63
C ASP A 246 22.24 -42.86 -23.64
N VAL A 247 22.31 -44.02 -24.26
CA VAL A 247 21.20 -44.98 -24.25
C VAL A 247 21.40 -45.90 -23.06
N PRO A 248 20.43 -46.02 -22.15
CA PRO A 248 20.56 -47.01 -21.07
C PRO A 248 20.82 -48.39 -21.65
N TYR A 249 21.78 -49.10 -21.06
CA TYR A 249 22.27 -50.33 -21.67
C TYR A 249 21.16 -51.35 -21.87
N HIS A 250 20.35 -51.59 -20.83
CA HIS A 250 19.32 -52.61 -20.95
C HIS A 250 18.26 -52.22 -21.98
N VAL A 251 18.01 -50.92 -22.15
CA VAL A 251 17.14 -50.48 -23.23
C VAL A 251 17.77 -50.80 -24.58
N ARG A 252 19.07 -50.59 -24.71
CA ARG A 252 19.77 -50.90 -25.95
C ARG A 252 19.65 -52.37 -26.29
N VAL A 253 19.95 -53.25 -25.34
CA VAL A 253 19.77 -54.69 -25.57
C VAL A 253 18.32 -54.99 -25.91
N SER A 254 17.38 -54.38 -25.18
CA SER A 254 15.96 -54.65 -25.40
C SER A 254 15.53 -54.22 -26.80
N ILE A 255 16.10 -53.14 -27.32
CA ILE A 255 15.71 -52.65 -28.64
C ILE A 255 16.37 -53.47 -29.74
N ASP A 256 17.70 -53.59 -29.69
CA ASP A 256 18.44 -54.29 -30.72
C ASP A 256 18.01 -55.76 -30.84
N LYS A 257 17.47 -56.33 -29.77
CA LYS A 257 17.12 -57.75 -29.74
C LYS A 257 15.62 -58.00 -29.82
N ASP A 258 14.81 -56.94 -29.87
CA ASP A 258 13.35 -57.05 -29.92
C ASP A 258 12.79 -57.97 -28.84
N ILE A 259 13.31 -57.81 -27.63
CA ILE A 259 12.79 -58.52 -26.47
C ILE A 259 11.91 -57.57 -25.67
N ARG A 260 10.80 -58.11 -25.14
CA ARG A 260 9.86 -57.31 -24.36
C ARG A 260 9.34 -58.14 -23.20
N VAL A 261 9.18 -57.49 -22.05
CA VAL A 261 8.52 -58.11 -20.92
C VAL A 261 7.04 -58.26 -21.23
N GLY A 262 6.46 -59.38 -20.80
CA GLY A 262 5.08 -59.71 -21.12
C GLY A 262 4.90 -60.69 -22.26
N LYS A 263 5.91 -60.83 -23.12
CA LYS A 263 5.85 -61.78 -24.22
C LYS A 263 6.44 -63.13 -23.79
N TRP A 264 6.04 -64.18 -24.51
CA TRP A 264 6.61 -65.51 -24.32
C TRP A 264 7.77 -65.74 -25.27
N TYR A 265 8.83 -66.35 -24.76
CA TYR A 265 9.96 -66.73 -25.59
C TYR A 265 10.37 -68.16 -25.27
N LYS A 266 11.18 -68.73 -26.16
CA LYS A 266 11.90 -69.96 -25.87
C LYS A 266 13.39 -69.63 -25.91
N VAL A 267 14.05 -69.81 -24.77
CA VAL A 267 15.47 -69.51 -24.67
C VAL A 267 16.26 -70.65 -25.30
N THR A 268 17.00 -70.36 -26.37
CA THR A 268 17.75 -71.34 -27.12
C THR A 268 19.18 -70.86 -27.27
N GLN A 269 20.05 -71.73 -27.84
CA GLN A 269 21.46 -71.39 -27.94
C GLN A 269 21.68 -70.15 -28.81
N GLN A 270 20.96 -70.05 -29.92
CA GLN A 270 21.17 -68.90 -30.80
C GLN A 270 20.38 -67.67 -30.37
N GLY A 271 19.53 -67.76 -29.34
CA GLY A 271 18.90 -66.58 -28.79
C GLY A 271 17.48 -66.87 -28.34
N PHE A 272 16.69 -65.80 -28.25
CA PHE A 272 15.32 -65.84 -27.79
C PHE A 272 14.37 -65.87 -28.97
N ILE A 273 13.49 -66.86 -29.02
CA ILE A 273 12.50 -66.96 -30.09
C ILE A 273 11.12 -66.72 -29.46
N GLU A 274 10.45 -65.67 -29.92
CA GLU A 274 9.10 -65.38 -29.41
C GLU A 274 8.15 -66.48 -29.83
N ASP A 275 7.42 -67.04 -28.86
CA ASP A 275 6.38 -68.02 -29.13
C ASP A 275 5.07 -67.28 -29.32
N THR A 276 4.80 -66.89 -30.57
CA THR A 276 3.58 -66.19 -30.93
C THR A 276 2.31 -67.00 -30.69
N ARG A 277 2.43 -68.27 -30.30
CA ARG A 277 1.29 -69.16 -30.15
C ARG A 277 0.63 -69.06 -28.77
N LYS A 278 1.16 -68.26 -27.86
CA LYS A 278 0.66 -68.18 -26.50
C LYS A 278 -0.11 -66.87 -26.31
N ILE A 279 0.64 -65.77 -26.24
CA ILE A 279 0.03 -64.41 -26.11
C ILE A 279 -0.57 -64.23 -24.72
N ALA A 280 -1.41 -65.15 -24.23
CA ALA A 280 -2.06 -64.95 -22.92
C ALA A 280 -1.00 -64.90 -21.83
N PHE A 281 -1.11 -63.95 -20.92
CA PHE A 281 -0.03 -63.77 -19.91
C PHE A 281 -0.06 -64.88 -18.87
N ALA A 282 1.10 -65.18 -18.33
CA ALA A 282 1.17 -66.14 -17.23
C ALA A 282 0.66 -65.45 -15.99
N ASP A 283 0.32 -66.23 -14.97
CA ASP A 283 -0.19 -65.64 -13.73
C ASP A 283 0.94 -65.65 -12.72
N PRO A 284 1.48 -64.48 -12.36
CA PRO A 284 2.58 -64.42 -11.44
C PRO A 284 2.10 -64.42 -9.98
N VAL A 285 3.00 -64.73 -9.06
CA VAL A 285 2.64 -64.67 -7.65
C VAL A 285 2.69 -63.22 -7.18
N VAL A 286 1.56 -62.68 -6.74
CA VAL A 286 1.42 -61.27 -6.47
C VAL A 286 1.16 -61.05 -4.97
N MET A 287 1.95 -60.17 -4.36
CA MET A 287 1.82 -59.77 -2.97
C MET A 287 1.54 -58.27 -2.89
N ALA A 288 0.73 -57.90 -1.91
CA ALA A 288 0.51 -56.47 -1.64
C ALA A 288 0.48 -56.33 -0.12
N PHE A 289 1.14 -55.32 0.44
CA PHE A 289 1.23 -55.23 1.91
C PHE A 289 1.03 -53.81 2.41
N ASP A 290 0.53 -53.66 3.63
CA ASP A 290 0.44 -52.32 4.25
C ASP A 290 1.02 -52.43 5.65
N ILE A 291 1.72 -51.40 6.08
CA ILE A 291 2.29 -51.38 7.43
C ILE A 291 1.65 -50.23 8.17
N GLU A 292 1.21 -50.46 9.41
CA GLU A 292 0.68 -49.35 10.22
C GLU A 292 1.60 -49.22 11.43
N THR A 293 2.00 -48.00 11.76
CA THR A 293 3.00 -47.83 12.83
C THR A 293 2.52 -46.90 13.93
N THR A 294 3.29 -46.82 15.02
CA THR A 294 2.99 -45.93 16.13
C THR A 294 3.33 -44.49 15.76
N LYS A 295 2.67 -43.57 16.44
CA LYS A 295 2.73 -42.19 16.01
C LYS A 295 2.69 -41.25 17.19
N PRO A 296 3.67 -40.38 17.31
CA PRO A 296 3.58 -39.27 18.30
C PRO A 296 2.30 -38.50 18.06
N PRO A 297 1.58 -38.12 19.10
CA PRO A 297 0.35 -37.35 18.90
C PRO A 297 0.59 -36.10 18.07
N LEU A 298 -0.28 -35.86 17.08
CA LEU A 298 -0.21 -34.67 16.25
C LEU A 298 1.11 -34.58 15.50
N LYS A 299 1.66 -35.73 15.10
CA LYS A 299 3.02 -35.77 14.57
C LYS A 299 3.14 -36.86 13.52
N PHE A 300 4.35 -36.91 12.86
CA PHE A 300 4.65 -37.90 11.84
C PHE A 300 5.40 -39.08 12.45
N PRO A 301 5.19 -40.28 11.91
CA PRO A 301 5.97 -41.44 12.38
C PRO A 301 7.46 -41.22 12.14
N ASP A 302 8.27 -41.70 13.08
CA ASP A 302 9.73 -41.61 12.99
C ASP A 302 10.28 -43.03 13.06
N SER A 303 10.87 -43.50 11.96
CA SER A 303 11.46 -44.83 11.91
C SER A 303 12.64 -45.00 12.85
N ALA A 304 13.09 -43.91 13.49
CA ALA A 304 14.14 -44.05 14.50
C ALA A 304 13.55 -44.44 15.85
N VAL A 305 12.44 -43.81 16.24
CA VAL A 305 11.85 -44.03 17.56
C VAL A 305 10.71 -45.05 17.47
N ASP A 306 9.75 -44.79 16.60
CA ASP A 306 8.51 -45.56 16.59
C ASP A 306 8.72 -46.95 15.97
N GLN A 307 7.85 -47.88 16.35
CA GLN A 307 7.87 -49.25 15.87
C GLN A 307 6.69 -49.53 14.94
N ILE A 308 6.85 -50.57 14.13
CA ILE A 308 5.72 -51.09 13.37
C ILE A 308 4.77 -51.79 14.32
N MET A 309 3.49 -51.38 14.30
CA MET A 309 2.51 -52.15 15.05
C MET A 309 2.19 -53.45 14.34
N MET A 310 1.94 -53.40 13.03
CA MET A 310 1.32 -54.53 12.37
C MET A 310 1.46 -54.37 10.87
N ILE A 311 1.58 -55.50 10.19
CA ILE A 311 1.76 -55.52 8.74
C ILE A 311 0.70 -56.43 8.13
N SER A 312 -0.11 -55.86 7.23
CA SER A 312 -1.16 -56.59 6.54
C SER A 312 -0.80 -56.78 5.08
N TYR A 313 -1.10 -57.95 4.54
CA TYR A 313 -0.77 -58.22 3.16
C TYR A 313 -1.72 -59.27 2.59
N MET A 314 -1.55 -59.55 1.30
CA MET A 314 -2.40 -60.47 0.58
C MET A 314 -1.60 -61.07 -0.56
N ILE A 315 -1.81 -62.37 -0.79
CA ILE A 315 -1.01 -63.15 -1.72
C ILE A 315 -1.96 -63.97 -2.59
N ASP A 316 -2.15 -63.54 -3.83
CA ASP A 316 -2.97 -64.24 -4.81
C ASP A 316 -4.40 -64.46 -4.30
N GLY A 317 -4.91 -63.50 -3.53
CA GLY A 317 -6.27 -63.55 -3.02
C GLY A 317 -6.39 -63.96 -1.56
N GLU A 318 -5.34 -64.52 -0.97
CA GLU A 318 -5.36 -64.98 0.41
C GLU A 318 -4.74 -63.92 1.31
N GLY A 319 -5.46 -63.57 2.38
CA GLY A 319 -5.04 -62.50 3.27
C GLY A 319 -4.29 -62.99 4.50
N PHE A 320 -3.42 -62.14 5.01
CA PHE A 320 -2.66 -62.44 6.22
C PHE A 320 -2.50 -61.18 7.04
N LEU A 321 -2.06 -61.36 8.29
CA LEU A 321 -1.97 -60.22 9.20
C LEU A 321 -0.98 -60.54 10.31
N ILE A 322 0.16 -59.84 10.32
CA ILE A 322 1.12 -59.93 11.42
C ILE A 322 0.80 -58.85 12.43
N THR A 323 0.95 -59.17 13.71
CA THR A 323 0.84 -58.19 14.80
C THR A 323 1.95 -58.38 15.82
N ASN A 324 2.50 -57.24 16.26
CA ASN A 324 3.43 -57.18 17.38
C ASN A 324 2.62 -57.08 18.66
N ARG A 325 2.63 -58.15 19.46
CA ARG A 325 1.85 -58.16 20.68
C ARG A 325 2.33 -57.15 21.71
N GLU A 326 3.58 -56.70 21.62
CA GLU A 326 4.08 -55.70 22.58
C GLU A 326 3.34 -54.38 22.44
N ILE A 327 2.91 -54.03 21.24
CA ILE A 327 2.10 -52.85 21.01
C ILE A 327 0.61 -53.19 20.94
N ILE A 328 0.27 -54.32 20.33
CA ILE A 328 -1.13 -54.62 20.02
C ILE A 328 -1.92 -55.01 21.26
N SER A 329 -1.26 -55.63 22.25
CA SER A 329 -1.82 -55.91 23.57
C SER A 329 -2.95 -56.95 23.57
N GLU A 330 -3.23 -57.59 22.45
CA GLU A 330 -4.23 -58.65 22.42
C GLU A 330 -3.97 -59.55 21.21
N ASP A 331 -3.93 -60.86 21.45
CA ASP A 331 -3.81 -61.79 20.32
C ASP A 331 -5.06 -61.57 19.48
N ILE A 332 -4.93 -61.61 18.15
CA ILE A 332 -6.10 -61.42 17.24
C ILE A 332 -6.36 -62.75 16.55
N GLU A 333 -7.57 -62.93 16.02
CA GLU A 333 -7.92 -64.26 15.45
C GLU A 333 -8.38 -64.12 14.01
N ASP A 334 -8.39 -65.23 13.28
CA ASP A 334 -8.73 -65.17 11.84
C ASP A 334 -10.09 -64.50 11.68
N PHE A 335 -10.20 -63.59 10.71
CA PHE A 335 -11.45 -62.84 10.47
C PHE A 335 -11.61 -62.58 8.98
N GLU A 336 -12.78 -62.06 8.57
CA GLU A 336 -13.04 -61.85 7.12
C GLU A 336 -13.49 -60.43 6.81
N TYR A 337 -12.86 -59.80 5.82
CA TYR A 337 -13.26 -58.49 5.30
C TYR A 337 -13.45 -58.65 3.79
N THR A 338 -14.71 -58.82 3.36
CA THR A 338 -15.05 -58.98 1.95
C THR A 338 -15.99 -57.83 1.56
N PRO A 339 -15.43 -56.67 1.20
CA PRO A 339 -16.29 -55.50 0.92
C PRO A 339 -17.34 -55.74 -0.14
N LYS A 340 -17.01 -56.48 -1.19
CA LYS A 340 -17.95 -56.88 -2.23
C LYS A 340 -17.65 -58.33 -2.58
N PRO A 341 -18.62 -59.05 -3.15
CA PRO A 341 -18.37 -60.47 -3.48
C PRO A 341 -17.11 -60.68 -4.30
N GLU A 342 -16.87 -59.83 -5.32
CA GLU A 342 -15.74 -60.02 -6.23
C GLU A 342 -14.39 -59.73 -5.58
N TYR A 343 -14.35 -59.35 -4.31
CA TYR A 343 -13.11 -59.09 -3.58
C TYR A 343 -13.06 -59.92 -2.31
N PRO A 344 -12.91 -61.24 -2.43
CA PRO A 344 -12.91 -62.09 -1.23
C PRO A 344 -11.69 -61.85 -0.37
N GLY A 345 -11.90 -61.80 0.94
CA GLY A 345 -10.83 -61.52 1.87
C GLY A 345 -10.84 -62.34 3.15
N PHE A 346 -10.23 -63.53 3.10
CA PHE A 346 -10.06 -64.37 4.28
C PHE A 346 -8.65 -64.15 4.82
N PHE A 347 -8.56 -63.63 6.03
CA PHE A 347 -7.27 -63.27 6.62
C PHE A 347 -6.91 -64.22 7.74
N THR A 348 -5.75 -64.86 7.62
CA THR A 348 -5.14 -65.64 8.69
C THR A 348 -4.12 -64.76 9.40
N ILE A 349 -4.00 -64.95 10.71
CA ILE A 349 -3.30 -63.98 11.54
C ILE A 349 -2.17 -64.66 12.32
N PHE A 350 -1.08 -63.93 12.45
CA PHE A 350 0.22 -64.46 12.84
C PHE A 350 0.69 -63.61 14.01
N ASN A 351 0.04 -63.76 15.15
CA ASN A 351 0.37 -62.96 16.31
C ASN A 351 1.78 -63.26 16.79
N GLU A 352 2.60 -62.22 16.87
CA GLU A 352 4.02 -62.38 17.16
C GLU A 352 4.36 -61.58 18.41
N ASN A 353 5.41 -62.02 19.08
CA ASN A 353 5.80 -61.35 20.33
C ASN A 353 6.48 -60.00 20.16
N ASP A 354 7.71 -60.02 19.67
CA ASP A 354 8.51 -58.78 19.52
C ASP A 354 8.43 -58.40 18.05
N GLU A 355 8.60 -57.11 17.74
CA GLU A 355 8.67 -56.66 16.33
C GLU A 355 9.68 -57.53 15.61
N VAL A 356 10.89 -57.58 16.14
CA VAL A 356 11.97 -58.33 15.44
C VAL A 356 11.37 -59.62 14.90
N ALA A 357 10.44 -60.23 15.63
CA ALA A 357 9.80 -61.44 15.13
C ALA A 357 8.76 -61.12 14.06
N LEU A 358 8.08 -59.98 14.19
CA LEU A 358 7.18 -59.52 13.13
C LEU A 358 7.93 -59.36 11.81
N LEU A 359 9.13 -58.77 11.86
CA LEU A 359 9.92 -58.60 10.64
C LEU A 359 10.37 -59.95 10.09
N GLN A 360 10.93 -60.81 10.96
CA GLN A 360 11.37 -62.13 10.51
C GLN A 360 10.22 -62.91 9.88
N ARG A 361 9.03 -62.83 10.48
CA ARG A 361 7.90 -63.60 9.98
C ARG A 361 7.42 -63.05 8.63
N PHE A 362 7.43 -61.73 8.47
CA PHE A 362 7.14 -61.13 7.17
C PHE A 362 8.19 -61.55 6.15
N PHE A 363 9.46 -61.47 6.52
CA PHE A 363 10.53 -61.91 5.63
C PHE A 363 10.41 -63.38 5.30
N GLU A 364 10.01 -64.20 6.29
CA GLU A 364 10.11 -65.64 6.10
C GLU A 364 9.15 -66.01 4.99
N HIS A 365 7.88 -65.65 5.20
CA HIS A 365 6.78 -65.84 4.27
C HIS A 365 7.22 -65.52 2.84
N ILE A 366 7.59 -64.26 2.60
CA ILE A 366 8.11 -63.81 1.31
C ILE A 366 9.03 -64.84 0.67
N ARG A 367 10.04 -65.29 1.42
CA ARG A 367 10.94 -66.32 0.89
C ARG A 367 10.16 -67.57 0.50
N ASP A 368 9.14 -67.88 1.26
CA ASP A 368 8.39 -69.12 0.95
C ASP A 368 7.53 -68.87 -0.29
N VAL A 369 6.83 -67.74 -0.32
CA VAL A 369 5.89 -67.43 -1.44
C VAL A 369 6.67 -67.24 -2.75
N ARG A 370 7.88 -66.68 -2.67
CA ARG A 370 8.67 -66.40 -3.90
C ARG A 370 7.89 -65.45 -4.81
N PRO A 371 7.50 -64.26 -4.31
CA PRO A 371 6.73 -63.30 -5.09
C PRO A 371 7.51 -62.66 -6.24
N THR A 372 6.85 -62.47 -7.39
CA THR A 372 7.49 -61.83 -8.56
C THR A 372 6.99 -60.39 -8.63
N VAL A 373 5.90 -60.07 -7.92
CA VAL A 373 5.39 -58.71 -7.85
C VAL A 373 5.00 -58.44 -6.41
N ILE A 374 5.47 -57.32 -5.87
CA ILE A 374 5.05 -56.83 -4.57
C ILE A 374 4.49 -55.44 -4.77
N SER A 375 3.20 -55.26 -4.49
CA SER A 375 2.53 -53.99 -4.65
C SER A 375 2.33 -53.32 -3.29
N THR A 376 2.43 -52.00 -3.28
CA THR A 376 2.17 -51.19 -2.09
C THR A 376 1.38 -49.96 -2.48
N PHE A 377 1.12 -49.11 -1.50
CA PHE A 377 0.46 -47.82 -1.70
C PHE A 377 1.35 -46.80 -1.00
N ASN A 378 2.17 -46.08 -1.78
CA ASN A 378 3.19 -45.19 -1.24
C ASN A 378 4.23 -45.95 -0.43
N GLY A 379 4.56 -47.17 -0.90
CA GLY A 379 5.57 -47.96 -0.23
C GLY A 379 6.99 -47.47 -0.45
N ASP A 380 7.23 -46.73 -1.52
CA ASP A 380 8.60 -46.29 -1.82
C ASP A 380 9.10 -45.24 -0.83
N PHE A 381 8.18 -44.50 -0.23
CA PHE A 381 8.64 -43.38 0.63
C PHE A 381 8.30 -43.58 2.09
N PHE A 382 7.46 -44.57 2.41
CA PHE A 382 7.24 -44.86 3.85
C PHE A 382 7.41 -46.30 4.30
N ASP A 383 6.54 -47.18 3.82
CA ASP A 383 6.56 -48.55 4.36
C ASP A 383 7.89 -49.22 4.10
N TRP A 384 8.39 -49.16 2.88
CA TRP A 384 9.63 -49.92 2.56
C TRP A 384 10.79 -49.33 3.35
N PRO A 385 10.95 -48.00 3.39
CA PRO A 385 12.03 -47.44 4.15
C PRO A 385 11.83 -47.82 5.62
N PHE A 386 10.66 -47.51 6.17
CA PHE A 386 10.43 -47.77 7.58
C PHE A 386 10.91 -49.16 7.98
N ILE A 387 10.45 -50.20 7.27
CA ILE A 387 10.86 -51.55 7.61
C ILE A 387 12.37 -51.73 7.46
N HIS A 388 13.03 -50.90 6.64
CA HIS A 388 14.48 -50.95 6.51
C HIS A 388 15.16 -50.46 7.78
N ASN A 389 14.85 -49.22 8.18
CA ASN A 389 15.42 -48.65 9.39
C ASN A 389 15.21 -49.57 10.58
N ARG A 390 14.01 -50.15 10.70
CA ARG A 390 13.72 -51.04 11.82
C ARG A 390 14.45 -52.36 11.70
N SER A 391 14.63 -52.86 10.47
CA SER A 391 15.47 -54.05 10.28
C SER A 391 16.91 -53.75 10.70
N LYS A 392 17.43 -52.58 10.29
CA LYS A 392 18.78 -52.20 10.68
C LYS A 392 18.91 -52.09 12.20
N ILE A 393 17.97 -51.39 12.84
CA ILE A 393 18.02 -51.19 14.29
C ILE A 393 17.99 -52.53 15.02
N HIS A 394 17.19 -53.48 14.53
CA HIS A 394 17.02 -54.76 15.19
C HIS A 394 17.99 -55.83 14.68
N GLY A 395 19.02 -55.44 13.94
CA GLY A 395 20.07 -56.38 13.57
C GLY A 395 19.78 -57.27 12.39
N LEU A 396 18.84 -56.89 11.52
CA LEU A 396 18.53 -57.65 10.32
C LEU A 396 18.93 -56.84 9.10
N ASP A 397 19.52 -57.52 8.12
CA ASP A 397 19.83 -56.91 6.83
C ASP A 397 18.77 -57.35 5.83
N MET A 398 17.98 -56.39 5.34
CA MET A 398 16.80 -56.74 4.55
C MET A 398 17.20 -57.32 3.20
N PHE A 399 18.28 -56.81 2.60
CA PHE A 399 18.66 -57.27 1.27
C PHE A 399 19.18 -58.71 1.32
N ASP A 400 19.83 -59.10 2.43
CA ASP A 400 20.12 -60.50 2.63
C ASP A 400 18.87 -61.31 2.94
N GLU A 401 17.83 -60.65 3.48
CA GLU A 401 16.64 -61.37 3.90
C GLU A 401 15.65 -61.56 2.76
N ILE A 402 15.44 -60.53 1.93
CA ILE A 402 14.43 -60.61 0.87
C ILE A 402 14.93 -60.02 -0.44
N GLY A 403 16.19 -59.58 -0.48
CA GLY A 403 16.72 -59.09 -1.73
C GLY A 403 16.31 -57.69 -2.13
N PHE A 404 15.70 -56.92 -1.24
CA PHE A 404 15.26 -55.57 -1.55
C PHE A 404 16.22 -54.55 -0.93
N ALA A 405 16.43 -53.44 -1.62
CA ALA A 405 17.33 -52.40 -1.18
C ALA A 405 17.02 -51.12 -1.95
N PRO A 406 17.35 -49.95 -1.39
CA PRO A 406 17.10 -48.71 -2.11
C PRO A 406 18.06 -48.51 -3.26
N ASP A 407 17.59 -47.74 -4.25
CA ASP A 407 18.38 -47.46 -5.46
C ASP A 407 18.79 -46.00 -5.48
N ALA A 408 19.29 -45.52 -6.61
CA ALA A 408 19.84 -44.16 -6.69
C ALA A 408 18.80 -43.09 -6.36
N GLU A 409 17.56 -43.30 -6.76
CA GLU A 409 16.51 -42.28 -6.53
C GLU A 409 15.86 -42.57 -5.19
N GLY A 410 16.36 -43.57 -4.47
CA GLY A 410 15.82 -43.82 -3.13
C GLY A 410 14.57 -44.65 -3.16
N GLU A 411 14.27 -45.22 -4.31
CA GLU A 411 13.12 -46.13 -4.36
C GLU A 411 13.64 -47.51 -4.03
N TYR A 412 12.75 -48.41 -3.64
CA TYR A 412 13.14 -49.75 -3.23
C TYR A 412 12.81 -50.74 -4.34
N LYS A 413 13.83 -51.46 -4.81
CA LYS A 413 13.70 -52.47 -5.85
C LYS A 413 14.32 -53.78 -5.41
N SER A 414 13.98 -54.83 -6.15
CA SER A 414 14.63 -56.13 -6.03
C SER A 414 14.93 -56.64 -7.43
N SER A 415 15.78 -57.66 -7.51
CA SER A 415 16.15 -58.19 -8.82
C SER A 415 15.05 -59.09 -9.39
N TYR A 416 14.49 -59.97 -8.58
CA TYR A 416 13.51 -60.94 -9.04
C TYR A 416 12.09 -60.40 -9.03
N CYS A 417 11.75 -59.53 -8.08
CA CYS A 417 10.38 -59.10 -7.85
C CYS A 417 10.24 -57.61 -8.13
N SER A 418 9.24 -57.26 -8.93
CA SER A 418 8.95 -55.86 -9.20
C SER A 418 8.18 -55.24 -8.04
N HIS A 419 8.52 -54.01 -7.70
CA HIS A 419 7.81 -53.25 -6.68
C HIS A 419 6.86 -52.28 -7.36
N MET A 420 5.57 -52.56 -7.20
CA MET A 420 4.50 -51.90 -7.92
C MET A 420 3.78 -50.93 -6.99
N ASP A 421 4.29 -49.71 -6.92
CA ASP A 421 3.71 -48.67 -6.07
C ASP A 421 2.48 -48.13 -6.77
N CYS A 422 1.30 -48.48 -6.25
CA CYS A 422 0.06 -48.02 -6.86
C CYS A 422 -0.04 -46.50 -6.86
N PHE A 423 0.64 -45.84 -5.93
CA PHE A 423 0.62 -44.38 -5.89
C PHE A 423 1.25 -43.78 -7.14
N ARG A 424 2.25 -44.45 -7.71
CA ARG A 424 2.85 -43.96 -8.95
C ARG A 424 1.87 -44.07 -10.11
N TRP A 425 1.20 -45.23 -10.24
CA TRP A 425 0.17 -45.37 -11.26
C TRP A 425 -0.87 -44.27 -11.12
N LEU A 426 -1.46 -44.14 -9.93
CA LEU A 426 -2.49 -43.15 -9.70
C LEU A 426 -2.02 -41.74 -10.06
N LYS A 427 -0.78 -41.41 -9.75
CA LYS A 427 -0.30 -40.06 -10.04
C LYS A 427 -0.15 -39.82 -11.53
N ARG A 428 0.22 -40.85 -12.29
CA ARG A 428 0.47 -40.67 -13.73
C ARG A 428 -0.72 -41.07 -14.60
N ASP A 429 -1.32 -42.23 -14.35
CA ASP A 429 -2.20 -42.84 -15.34
C ASP A 429 -3.67 -42.93 -14.95
N SER A 430 -4.02 -42.72 -13.68
CA SER A 430 -5.41 -42.87 -13.23
C SER A 430 -6.34 -41.82 -13.82
N TYR A 431 -5.78 -40.70 -14.26
CA TYR A 431 -6.48 -39.54 -14.82
C TYR A 431 -7.38 -38.90 -13.76
N LEU A 432 -7.09 -39.18 -12.46
CA LEU A 432 -7.88 -38.57 -11.40
C LEU A 432 -7.22 -37.28 -10.93
N PRO A 433 -8.01 -36.33 -10.44
CA PRO A 433 -7.41 -35.17 -9.77
C PRO A 433 -6.66 -35.61 -8.53
N GLN A 434 -5.66 -34.81 -8.14
CA GLN A 434 -4.87 -35.16 -6.96
C GLN A 434 -5.72 -35.14 -5.70
N GLY A 435 -6.79 -34.35 -5.68
CA GLY A 435 -7.78 -34.45 -4.62
C GLY A 435 -8.59 -35.73 -4.63
N SER A 436 -8.31 -36.65 -5.56
CA SER A 436 -8.99 -37.93 -5.61
C SER A 436 -8.02 -39.10 -5.67
N GLN A 437 -6.73 -38.89 -5.39
CA GLN A 437 -5.73 -39.94 -5.50
C GLN A 437 -5.42 -40.60 -4.17
N GLY A 438 -6.19 -40.30 -3.12
CA GLY A 438 -6.03 -41.00 -1.86
C GLY A 438 -6.79 -42.32 -1.86
N LEU A 439 -6.23 -43.30 -1.14
CA LEU A 439 -6.72 -44.68 -1.22
C LEU A 439 -8.21 -44.76 -0.94
N LYS A 440 -8.72 -43.94 -0.02
CA LYS A 440 -10.15 -43.93 0.25
C LYS A 440 -10.95 -43.60 -1.01
N ALA A 441 -10.57 -42.53 -1.71
CA ALA A 441 -11.34 -42.10 -2.88
C ALA A 441 -11.08 -43.01 -4.08
N VAL A 442 -9.85 -43.51 -4.23
CA VAL A 442 -9.54 -44.41 -5.34
C VAL A 442 -10.38 -45.67 -5.25
N THR A 443 -10.56 -46.20 -4.05
CA THR A 443 -11.35 -47.41 -3.88
C THR A 443 -12.82 -47.17 -4.24
N GLN A 444 -13.34 -45.97 -3.95
CA GLN A 444 -14.70 -45.66 -4.33
C GLN A 444 -14.83 -45.55 -5.85
N SER A 445 -13.92 -44.81 -6.48
CA SER A 445 -13.98 -44.63 -7.92
C SER A 445 -13.79 -45.96 -8.66
N LYS A 446 -12.74 -46.70 -8.31
CA LYS A 446 -12.29 -47.81 -9.14
C LYS A 446 -12.70 -49.18 -8.62
N LEU A 447 -13.03 -49.33 -7.33
CA LEU A 447 -13.44 -50.62 -6.80
C LEU A 447 -14.89 -50.67 -6.37
N GLY A 448 -15.57 -49.54 -6.28
CA GLY A 448 -16.98 -49.51 -5.98
C GLY A 448 -17.36 -49.97 -4.59
N TYR A 449 -16.72 -49.41 -3.57
CA TYR A 449 -17.10 -49.65 -2.18
C TYR A 449 -16.34 -48.67 -1.30
N ASN A 450 -16.72 -48.65 -0.02
CA ASN A 450 -16.14 -47.73 0.97
C ASN A 450 -15.14 -48.47 1.84
N PRO A 451 -13.86 -48.15 1.77
CA PRO A 451 -12.90 -48.76 2.70
C PRO A 451 -13.16 -48.29 4.13
N ILE A 452 -12.48 -48.95 5.07
CA ILE A 452 -12.67 -48.66 6.47
C ILE A 452 -11.84 -47.43 6.85
N GLU A 453 -12.46 -46.49 7.55
CA GLU A 453 -11.86 -45.20 7.85
C GLU A 453 -11.53 -45.10 9.33
N LEU A 454 -10.25 -44.86 9.62
CA LEU A 454 -9.74 -44.69 10.98
C LEU A 454 -8.81 -43.48 11.01
N ASP A 455 -9.07 -42.56 11.93
CA ASP A 455 -8.28 -41.35 12.05
C ASP A 455 -6.85 -41.70 12.47
N PRO A 456 -5.84 -41.12 11.80
CA PRO A 456 -4.45 -41.50 12.11
C PRO A 456 -4.07 -41.24 13.55
N GLU A 457 -4.59 -40.16 14.14
CA GLU A 457 -4.32 -39.88 15.54
C GLU A 457 -4.80 -41.00 16.44
N LEU A 458 -5.85 -41.71 16.04
CA LEU A 458 -6.35 -42.77 16.91
C LEU A 458 -5.66 -44.10 16.65
N MET A 459 -4.84 -44.20 15.59
CA MET A 459 -4.07 -45.41 15.30
C MET A 459 -3.31 -45.89 16.53
N THR A 460 -2.43 -45.03 17.05
CA THR A 460 -1.55 -45.45 18.13
C THR A 460 -2.30 -45.83 19.41
N PRO A 461 -3.31 -45.09 19.88
CA PRO A 461 -4.04 -45.56 21.07
C PRO A 461 -4.89 -46.78 20.81
N TYR A 462 -5.60 -46.85 19.67
CA TYR A 462 -6.43 -48.01 19.39
C TYR A 462 -5.62 -49.29 19.30
N ALA A 463 -4.28 -49.20 19.37
CA ALA A 463 -3.47 -50.39 19.59
C ALA A 463 -3.93 -51.14 20.84
N PHE A 464 -4.34 -50.37 21.84
CA PHE A 464 -4.73 -51.00 23.14
C PHE A 464 -6.24 -50.97 23.33
N GLU A 465 -6.87 -49.83 23.12
CA GLU A 465 -8.31 -49.72 23.44
C GLU A 465 -9.13 -50.70 22.60
N LYS A 466 -8.83 -50.86 21.32
CA LYS A 466 -9.71 -51.73 20.49
C LYS A 466 -8.90 -52.43 19.40
N PRO A 467 -7.85 -53.20 19.73
CA PRO A 467 -7.00 -53.77 18.68
C PRO A 467 -7.77 -54.33 17.50
N GLN A 468 -8.83 -55.11 17.76
CA GLN A 468 -9.55 -55.78 16.67
C GLN A 468 -10.08 -54.78 15.66
N HIS A 469 -10.59 -53.64 16.13
CA HIS A 469 -11.05 -52.60 15.21
C HIS A 469 -9.91 -52.11 14.32
N LEU A 470 -8.78 -51.74 14.94
CA LEU A 470 -7.63 -51.28 14.17
C LEU A 470 -7.13 -52.35 13.20
N SER A 471 -7.23 -53.61 13.57
CA SER A 471 -6.85 -54.67 12.65
C SER A 471 -7.76 -54.70 11.44
N GLU A 472 -9.05 -54.43 11.64
CA GLU A 472 -9.98 -54.36 10.50
C GLU A 472 -9.56 -53.27 9.53
N TYR A 473 -9.10 -52.12 10.05
CA TYR A 473 -8.68 -51.02 9.18
C TYR A 473 -7.40 -51.37 8.44
N SER A 474 -6.39 -51.85 9.18
CA SER A 474 -5.19 -52.45 8.58
C SER A 474 -5.53 -53.37 7.42
N VAL A 475 -6.45 -54.30 7.65
CA VAL A 475 -6.81 -55.27 6.62
C VAL A 475 -7.53 -54.57 5.47
N SER A 476 -8.30 -53.52 5.76
CA SER A 476 -9.01 -52.80 4.71
C SER A 476 -8.04 -52.16 3.73
N ASP A 477 -6.93 -51.60 4.23
CA ASP A 477 -5.91 -51.04 3.35
C ASP A 477 -5.31 -52.12 2.45
N ALA A 478 -5.14 -53.34 2.97
CA ALA A 478 -4.51 -54.40 2.20
C ALA A 478 -5.41 -54.88 1.06
N VAL A 479 -6.66 -55.23 1.37
CA VAL A 479 -7.67 -55.51 0.35
C VAL A 479 -7.64 -54.48 -0.77
N ALA A 480 -7.83 -53.20 -0.43
CA ALA A 480 -7.95 -52.18 -1.47
C ALA A 480 -6.69 -52.10 -2.33
N THR A 481 -5.53 -52.36 -1.76
CA THR A 481 -4.28 -52.27 -2.50
C THR A 481 -4.11 -53.44 -3.45
N TYR A 482 -4.36 -54.67 -2.97
CA TYR A 482 -4.20 -55.84 -3.83
C TYR A 482 -5.12 -55.78 -5.03
N TYR A 483 -6.41 -55.52 -4.80
CA TYR A 483 -7.38 -55.58 -5.89
C TYR A 483 -7.29 -54.36 -6.80
N LEU A 484 -6.85 -53.21 -6.26
CA LEU A 484 -6.53 -52.09 -7.14
C LEU A 484 -5.41 -52.46 -8.11
N TYR A 485 -4.37 -53.13 -7.60
CA TYR A 485 -3.27 -53.52 -8.47
C TYR A 485 -3.72 -54.56 -9.48
N MET A 486 -4.44 -55.59 -9.03
CA MET A 486 -4.76 -56.72 -9.89
C MET A 486 -5.73 -56.39 -11.00
N LYS A 487 -6.56 -55.37 -10.85
CA LYS A 487 -7.57 -55.08 -11.85
C LYS A 487 -7.32 -53.80 -12.64
N TYR A 488 -6.30 -53.03 -12.27
CA TYR A 488 -6.03 -51.79 -12.99
C TYR A 488 -4.56 -51.67 -13.37
N VAL A 489 -3.67 -51.81 -12.39
CA VAL A 489 -2.25 -51.58 -12.64
C VAL A 489 -1.64 -52.75 -13.39
N HIS A 490 -1.80 -53.95 -12.85
CA HIS A 490 -1.12 -55.13 -13.42
C HIS A 490 -1.46 -55.35 -14.89
N PRO A 491 -2.71 -55.31 -15.34
CA PRO A 491 -2.95 -55.42 -16.78
C PRO A 491 -2.32 -54.30 -17.57
N PHE A 492 -2.41 -53.07 -17.07
CA PHE A 492 -1.93 -51.92 -17.84
C PHE A 492 -0.41 -51.95 -17.97
N ILE A 493 0.30 -52.09 -16.86
CA ILE A 493 1.75 -51.97 -16.90
C ILE A 493 2.37 -53.13 -17.69
N PHE A 494 1.90 -54.35 -17.43
CA PHE A 494 2.53 -55.49 -18.08
C PHE A 494 2.22 -55.53 -19.58
N SER A 495 1.01 -55.16 -19.98
CA SER A 495 0.73 -54.99 -21.39
C SER A 495 1.63 -53.93 -22.01
N LEU A 496 1.76 -52.79 -21.32
CA LEU A 496 2.62 -51.71 -21.82
C LEU A 496 4.04 -52.20 -22.06
N CYS A 497 4.53 -53.10 -21.21
CA CYS A 497 5.90 -53.59 -21.34
C CYS A 497 6.10 -54.35 -22.65
N THR A 498 5.04 -54.96 -23.18
CA THR A 498 5.16 -55.72 -24.41
C THR A 498 5.43 -54.84 -25.63
N ILE A 499 5.28 -53.53 -25.51
CA ILE A 499 5.67 -52.62 -26.58
C ILE A 499 6.76 -51.66 -26.18
N ILE A 500 6.96 -51.39 -24.90
CA ILE A 500 7.95 -50.42 -24.42
C ILE A 500 9.13 -51.18 -23.84
N PRO A 501 10.37 -50.88 -24.26
CA PRO A 501 11.55 -51.65 -23.86
C PRO A 501 12.06 -51.35 -22.44
N LEU A 502 11.16 -51.43 -21.47
CA LEU A 502 11.51 -51.25 -20.06
C LEU A 502 10.94 -52.41 -19.27
N ASN A 503 11.40 -52.54 -18.04
CA ASN A 503 10.82 -53.54 -17.13
C ASN A 503 9.63 -52.92 -16.41
N PRO A 504 8.80 -53.76 -15.76
CA PRO A 504 7.67 -53.24 -14.98
C PRO A 504 8.01 -52.06 -14.07
N ASP A 505 9.11 -52.14 -13.32
CA ASP A 505 9.45 -51.05 -12.40
C ASP A 505 9.60 -49.72 -13.14
N GLU A 506 10.20 -49.73 -14.33
CA GLU A 506 10.42 -48.50 -15.05
C GLU A 506 9.19 -48.05 -15.82
N THR A 507 8.50 -48.99 -16.45
CA THR A 507 7.23 -48.67 -17.12
C THR A 507 6.26 -47.99 -16.16
N LEU A 508 6.32 -48.34 -14.88
CA LEU A 508 5.42 -47.75 -13.91
C LEU A 508 5.83 -46.32 -13.55
N ARG A 509 7.14 -46.05 -13.52
CA ARG A 509 7.64 -44.81 -12.91
C ARG A 509 8.14 -43.77 -13.89
N LYS A 510 8.52 -44.14 -15.10
CA LYS A 510 9.07 -43.15 -16.02
C LYS A 510 8.01 -42.13 -16.40
N GLY A 511 8.48 -40.92 -16.71
CA GLY A 511 7.59 -39.91 -17.26
C GLY A 511 6.99 -40.37 -18.58
N THR A 512 5.80 -39.85 -18.88
CA THR A 512 5.15 -40.20 -20.13
C THR A 512 5.95 -39.72 -21.33
N GLY A 513 6.71 -38.63 -21.16
CA GLY A 513 7.59 -38.19 -22.24
C GLY A 513 8.68 -39.21 -22.53
N THR A 514 9.30 -39.77 -21.49
CA THR A 514 10.28 -40.82 -21.68
C THR A 514 9.66 -42.05 -22.31
N LEU A 515 8.43 -42.40 -21.89
CA LEU A 515 7.72 -43.49 -22.54
C LEU A 515 7.61 -43.25 -24.05
N CYS A 516 7.13 -42.06 -24.44
CA CYS A 516 7.11 -41.70 -25.86
C CYS A 516 8.50 -41.86 -26.48
N GLU A 517 9.53 -41.34 -25.81
CA GLU A 517 10.88 -41.44 -26.35
C GLU A 517 11.29 -42.88 -26.59
N MET A 518 10.98 -43.78 -25.64
CA MET A 518 11.33 -45.19 -25.82
C MET A 518 10.67 -45.75 -27.07
N LEU A 519 9.36 -45.52 -27.21
CA LEU A 519 8.65 -45.96 -28.41
C LEU A 519 9.32 -45.41 -29.67
N LEU A 520 9.61 -44.11 -29.69
CA LEU A 520 10.21 -43.50 -30.87
C LEU A 520 11.58 -44.07 -31.17
N MET A 521 12.36 -44.39 -30.13
CA MET A 521 13.68 -44.97 -30.37
C MET A 521 13.60 -46.35 -31.00
N VAL A 522 12.60 -47.15 -30.63
CA VAL A 522 12.39 -48.43 -31.31
C VAL A 522 12.19 -48.21 -32.80
N GLN A 523 11.21 -47.36 -33.15
CA GLN A 523 10.92 -47.09 -34.56
C GLN A 523 12.15 -46.57 -35.29
N ALA A 524 12.86 -45.63 -34.69
CA ALA A 524 14.04 -45.06 -35.34
C ALA A 524 15.11 -46.11 -35.59
N TYR A 525 15.32 -47.00 -34.62
CA TYR A 525 16.32 -48.05 -34.78
C TYR A 525 15.92 -49.02 -35.88
N GLN A 526 14.67 -49.49 -35.83
CA GLN A 526 14.23 -50.50 -36.77
C GLN A 526 14.20 -49.97 -38.21
N HIS A 527 13.99 -48.68 -38.39
CA HIS A 527 14.16 -48.06 -39.70
C HIS A 527 15.58 -47.59 -39.95
N ASN A 528 16.53 -47.99 -39.09
CA ASN A 528 17.95 -47.69 -39.29
C ASN A 528 18.19 -46.18 -39.35
N ILE A 529 17.47 -45.43 -38.51
CA ILE A 529 17.60 -43.98 -38.42
C ILE A 529 18.48 -43.64 -37.23
N LEU A 530 19.43 -42.73 -37.44
CA LEU A 530 20.36 -42.35 -36.39
C LEU A 530 19.66 -41.46 -35.37
N LEU A 531 19.80 -41.81 -34.10
CA LEU A 531 19.19 -41.01 -33.04
C LEU A 531 19.89 -39.66 -32.92
N PRO A 532 19.15 -38.56 -32.87
CA PRO A 532 19.78 -37.29 -32.51
C PRO A 532 20.14 -37.29 -31.03
N ASN A 533 21.16 -36.50 -30.69
CA ASN A 533 21.52 -36.33 -29.30
C ASN A 533 20.47 -35.48 -28.58
N LYS A 534 20.44 -35.60 -27.25
CA LYS A 534 19.45 -34.87 -26.46
C LYS A 534 19.61 -33.36 -26.67
N HIS A 535 18.47 -32.66 -26.66
CA HIS A 535 18.44 -31.23 -26.91
C HIS A 535 19.03 -30.46 -25.72
N THR A 536 19.54 -29.26 -26.01
CA THR A 536 20.20 -28.43 -25.01
C THR A 536 19.72 -26.99 -25.17
N ASP A 537 19.01 -26.47 -24.16
CA ASP A 537 18.52 -25.10 -24.26
C ASP A 537 19.65 -24.12 -24.00
N PRO A 538 19.75 -23.05 -24.79
CA PRO A 538 20.81 -22.07 -24.58
C PRO A 538 20.64 -21.35 -23.25
N ILE A 539 21.76 -21.19 -22.54
CA ILE A 539 21.71 -20.53 -21.24
C ILE A 539 21.26 -19.07 -21.39
N GLU A 540 21.54 -18.46 -22.54
CA GLU A 540 21.09 -17.10 -22.83
C GLU A 540 20.51 -17.03 -24.24
N ARG A 541 19.31 -16.46 -24.36
CA ARG A 541 18.67 -16.25 -25.63
C ARG A 541 18.17 -14.81 -25.70
N PHE A 542 18.17 -14.24 -26.91
CA PHE A 542 17.90 -12.82 -27.09
C PHE A 542 16.87 -12.58 -28.18
N TYR A 543 16.34 -11.36 -28.20
CA TYR A 543 15.34 -10.96 -29.20
C TYR A 543 15.32 -9.43 -29.25
N ASP A 544 15.66 -8.87 -30.41
CA ASP A 544 15.73 -7.41 -30.61
C ASP A 544 16.60 -6.73 -29.56
N GLY A 545 17.68 -7.40 -29.14
CA GLY A 545 18.59 -6.83 -28.17
C GLY A 545 18.17 -6.98 -26.73
N HIS A 546 17.07 -7.65 -26.45
CA HIS A 546 16.59 -7.88 -25.10
C HIS A 546 16.84 -9.34 -24.71
N LEU A 547 17.23 -9.56 -23.46
CA LEU A 547 17.32 -10.93 -22.96
C LEU A 547 15.91 -11.49 -22.82
N LEU A 548 15.75 -12.75 -23.21
CA LEU A 548 14.45 -13.42 -23.12
C LEU A 548 14.31 -14.10 -21.77
N GLU A 549 13.29 -13.71 -21.01
CA GLU A 549 12.97 -14.44 -19.79
C GLU A 549 12.38 -15.81 -20.13
N SER A 550 11.49 -15.86 -21.11
CA SER A 550 10.89 -17.12 -21.56
C SER A 550 10.30 -16.90 -22.96
N GLU A 551 10.27 -17.98 -23.75
CA GLU A 551 9.65 -17.96 -25.06
C GLU A 551 8.81 -19.21 -25.23
N THR A 552 7.66 -19.06 -25.89
CA THR A 552 6.75 -20.18 -26.12
C THR A 552 5.85 -19.83 -27.30
N TYR A 553 4.77 -20.58 -27.47
CA TYR A 553 3.78 -20.42 -28.52
C TYR A 553 2.41 -20.29 -27.89
N VAL A 554 1.49 -19.70 -28.66
CA VAL A 554 0.12 -19.56 -28.20
C VAL A 554 -0.56 -20.93 -28.27
N GLY A 555 -0.97 -21.44 -27.11
CA GLY A 555 -1.60 -22.75 -27.04
C GLY A 555 -3.07 -22.77 -27.38
N GLY A 556 -3.85 -23.52 -26.61
CA GLY A 556 -5.26 -23.67 -26.92
C GLY A 556 -6.05 -22.40 -26.70
N HIS A 557 -7.17 -22.30 -27.43
CA HIS A 557 -8.07 -21.15 -27.41
C HIS A 557 -9.25 -21.46 -26.50
N VAL A 558 -9.56 -20.54 -25.58
CA VAL A 558 -10.58 -20.82 -24.57
C VAL A 558 -11.46 -19.59 -24.45
N GLU A 559 -12.78 -19.81 -24.38
CA GLU A 559 -13.74 -18.71 -24.25
C GLU A 559 -14.83 -19.09 -23.27
N SER A 560 -15.22 -18.13 -22.43
CA SER A 560 -16.50 -18.20 -21.73
C SER A 560 -17.43 -17.21 -22.43
N LEU A 561 -18.58 -17.69 -22.90
CA LEU A 561 -19.48 -16.87 -23.68
C LEU A 561 -20.80 -16.59 -22.98
N GLU A 562 -21.26 -17.48 -22.10
CA GLU A 562 -22.48 -17.29 -21.35
C GLU A 562 -22.28 -17.82 -19.94
N ALA A 563 -23.27 -17.56 -19.08
CA ALA A 563 -23.28 -18.10 -17.74
C ALA A 563 -24.73 -18.27 -17.29
N GLY A 564 -24.92 -19.06 -16.25
CA GLY A 564 -26.25 -19.24 -15.70
C GLY A 564 -26.76 -20.66 -15.77
N VAL A 565 -28.08 -20.82 -15.72
CA VAL A 565 -28.73 -22.12 -15.70
C VAL A 565 -29.43 -22.34 -17.04
N PHE A 566 -29.28 -23.55 -17.58
CA PHE A 566 -29.78 -23.98 -18.87
C PHE A 566 -30.35 -25.37 -18.61
N ARG A 567 -31.63 -25.56 -18.86
CA ARG A 567 -32.24 -26.86 -18.54
C ARG A 567 -33.18 -27.27 -19.66
N SER A 568 -33.27 -28.59 -19.86
CA SER A 568 -34.06 -29.13 -20.97
C SER A 568 -35.54 -28.75 -20.91
N ASP A 569 -36.07 -28.40 -19.74
CA ASP A 569 -37.48 -28.04 -19.60
C ASP A 569 -37.70 -26.54 -19.45
N LEU A 570 -36.70 -25.72 -19.73
CA LEU A 570 -36.75 -24.28 -19.54
C LEU A 570 -36.33 -23.59 -20.83
N LYS A 571 -37.26 -22.84 -21.44
CA LYS A 571 -37.04 -22.28 -22.76
C LYS A 571 -36.02 -21.14 -22.74
N ASN A 572 -35.34 -20.97 -23.88
CA ASN A 572 -34.41 -19.87 -24.11
C ASN A 572 -34.77 -19.16 -25.43
N GLU A 573 -34.28 -17.93 -25.60
CA GLU A 573 -34.30 -17.29 -26.92
C GLU A 573 -33.16 -17.80 -27.79
N PHE A 574 -33.46 -17.98 -29.08
CA PHE A 574 -32.44 -18.16 -30.09
C PHE A 574 -32.68 -17.18 -31.22
N LYS A 575 -31.60 -16.72 -31.86
CA LYS A 575 -31.75 -15.90 -33.05
C LYS A 575 -30.87 -16.51 -34.14
N ILE A 576 -31.50 -17.13 -35.13
CA ILE A 576 -30.83 -17.95 -36.13
C ILE A 576 -30.48 -17.07 -37.33
N ASP A 577 -29.21 -17.06 -37.69
CA ASP A 577 -28.77 -16.34 -38.88
C ASP A 577 -29.36 -17.02 -40.11
N PRO A 578 -30.21 -16.35 -40.89
CA PRO A 578 -30.80 -17.01 -42.07
C PRO A 578 -29.78 -17.40 -43.11
N SER A 579 -28.72 -16.60 -43.27
CA SER A 579 -27.65 -16.99 -44.20
C SER A 579 -26.96 -18.27 -43.76
N ALA A 580 -26.93 -18.53 -42.45
CA ALA A 580 -26.36 -19.79 -41.97
C ALA A 580 -27.16 -20.99 -42.49
N ILE A 581 -28.48 -20.90 -42.44
CA ILE A 581 -29.33 -21.98 -42.94
C ILE A 581 -29.12 -22.16 -44.44
N ASP A 582 -28.91 -21.06 -45.12
CA ASP A 582 -28.68 -21.16 -46.58
C ASP A 582 -27.42 -21.97 -46.80
N GLU A 583 -26.37 -21.64 -46.04
CA GLU A 583 -25.08 -22.31 -46.26
C GLU A 583 -25.24 -23.81 -45.96
N LEU A 584 -25.91 -24.14 -44.87
CA LEU A 584 -25.98 -25.56 -44.50
C LEU A 584 -26.73 -26.31 -45.59
N LEU A 585 -27.82 -25.72 -46.06
CA LEU A 585 -28.66 -26.39 -47.09
C LEU A 585 -27.86 -26.57 -48.38
N GLN A 586 -27.03 -25.60 -48.73
CA GLN A 586 -26.20 -25.75 -49.93
C GLN A 586 -25.27 -26.94 -49.71
N GLU A 587 -24.80 -27.11 -48.47
CA GLU A 587 -23.83 -28.19 -48.18
C GLU A 587 -24.53 -29.46 -47.70
N LEU A 588 -25.84 -29.43 -47.47
CA LEU A 588 -26.49 -30.61 -46.84
C LEU A 588 -26.30 -31.86 -47.69
N PRO A 589 -26.47 -31.82 -49.02
CA PRO A 589 -26.41 -33.05 -49.80
C PRO A 589 -25.03 -33.71 -49.73
N GLU A 590 -23.99 -32.93 -49.89
CA GLU A 590 -22.62 -33.43 -49.90
C GLU A 590 -22.14 -33.80 -48.50
N ALA A 591 -22.67 -33.14 -47.46
CA ALA A 591 -22.31 -33.51 -46.09
C ALA A 591 -22.98 -34.82 -45.68
N LEU A 592 -24.20 -35.05 -46.16
CA LEU A 592 -24.87 -36.33 -45.89
C LEU A 592 -24.13 -37.47 -46.58
N LYS A 593 -23.75 -37.27 -47.84
CA LYS A 593 -22.87 -38.22 -48.51
C LYS A 593 -21.57 -38.36 -47.73
N PHE A 594 -21.06 -37.24 -47.25
CA PHE A 594 -19.83 -37.29 -46.42
C PHE A 594 -20.04 -38.20 -45.23
N SER A 595 -21.17 -38.05 -44.55
CA SER A 595 -21.33 -38.86 -43.33
C SER A 595 -21.32 -40.31 -43.73
N VAL A 596 -22.02 -40.64 -44.80
CA VAL A 596 -22.14 -42.09 -45.15
C VAL A 596 -20.80 -42.61 -45.65
N GLU A 597 -20.21 -41.88 -46.59
CA GLU A 597 -18.96 -42.39 -47.23
C GLU A 597 -17.77 -42.31 -46.29
N VAL A 598 -17.61 -41.21 -45.57
CA VAL A 598 -16.38 -41.04 -44.75
C VAL A 598 -16.66 -41.37 -43.29
N GLU A 599 -17.71 -40.81 -42.73
CA GLU A 599 -17.94 -41.01 -41.28
C GLU A 599 -18.23 -42.48 -40.98
N ASN A 600 -19.00 -43.16 -41.83
CA ASN A 600 -19.37 -44.55 -41.49
C ASN A 600 -18.76 -45.53 -42.49
N LYS A 601 -17.87 -45.06 -43.37
CA LYS A 601 -17.14 -45.97 -44.30
C LYS A 601 -18.12 -46.88 -45.05
N SER A 602 -19.13 -46.29 -45.68
CA SER A 602 -20.12 -46.97 -46.51
C SER A 602 -20.17 -46.28 -47.87
N SER A 603 -21.28 -46.47 -48.60
CA SER A 603 -21.48 -45.80 -49.87
C SER A 603 -22.96 -45.47 -50.00
N VAL A 604 -23.25 -44.39 -50.73
CA VAL A 604 -24.63 -43.98 -50.95
C VAL A 604 -25.44 -45.03 -51.70
N ASP A 605 -24.78 -46.03 -52.30
CA ASP A 605 -25.50 -47.03 -53.08
C ASP A 605 -26.34 -47.94 -52.19
N LYS A 606 -25.79 -48.38 -51.05
CA LYS A 606 -26.48 -49.32 -50.20
C LYS A 606 -27.43 -48.65 -49.20
N VAL A 607 -27.36 -47.33 -49.04
CA VAL A 607 -28.32 -46.63 -48.18
C VAL A 607 -29.60 -46.39 -48.98
N THR A 608 -30.75 -46.58 -48.32
CA THR A 608 -32.03 -46.55 -49.00
C THR A 608 -32.94 -45.40 -48.59
N ASN A 609 -32.77 -44.85 -47.39
CA ASN A 609 -33.57 -43.72 -46.92
C ASN A 609 -32.80 -42.40 -46.97
N PHE A 610 -31.89 -42.27 -47.94
CA PHE A 610 -31.04 -41.07 -48.03
C PHE A 610 -31.88 -39.82 -48.26
N GLU A 611 -32.82 -39.88 -49.21
CA GLU A 611 -33.56 -38.69 -49.60
C GLU A 611 -34.56 -38.26 -48.53
N GLU A 612 -35.21 -39.23 -47.88
CA GLU A 612 -36.13 -38.90 -46.80
C GLU A 612 -35.40 -38.16 -45.68
N ILE A 613 -34.33 -38.77 -45.15
CA ILE A 613 -33.47 -38.10 -44.18
C ILE A 613 -33.08 -36.72 -44.69
N LYS A 614 -32.74 -36.64 -45.99
CA LYS A 614 -32.41 -35.36 -46.59
C LYS A 614 -33.60 -34.39 -46.53
N ASN A 615 -34.76 -34.84 -47.02
CA ASN A 615 -35.94 -33.97 -47.02
C ASN A 615 -36.40 -33.65 -45.60
N GLN A 616 -36.28 -34.61 -44.69
CA GLN A 616 -36.60 -34.37 -43.29
C GLN A 616 -35.79 -33.20 -42.75
N ILE A 617 -34.47 -33.39 -42.69
CA ILE A 617 -33.51 -32.32 -42.45
C ILE A 617 -33.86 -31.04 -43.20
N THR A 618 -34.18 -31.18 -44.49
CA THR A 618 -34.35 -29.98 -45.31
C THR A 618 -35.53 -29.15 -44.80
N GLN A 619 -36.59 -29.82 -44.36
CA GLN A 619 -37.78 -29.12 -43.90
C GLN A 619 -37.57 -28.48 -42.53
N LYS A 620 -36.96 -29.21 -41.58
CA LYS A 620 -36.63 -28.60 -40.30
C LYS A 620 -35.76 -27.37 -40.50
N LEU A 621 -34.77 -27.46 -41.39
CA LEU A 621 -33.91 -26.32 -41.67
C LEU A 621 -34.71 -25.15 -42.25
N LEU A 622 -35.68 -25.43 -43.12
CA LEU A 622 -36.45 -24.36 -43.74
C LEU A 622 -37.34 -23.66 -42.72
N GLU A 623 -37.91 -24.40 -41.77
CA GLU A 623 -38.70 -23.77 -40.71
C GLU A 623 -37.87 -22.78 -39.92
N LEU A 624 -36.59 -23.10 -39.70
CA LEU A 624 -35.71 -22.23 -38.94
C LEU A 624 -35.28 -21.01 -39.74
N LYS A 625 -35.33 -21.07 -41.07
CA LYS A 625 -34.94 -19.91 -41.87
C LYS A 625 -36.03 -18.85 -41.83
N GLU A 626 -37.31 -19.25 -41.90
CA GLU A 626 -38.38 -18.27 -41.78
C GLU A 626 -38.52 -17.78 -40.35
N ASN A 627 -38.74 -18.70 -39.42
CA ASN A 627 -38.77 -18.33 -38.00
C ASN A 627 -37.33 -18.36 -37.49
N ASN A 628 -36.61 -17.26 -37.76
CA ASN A 628 -35.32 -16.99 -37.15
C ASN A 628 -35.37 -16.43 -35.72
N ILE A 629 -36.52 -15.97 -35.21
CA ILE A 629 -36.59 -15.49 -33.81
C ILE A 629 -37.53 -16.40 -33.05
N ARG A 630 -36.98 -17.19 -32.12
CA ARG A 630 -37.69 -18.29 -31.50
C ARG A 630 -37.39 -18.38 -30.01
N ASN A 631 -38.42 -18.76 -29.24
CA ASN A 631 -38.29 -19.07 -27.82
C ASN A 631 -38.64 -20.54 -27.65
N GLU A 632 -37.63 -21.40 -27.53
CA GLU A 632 -37.81 -22.84 -27.54
C GLU A 632 -37.05 -23.50 -26.40
N LEU A 633 -37.44 -24.73 -26.11
CA LEU A 633 -36.67 -25.57 -25.20
C LEU A 633 -35.30 -25.84 -25.81
N PRO A 634 -34.24 -25.88 -25.01
CA PRO A 634 -32.90 -26.11 -25.56
C PRO A 634 -32.52 -27.58 -25.61
N LEU A 635 -31.57 -27.87 -26.49
CA LEU A 635 -30.82 -29.11 -26.47
C LEU A 635 -29.41 -28.77 -26.00
N ILE A 636 -29.03 -29.29 -24.84
CA ILE A 636 -27.72 -29.02 -24.26
C ILE A 636 -26.73 -30.05 -24.82
N TYR A 637 -25.88 -29.62 -25.74
CA TYR A 637 -24.99 -30.51 -26.46
C TYR A 637 -23.53 -30.15 -26.21
N HIS A 638 -22.66 -31.11 -26.49
CA HIS A 638 -21.22 -30.92 -26.43
C HIS A 638 -20.59 -31.61 -27.63
N VAL A 639 -19.72 -30.90 -28.33
CA VAL A 639 -18.97 -31.46 -29.44
C VAL A 639 -17.48 -31.35 -29.11
N ASP A 640 -16.74 -32.40 -29.40
CA ASP A 640 -15.33 -32.45 -29.06
C ASP A 640 -14.58 -33.28 -30.09
N VAL A 641 -13.49 -32.72 -30.62
CA VAL A 641 -12.64 -33.47 -31.54
C VAL A 641 -11.98 -34.62 -30.80
N ALA A 642 -12.04 -35.81 -31.38
CA ALA A 642 -11.35 -36.97 -30.83
C ALA A 642 -9.86 -36.86 -31.07
N SER A 643 -9.07 -36.97 -30.00
CA SER A 643 -7.60 -36.89 -30.04
C SER A 643 -7.16 -35.76 -30.98
N MET A 644 -7.50 -34.53 -30.58
CA MET A 644 -7.33 -33.39 -31.49
C MET A 644 -5.88 -33.24 -31.94
N TYR A 645 -4.99 -32.91 -31.02
CA TYR A 645 -3.59 -32.66 -31.40
C TYR A 645 -2.97 -33.85 -32.12
N PRO A 646 -3.08 -35.10 -31.64
CA PRO A 646 -2.52 -36.22 -32.43
C PRO A 646 -3.06 -36.25 -33.84
N ASN A 647 -4.37 -36.14 -34.01
CA ASN A 647 -4.96 -36.19 -35.34
C ASN A 647 -4.57 -34.98 -36.19
N ILE A 648 -4.24 -33.86 -35.55
CA ILE A 648 -3.75 -32.71 -36.33
C ILE A 648 -2.35 -32.99 -36.86
N MET A 649 -1.50 -33.60 -36.03
CA MET A 649 -0.15 -33.95 -36.47
C MET A 649 -0.18 -34.97 -37.61
N THR A 650 -1.06 -35.97 -37.51
CA THR A 650 -1.13 -36.99 -38.55
C THR A 650 -1.75 -36.44 -39.82
N THR A 651 -2.73 -35.55 -39.69
CA THR A 651 -3.37 -34.98 -40.88
C THR A 651 -2.38 -34.14 -41.67
N ASN A 652 -1.62 -33.30 -40.99
CA ASN A 652 -0.65 -32.42 -41.63
C ASN A 652 0.72 -33.04 -41.72
N ARG A 653 0.85 -34.32 -41.33
CA ARG A 653 2.11 -35.04 -41.45
C ARG A 653 3.19 -34.32 -40.64
N LEU A 654 2.81 -33.92 -39.43
CA LEU A 654 3.66 -33.08 -38.59
C LEU A 654 4.65 -33.93 -37.80
N GLN A 655 5.92 -33.55 -37.87
CA GLN A 655 6.99 -34.18 -37.10
C GLN A 655 8.07 -33.15 -36.85
N PRO A 656 8.81 -33.27 -35.75
CA PRO A 656 10.01 -32.44 -35.57
C PRO A 656 10.97 -32.48 -36.76
N ASP A 657 11.16 -33.64 -37.39
CA ASP A 657 12.09 -33.74 -38.51
C ASP A 657 11.51 -33.29 -39.83
N SER A 658 10.21 -32.99 -39.91
CA SER A 658 9.62 -32.49 -41.14
C SER A 658 9.72 -30.97 -41.28
N ILE A 659 10.09 -30.26 -40.22
CA ILE A 659 10.16 -28.80 -40.24
C ILE A 659 11.48 -28.39 -40.87
N LYS A 660 11.42 -27.72 -42.01
CA LYS A 660 12.60 -27.38 -42.82
C LYS A 660 12.71 -25.87 -42.99
N ALA A 661 13.70 -25.46 -43.77
CA ALA A 661 13.94 -24.06 -44.08
C ALA A 661 14.02 -23.84 -45.59
N THR A 676 5.37 -29.67 -54.85
CA THR A 676 6.38 -29.33 -53.86
C THR A 676 6.19 -30.12 -52.57
N CYS A 677 7.30 -30.60 -52.01
CA CYS A 677 7.23 -31.28 -50.72
C CYS A 677 6.86 -30.34 -49.58
N ALA A 678 6.66 -29.05 -49.84
CA ALA A 678 6.59 -28.02 -48.80
C ALA A 678 5.15 -27.57 -48.57
N ARG A 679 4.68 -27.73 -47.34
CA ARG A 679 3.35 -27.30 -46.91
C ARG A 679 3.55 -26.23 -45.83
N LYS A 680 3.38 -24.96 -46.22
CA LYS A 680 3.64 -23.84 -45.32
C LYS A 680 2.48 -23.67 -44.35
N LEU A 681 2.79 -23.72 -43.06
CA LEU A 681 1.83 -23.61 -41.96
C LEU A 681 2.29 -22.57 -40.94
N LYS A 682 1.31 -21.91 -40.33
CA LYS A 682 1.56 -20.79 -39.44
C LYS A 682 1.44 -21.23 -37.99
N TRP A 683 2.23 -20.58 -37.14
CA TRP A 683 2.12 -20.69 -35.70
C TRP A 683 2.36 -19.31 -35.11
N ALA A 684 2.07 -19.18 -33.81
CA ALA A 684 2.18 -17.90 -33.11
C ALA A 684 3.26 -18.03 -32.03
N TRP A 685 4.27 -17.18 -32.10
CA TRP A 685 5.36 -17.17 -31.14
C TRP A 685 5.15 -16.06 -30.12
N ARG A 686 5.41 -16.36 -28.85
CA ARG A 686 5.24 -15.41 -27.77
C ARG A 686 6.49 -15.42 -26.89
N GLY A 687 7.12 -14.26 -26.73
CA GLY A 687 8.30 -14.12 -25.91
C GLY A 687 8.08 -13.15 -24.77
N GLU A 688 8.78 -13.39 -23.66
CA GLU A 688 8.80 -12.51 -22.49
C GLU A 688 10.23 -12.05 -22.30
N PHE A 689 10.49 -10.76 -22.53
CA PHE A 689 11.85 -10.24 -22.50
C PHE A 689 11.93 -9.00 -21.61
N PHE A 690 13.14 -8.75 -21.10
CA PHE A 690 13.39 -7.52 -20.36
C PHE A 690 13.33 -6.33 -21.31
N PRO A 691 12.69 -5.22 -20.92
CA PRO A 691 12.77 -4.02 -21.75
C PRO A 691 14.16 -3.41 -21.77
N SER A 692 15.06 -3.90 -20.92
CA SER A 692 16.47 -3.53 -21.02
C SER A 692 17.01 -3.89 -22.40
N LYS A 693 18.11 -3.24 -22.76
CA LYS A 693 18.72 -3.38 -24.07
C LYS A 693 20.20 -3.73 -23.88
N MET A 694 20.91 -3.94 -24.97
CA MET A 694 22.29 -4.47 -24.81
C MET A 694 23.13 -3.55 -23.93
N ASP A 695 22.93 -2.24 -24.05
CA ASP A 695 23.84 -1.33 -23.31
C ASP A 695 23.70 -1.62 -21.82
N GLU A 696 22.46 -1.70 -21.35
CA GLU A 696 22.26 -1.89 -19.90
C GLU A 696 22.82 -3.25 -19.55
N TYR A 697 22.57 -4.22 -20.42
CA TYR A 697 22.98 -5.60 -20.07
C TYR A 697 24.49 -5.62 -19.93
N ASN A 698 25.16 -4.99 -20.88
CA ASN A 698 26.64 -5.09 -20.87
C ASN A 698 27.15 -4.48 -19.57
N MET A 699 26.54 -3.39 -19.12
CA MET A 699 27.06 -2.66 -17.94
C MET A 699 26.87 -3.47 -16.66
N ILE A 700 25.64 -3.89 -16.40
CA ILE A 700 25.33 -4.55 -15.11
C ILE A 700 26.32 -5.71 -14.96
N LYS A 701 26.62 -6.37 -16.06
CA LYS A 701 27.49 -7.56 -15.95
C LYS A 701 28.84 -7.13 -15.41
N ARG A 702 29.42 -6.07 -15.98
CA ARG A 702 30.78 -5.68 -15.57
C ARG A 702 30.72 -5.36 -14.09
N ALA A 703 29.68 -4.64 -13.71
CA ALA A 703 29.50 -4.37 -12.28
C ALA A 703 29.68 -5.68 -11.53
N LEU A 704 28.91 -6.69 -11.90
CA LEU A 704 28.95 -7.96 -11.19
C LEU A 704 30.34 -8.59 -11.24
N GLN A 705 31.12 -8.29 -12.28
CA GLN A 705 32.47 -8.84 -12.38
C GLN A 705 33.39 -8.31 -11.29
N ASN A 706 33.02 -7.21 -10.63
CA ASN A 706 33.89 -6.58 -9.64
C ASN A 706 33.60 -7.03 -8.21
N GLU A 707 32.38 -7.49 -7.92
CA GLU A 707 32.08 -7.98 -6.58
C GLU A 707 32.90 -9.22 -6.27
N THR A 708 33.16 -9.44 -4.98
CA THR A 708 33.64 -10.73 -4.50
C THR A 708 32.44 -11.61 -4.19
N PHE A 709 32.56 -12.87 -4.60
CA PHE A 709 31.41 -13.79 -4.45
C PHE A 709 31.67 -14.79 -3.33
N PRO A 710 30.61 -15.34 -2.71
CA PRO A 710 30.79 -16.21 -1.54
C PRO A 710 31.61 -17.48 -1.79
N ASN A 711 31.40 -18.14 -2.92
CA ASN A 711 32.07 -19.45 -3.16
C ASN A 711 31.28 -20.53 -2.43
N LEU A 721 35.92 -15.78 -4.54
CA LEU A 721 35.73 -16.04 -5.96
C LEU A 721 35.40 -14.76 -6.72
N THR A 722 35.68 -14.80 -8.02
CA THR A 722 35.33 -13.69 -8.94
C THR A 722 34.23 -14.18 -9.86
N PHE A 723 33.52 -13.28 -10.53
CA PHE A 723 32.37 -13.68 -11.34
C PHE A 723 32.82 -14.65 -12.43
N ASP A 724 33.95 -14.35 -13.07
CA ASP A 724 34.42 -15.20 -14.18
C ASP A 724 34.72 -16.58 -13.64
N GLU A 725 35.09 -16.64 -12.37
CA GLU A 725 35.40 -17.94 -11.74
C GLU A 725 34.15 -18.82 -11.73
N LEU A 726 32.98 -18.21 -11.52
CA LEU A 726 31.72 -18.99 -11.37
C LEU A 726 31.28 -19.64 -12.68
N SER A 727 30.51 -20.73 -12.60
CA SER A 727 29.98 -21.44 -13.79
C SER A 727 29.18 -20.50 -14.67
N TYR A 728 29.31 -20.64 -15.98
CA TYR A 728 28.49 -19.81 -16.88
C TYR A 728 27.05 -19.72 -16.38
N ALA A 729 26.48 -20.85 -15.94
CA ALA A 729 25.12 -20.83 -15.42
C ALA A 729 25.01 -19.94 -14.20
N ASP A 730 25.83 -20.20 -13.17
CA ASP A 730 25.88 -19.42 -11.96
C ASP A 730 26.11 -17.94 -12.25
N GLN A 731 26.84 -17.65 -13.34
CA GLN A 731 27.00 -16.26 -13.76
C GLN A 731 25.68 -15.63 -14.18
N VAL A 732 24.99 -16.27 -15.13
CA VAL A 732 23.82 -15.66 -15.75
C VAL A 732 22.67 -15.51 -14.75
N ILE A 733 22.60 -16.38 -13.75
CA ILE A 733 21.53 -16.30 -12.79
C ILE A 733 21.73 -15.12 -11.84
N HIS A 734 22.98 -14.76 -11.56
CA HIS A 734 23.26 -13.47 -10.95
C HIS A 734 22.86 -12.32 -11.87
N ILE A 735 23.08 -12.48 -13.17
CA ILE A 735 22.76 -11.42 -14.13
C ILE A 735 21.24 -11.22 -14.20
N LYS A 736 20.48 -12.32 -14.29
CA LYS A 736 19.04 -12.21 -14.41
C LYS A 736 18.42 -11.49 -13.23
N LYS A 737 18.89 -11.80 -12.00
CA LYS A 737 18.35 -11.15 -10.83
C LYS A 737 18.70 -9.67 -10.79
N ARG A 738 19.84 -9.29 -11.37
CA ARG A 738 20.23 -7.89 -11.40
C ARG A 738 19.59 -7.12 -12.55
N LEU A 739 19.26 -7.80 -13.66
CA LEU A 739 18.50 -7.19 -14.74
C LEU A 739 17.08 -6.82 -14.31
N THR A 740 16.38 -7.70 -13.60
CA THR A 740 15.01 -7.39 -13.20
C THR A 740 14.93 -6.06 -12.47
N GLU A 741 15.98 -5.74 -11.71
CA GLU A 741 15.94 -4.49 -10.91
C GLU A 741 16.16 -3.28 -11.80
N TYR A 742 17.21 -3.30 -12.61
CA TYR A 742 17.55 -2.08 -13.41
C TYR A 742 16.40 -1.70 -14.36
N SER A 743 15.81 -2.69 -15.02
CA SER A 743 14.74 -2.39 -16.01
C SER A 743 13.57 -1.70 -15.30
N ARG A 744 13.21 -2.20 -14.12
CA ARG A 744 12.03 -1.64 -13.43
C ARG A 744 12.33 -0.17 -13.18
N LYS A 745 13.56 0.13 -12.81
CA LYS A 745 13.88 1.52 -12.43
C LYS A 745 13.65 2.46 -13.61
N VAL A 746 14.11 2.10 -14.80
CA VAL A 746 14.01 3.06 -15.94
C VAL A 746 12.83 2.68 -16.81
N TYR A 747 12.81 1.42 -17.23
CA TYR A 747 11.73 0.96 -18.13
C TYR A 747 10.43 0.96 -17.34
N HIS A 748 10.51 0.54 -16.08
CA HIS A 748 9.31 0.58 -15.19
C HIS A 748 8.44 -0.66 -15.42
N ARG A 749 8.81 -1.52 -16.39
CA ARG A 749 8.07 -2.79 -16.58
C ARG A 749 9.12 -3.90 -16.51
N VAL A 750 8.96 -4.87 -15.61
CA VAL A 750 10.02 -5.91 -15.45
C VAL A 750 10.12 -6.77 -16.72
N LYS A 751 8.99 -7.07 -17.38
CA LYS A 751 9.00 -7.94 -18.58
C LYS A 751 8.03 -7.42 -19.64
N VAL A 752 8.31 -7.70 -20.90
CA VAL A 752 7.47 -7.30 -22.03
C VAL A 752 7.08 -8.55 -22.83
N SER A 753 5.81 -8.61 -23.22
CA SER A 753 5.22 -9.73 -23.95
C SER A 753 4.91 -9.29 -25.37
N GLU A 754 5.32 -10.09 -26.35
CA GLU A 754 4.92 -9.85 -27.73
C GLU A 754 4.60 -11.17 -28.42
N ILE A 755 3.66 -11.10 -29.38
CA ILE A 755 3.24 -12.26 -30.16
C ILE A 755 3.59 -12.00 -31.62
N VAL A 756 4.53 -12.78 -32.15
CA VAL A 756 4.95 -12.72 -33.55
C VAL A 756 4.40 -13.94 -34.25
N GLU A 757 3.79 -13.75 -35.42
CA GLU A 757 3.34 -14.89 -36.20
C GLU A 757 4.46 -15.36 -37.10
N ARG A 758 4.70 -16.66 -37.06
CA ARG A 758 5.78 -17.26 -37.81
C ARG A 758 5.22 -18.39 -38.66
N GLU A 759 5.75 -18.52 -39.85
CA GLU A 759 5.35 -19.55 -40.80
C GLU A 759 6.50 -20.53 -40.91
N ALA A 760 6.19 -21.82 -40.82
CA ALA A 760 7.20 -22.85 -40.93
C ALA A 760 6.85 -23.80 -42.06
N ILE A 761 7.90 -24.35 -42.67
CA ILE A 761 7.78 -25.28 -43.78
C ILE A 761 7.66 -26.68 -43.20
N VAL A 762 6.69 -27.45 -43.69
CA VAL A 762 6.53 -28.85 -43.30
C VAL A 762 6.74 -29.68 -44.55
N CYS A 763 7.91 -30.30 -44.67
CA CYS A 763 8.17 -31.21 -45.78
C CYS A 763 7.20 -32.39 -45.72
N GLN A 764 6.39 -32.51 -46.76
CA GLN A 764 5.39 -33.57 -46.85
C GLN A 764 5.97 -34.92 -47.31
N ARG A 765 7.27 -34.98 -47.60
CA ARG A 765 7.98 -36.21 -47.98
C ARG A 765 9.05 -36.72 -47.02
N GLU A 766 9.15 -36.19 -45.81
CA GLU A 766 10.18 -36.70 -44.91
C GLU A 766 9.79 -38.09 -44.38
N ASN A 767 10.82 -38.90 -44.06
CA ASN A 767 10.66 -40.19 -43.40
C ASN A 767 9.67 -40.07 -42.24
N PRO A 768 8.50 -40.69 -42.33
CA PRO A 768 7.43 -40.42 -41.37
C PRO A 768 7.46 -41.28 -40.12
N PHE A 769 8.65 -41.67 -39.65
CA PHE A 769 8.72 -42.61 -38.54
C PHE A 769 8.08 -42.03 -37.27
N TYR A 770 8.20 -40.73 -37.05
CA TYR A 770 7.62 -40.12 -35.86
C TYR A 770 6.10 -40.15 -35.92
N VAL A 771 5.52 -39.50 -36.93
CA VAL A 771 4.06 -39.35 -36.97
C VAL A 771 3.40 -40.72 -37.11
N ASP A 772 4.06 -41.67 -37.79
CA ASP A 772 3.53 -43.03 -37.85
C ASP A 772 3.47 -43.66 -36.46
N THR A 773 4.45 -43.35 -35.60
CA THR A 773 4.39 -43.82 -34.21
C THR A 773 3.18 -43.24 -33.51
N VAL A 774 2.88 -41.96 -33.75
CA VAL A 774 1.70 -41.33 -33.17
C VAL A 774 0.45 -41.97 -33.73
N LYS A 775 0.42 -42.14 -35.07
CA LYS A 775 -0.70 -42.84 -35.70
C LYS A 775 -0.95 -44.19 -35.06
N SER A 776 0.11 -44.97 -34.82
CA SER A 776 -0.09 -46.29 -34.23
C SER A 776 -0.64 -46.18 -32.81
N PHE A 777 -0.11 -45.26 -32.01
CA PHE A 777 -0.54 -45.20 -30.61
C PHE A 777 -1.94 -44.62 -30.48
N ARG A 778 -2.30 -43.66 -31.35
CA ARG A 778 -3.68 -43.23 -31.41
C ARG A 778 -4.61 -44.41 -31.64
N ASP A 779 -4.36 -45.19 -32.70
CA ASP A 779 -5.18 -46.35 -32.98
C ASP A 779 -5.22 -47.32 -31.81
N ARG A 780 -4.11 -47.44 -31.09
CA ARG A 780 -4.08 -48.27 -29.88
C ARG A 780 -5.08 -47.77 -28.84
N ARG A 781 -5.14 -46.45 -28.65
CA ARG A 781 -6.09 -45.88 -27.69
C ARG A 781 -7.53 -46.03 -28.18
N TYR A 782 -7.78 -45.63 -29.44
CA TYR A 782 -9.12 -45.74 -30.03
C TYR A 782 -9.72 -47.11 -29.81
N GLU A 783 -8.88 -48.16 -29.79
CA GLU A 783 -9.35 -49.49 -29.44
C GLU A 783 -10.17 -49.46 -28.16
N PHE A 784 -9.62 -48.86 -27.11
CA PHE A 784 -10.28 -48.93 -25.79
C PHE A 784 -11.40 -47.89 -25.67
N LYS A 785 -11.24 -46.73 -26.27
CA LYS A 785 -12.27 -45.68 -26.23
C LYS A 785 -13.52 -46.21 -26.92
N GLY A 786 -13.33 -47.00 -27.96
CA GLY A 786 -14.48 -47.60 -28.67
C GLY A 786 -15.10 -48.72 -27.88
N LEU A 787 -14.28 -49.49 -27.18
CA LEU A 787 -14.90 -50.52 -26.34
C LEU A 787 -15.68 -49.90 -25.19
N ALA A 788 -15.16 -48.84 -24.59
CA ALA A 788 -15.92 -48.09 -23.60
C ALA A 788 -17.26 -47.67 -24.18
N LYS A 789 -17.25 -47.12 -25.40
CA LYS A 789 -18.48 -46.69 -26.05
C LYS A 789 -19.38 -47.87 -26.41
N THR A 790 -18.80 -49.02 -26.74
CA THR A 790 -19.62 -50.20 -26.99
C THR A 790 -20.38 -50.62 -25.73
N TRP A 791 -19.65 -50.75 -24.62
CA TRP A 791 -20.27 -51.21 -23.39
C TRP A 791 -21.17 -50.16 -22.76
N LYS A 792 -20.88 -48.88 -22.98
CA LYS A 792 -21.83 -47.84 -22.59
C LYS A 792 -23.14 -47.99 -23.35
N GLY A 793 -23.09 -48.56 -24.55
CA GLY A 793 -24.29 -48.87 -25.29
C GLY A 793 -24.96 -50.13 -24.77
N ASN A 794 -24.16 -51.15 -24.43
CA ASN A 794 -24.71 -52.41 -23.96
C ASN A 794 -25.46 -52.24 -22.65
N LEU A 795 -24.94 -51.39 -21.76
CA LEU A 795 -25.63 -51.14 -20.50
C LEU A 795 -26.99 -50.49 -20.73
N SER A 796 -27.12 -49.72 -21.82
CA SER A 796 -28.42 -49.19 -22.19
C SER A 796 -29.37 -50.32 -22.58
N LYS A 797 -28.85 -51.38 -23.20
CA LYS A 797 -29.70 -52.49 -23.63
C LYS A 797 -30.04 -53.41 -22.45
N ILE A 798 -29.13 -53.54 -21.48
CA ILE A 798 -29.37 -54.35 -20.31
C ILE A 798 -30.67 -53.90 -19.66
N ASP A 799 -31.42 -54.86 -19.09
CA ASP A 799 -32.70 -54.49 -18.55
C ASP A 799 -32.49 -54.08 -17.11
N PRO A 800 -33.25 -53.11 -16.60
CA PRO A 800 -32.98 -52.62 -15.23
C PRO A 800 -32.96 -53.72 -14.17
N SER A 801 -33.69 -54.80 -14.39
CA SER A 801 -33.81 -55.85 -13.35
C SER A 801 -32.55 -56.72 -13.28
N ASP A 802 -31.84 -56.88 -14.39
CA ASP A 802 -30.69 -57.81 -14.38
C ASP A 802 -29.52 -57.09 -13.76
N LYS A 803 -29.49 -57.08 -12.43
CA LYS A 803 -28.45 -56.32 -11.74
C LYS A 803 -27.08 -56.88 -12.09
N HIS A 804 -26.95 -58.20 -12.17
CA HIS A 804 -25.59 -58.74 -12.40
C HIS A 804 -25.10 -58.22 -13.75
N ALA A 805 -25.96 -58.29 -14.75
CA ALA A 805 -25.56 -57.83 -16.08
C ALA A 805 -25.29 -56.34 -16.01
N ARG A 806 -26.16 -55.63 -15.34
CA ARG A 806 -25.99 -54.16 -15.31
C ARG A 806 -24.66 -53.91 -14.62
N ASP A 807 -24.41 -54.66 -13.56
CA ASP A 807 -23.18 -54.44 -12.78
C ASP A 807 -21.95 -54.76 -13.63
N GLU A 808 -21.96 -55.87 -14.35
CA GLU A 808 -20.74 -56.27 -15.08
C GLU A 808 -20.43 -55.24 -16.15
N ALA A 809 -21.46 -54.78 -16.85
CA ALA A 809 -21.22 -53.83 -17.94
C ALA A 809 -20.65 -52.56 -17.34
N LYS A 810 -21.27 -52.11 -16.26
CA LYS A 810 -20.79 -50.89 -15.61
C LYS A 810 -19.36 -51.16 -15.19
N LYS A 811 -19.09 -52.40 -14.79
CA LYS A 811 -17.71 -52.74 -14.45
C LYS A 811 -16.81 -52.76 -15.69
N MET A 812 -17.37 -53.12 -16.84
CA MET A 812 -16.58 -53.07 -18.07
C MET A 812 -16.35 -51.62 -18.50
N ILE A 813 -17.34 -50.76 -18.28
CA ILE A 813 -17.22 -49.35 -18.68
C ILE A 813 -16.09 -48.67 -17.92
N VAL A 814 -16.07 -48.84 -16.59
CA VAL A 814 -15.00 -48.22 -15.82
C VAL A 814 -13.66 -48.85 -16.17
N LEU A 815 -13.67 -50.11 -16.61
CA LEU A 815 -12.44 -50.79 -16.98
C LEU A 815 -11.83 -50.14 -18.21
N TYR A 816 -12.65 -49.98 -19.26
CA TYR A 816 -12.16 -49.44 -20.52
C TYR A 816 -11.97 -47.93 -20.48
N ASP A 817 -12.82 -47.21 -19.74
CA ASP A 817 -12.56 -45.79 -19.52
C ASP A 817 -11.21 -45.60 -18.84
N SER A 818 -10.89 -46.45 -17.86
CA SER A 818 -9.57 -46.40 -17.24
C SER A 818 -8.48 -46.65 -18.27
N LEU A 819 -8.59 -47.76 -19.00
CA LEU A 819 -7.57 -48.10 -19.99
C LEU A 819 -7.44 -47.03 -21.05
N GLN A 820 -8.57 -46.49 -21.54
CA GLN A 820 -8.45 -45.51 -22.61
C GLN A 820 -7.95 -44.17 -22.09
N LEU A 821 -8.23 -43.83 -20.83
CA LEU A 821 -7.67 -42.61 -20.26
C LEU A 821 -6.19 -42.78 -19.96
N ALA A 822 -5.78 -43.96 -19.49
CA ALA A 822 -4.36 -44.18 -19.19
C ALA A 822 -3.50 -44.04 -20.44
N HIS A 823 -4.05 -44.37 -21.61
CA HIS A 823 -3.33 -44.15 -22.87
C HIS A 823 -3.38 -42.70 -23.33
N LYS A 824 -4.38 -41.94 -22.88
CA LYS A 824 -4.56 -40.57 -23.36
C LYS A 824 -3.35 -39.71 -23.07
N VAL A 825 -2.84 -39.79 -21.83
CA VAL A 825 -1.72 -38.93 -21.43
C VAL A 825 -0.46 -39.31 -22.19
N ILE A 826 -0.15 -40.60 -22.24
CA ILE A 826 0.97 -41.07 -23.08
C ILE A 826 0.77 -40.59 -24.51
N LEU A 827 -0.44 -40.76 -25.04
CA LEU A 827 -0.71 -40.30 -26.40
C LEU A 827 -0.39 -38.81 -26.56
N ASN A 828 -1.10 -37.95 -25.81
CA ASN A 828 -0.88 -36.51 -25.96
C ASN A 828 0.55 -36.09 -25.61
N SER A 829 1.30 -36.92 -24.87
CA SER A 829 2.71 -36.62 -24.62
C SER A 829 3.57 -36.72 -25.88
N PHE A 830 3.09 -37.37 -26.94
CA PHE A 830 3.81 -37.30 -28.21
C PHE A 830 3.82 -35.88 -28.74
N TYR A 831 2.81 -35.08 -28.38
CA TYR A 831 2.81 -33.67 -28.72
C TYR A 831 3.69 -32.88 -27.76
N GLY A 832 3.56 -33.15 -26.45
CA GLY A 832 4.42 -32.48 -25.49
C GLY A 832 5.89 -32.74 -25.72
N TYR A 833 6.23 -33.99 -26.11
CA TYR A 833 7.62 -34.43 -26.12
C TYR A 833 8.54 -33.48 -26.89
N VAL A 834 8.04 -32.81 -27.92
CA VAL A 834 8.90 -31.97 -28.75
C VAL A 834 9.21 -30.63 -28.13
N MET A 835 8.69 -30.36 -26.93
CA MET A 835 9.09 -29.22 -26.13
C MET A 835 9.83 -29.63 -24.86
N ARG A 836 9.87 -30.93 -24.58
CA ARG A 836 10.46 -31.45 -23.35
C ARG A 836 11.96 -31.20 -23.33
N LYS A 837 12.50 -31.04 -22.12
CA LYS A 837 13.93 -30.85 -21.96
C LYS A 837 14.65 -32.18 -22.12
N GLY A 838 15.77 -32.15 -22.85
CA GLY A 838 16.42 -33.39 -23.24
C GLY A 838 15.72 -34.14 -24.35
N SER A 839 14.77 -33.51 -25.03
CA SER A 839 14.08 -34.14 -26.13
C SER A 839 15.06 -34.46 -27.26
N ARG A 840 15.03 -35.71 -27.73
CA ARG A 840 15.81 -36.07 -28.90
C ARG A 840 15.20 -35.55 -30.20
N TRP A 841 13.95 -35.05 -30.16
CA TRP A 841 13.26 -34.55 -31.35
C TRP A 841 12.52 -33.26 -30.98
N TYR A 842 13.28 -32.20 -30.72
CA TYR A 842 12.74 -30.93 -30.28
C TYR A 842 12.32 -30.09 -31.48
N SER A 843 11.12 -29.49 -31.41
CA SER A 843 10.72 -28.51 -32.41
C SER A 843 9.63 -27.61 -31.81
N MET A 844 10.01 -26.38 -31.44
CA MET A 844 9.01 -25.42 -30.97
C MET A 844 8.01 -25.11 -32.08
N GLU A 845 8.50 -24.92 -33.30
CA GLU A 845 7.63 -24.69 -34.47
C GLU A 845 6.51 -25.72 -34.54
N MET A 846 6.86 -27.00 -34.42
CA MET A 846 5.93 -28.08 -34.71
C MET A 846 4.81 -28.10 -33.69
N ALA A 847 5.14 -27.82 -32.42
CA ALA A 847 4.14 -27.69 -31.38
C ALA A 847 3.27 -26.45 -31.59
N GLY A 848 3.91 -25.32 -31.92
CA GLY A 848 3.15 -24.12 -32.24
C GLY A 848 2.14 -24.33 -33.34
N ILE A 849 2.54 -25.01 -34.42
CA ILE A 849 1.62 -25.14 -35.54
C ILE A 849 0.46 -26.07 -35.17
N THR A 850 0.72 -27.09 -34.34
CA THR A 850 -0.36 -27.93 -33.84
C THR A 850 -1.40 -27.11 -33.09
N CYS A 851 -0.94 -26.24 -32.18
CA CYS A 851 -1.88 -25.44 -31.40
C CYS A 851 -2.65 -24.48 -32.28
N LEU A 852 -1.96 -23.72 -33.13
CA LEU A 852 -2.64 -22.68 -33.89
C LEU A 852 -3.67 -23.27 -34.84
N THR A 853 -3.35 -24.40 -35.48
CA THR A 853 -4.34 -25.08 -36.31
C THR A 853 -5.58 -25.41 -35.51
N GLY A 854 -5.39 -25.98 -34.31
CA GLY A 854 -6.54 -26.30 -33.46
C GLY A 854 -7.35 -25.08 -33.08
N ALA A 855 -6.67 -23.95 -32.86
CA ALA A 855 -7.40 -22.71 -32.56
C ALA A 855 -8.25 -22.28 -33.74
N THR A 856 -7.75 -22.49 -34.96
CA THR A 856 -8.52 -22.14 -36.15
C THR A 856 -9.72 -23.05 -36.30
N ILE A 857 -9.58 -24.34 -36.00
CA ILE A 857 -10.67 -25.26 -36.25
C ILE A 857 -11.79 -25.05 -35.22
N ILE A 858 -11.43 -24.87 -33.94
CA ILE A 858 -12.46 -24.68 -32.93
C ILE A 858 -13.21 -23.39 -33.15
N GLN A 859 -12.55 -22.36 -33.68
CA GLN A 859 -13.20 -21.07 -33.84
C GLN A 859 -14.10 -21.03 -35.06
N MET A 860 -13.76 -21.75 -36.14
CA MET A 860 -14.69 -21.84 -37.26
C MET A 860 -15.95 -22.59 -36.86
N ALA A 861 -15.80 -23.64 -36.04
CA ALA A 861 -16.96 -24.33 -35.52
C ALA A 861 -17.83 -23.41 -34.67
N ARG A 862 -17.19 -22.62 -33.80
CA ARG A 862 -17.95 -21.73 -32.94
C ARG A 862 -18.68 -20.66 -33.74
N ALA A 863 -18.07 -20.20 -34.83
CA ALA A 863 -18.73 -19.18 -35.66
C ALA A 863 -20.07 -19.67 -36.17
N LEU A 864 -20.15 -20.94 -36.57
CA LEU A 864 -21.39 -21.44 -37.15
C LEU A 864 -22.44 -21.70 -36.06
N VAL A 865 -22.05 -22.35 -34.97
CA VAL A 865 -23.01 -22.57 -33.90
C VAL A 865 -23.48 -21.24 -33.32
N GLU A 866 -22.63 -20.21 -33.36
CA GLU A 866 -23.07 -18.86 -33.01
C GLU A 866 -24.25 -18.43 -33.87
N ARG A 867 -24.15 -18.65 -35.18
CA ARG A 867 -25.19 -18.19 -36.10
C ARG A 867 -26.46 -19.01 -35.95
N VAL A 868 -26.34 -20.25 -35.50
CA VAL A 868 -27.48 -21.17 -35.44
C VAL A 868 -27.82 -21.54 -34.01
N GLY A 869 -26.96 -21.26 -33.06
CA GLY A 869 -27.35 -21.47 -31.68
C GLY A 869 -26.66 -20.50 -30.76
N ARG A 870 -26.58 -20.87 -29.49
CA ARG A 870 -25.92 -20.02 -28.48
C ARG A 870 -24.85 -20.83 -27.73
N PRO A 871 -23.58 -20.77 -28.17
CA PRO A 871 -22.47 -21.44 -27.46
C PRO A 871 -22.32 -20.91 -26.05
N LEU A 872 -21.91 -21.80 -25.15
CA LEU A 872 -21.81 -21.49 -23.73
C LEU A 872 -20.37 -21.42 -23.26
N GLU A 873 -19.60 -22.51 -23.36
CA GLU A 873 -18.15 -22.42 -23.16
C GLU A 873 -17.44 -23.10 -24.33
N LEU A 874 -16.22 -22.64 -24.59
CA LEU A 874 -15.30 -23.21 -25.56
C LEU A 874 -13.94 -23.45 -24.92
N ASP A 875 -13.37 -24.65 -25.14
CA ASP A 875 -12.05 -24.96 -24.57
C ASP A 875 -11.22 -25.87 -25.46
N THR A 876 -10.37 -25.25 -26.30
CA THR A 876 -9.36 -25.91 -27.12
C THR A 876 -9.99 -26.70 -28.26
N ASP A 877 -10.77 -27.73 -27.92
CA ASP A 877 -11.42 -28.55 -28.92
C ASP A 877 -12.90 -28.79 -28.64
N GLY A 878 -13.38 -28.40 -27.46
CA GLY A 878 -14.74 -28.69 -27.04
C GLY A 878 -15.61 -27.45 -27.00
N ILE A 879 -16.87 -27.62 -27.37
CA ILE A 879 -17.88 -26.58 -27.32
C ILE A 879 -19.11 -27.10 -26.62
N TRP A 880 -19.50 -26.43 -25.54
CA TRP A 880 -20.80 -26.59 -24.93
C TRP A 880 -21.71 -25.52 -25.51
N CYS A 881 -22.84 -25.95 -26.08
CA CYS A 881 -23.77 -25.02 -26.69
C CYS A 881 -25.19 -25.52 -26.47
N ILE A 882 -26.15 -24.63 -26.66
CA ILE A 882 -27.55 -24.98 -26.69
C ILE A 882 -28.07 -24.78 -28.10
N LEU A 883 -29.14 -25.49 -28.43
CA LEU A 883 -29.72 -25.44 -29.76
C LEU A 883 -31.23 -25.50 -29.63
N PRO A 884 -31.95 -24.87 -30.56
CA PRO A 884 -33.42 -25.02 -30.57
C PRO A 884 -33.80 -26.49 -30.68
N LYS A 885 -34.81 -26.88 -29.88
CA LYS A 885 -35.35 -28.25 -29.93
C LYS A 885 -35.61 -28.67 -31.36
N SER A 886 -36.01 -27.73 -32.20
CA SER A 886 -36.38 -27.98 -33.58
C SER A 886 -35.19 -27.95 -34.54
N PHE A 887 -33.97 -27.91 -33.99
CA PHE A 887 -32.78 -27.99 -34.87
C PHE A 887 -32.59 -29.45 -35.26
N PRO A 888 -32.18 -29.75 -36.50
CA PRO A 888 -32.08 -31.13 -36.94
C PRO A 888 -31.14 -31.87 -35.98
N GLU A 889 -31.56 -33.04 -35.50
CA GLU A 889 -30.78 -33.75 -34.45
C GLU A 889 -30.18 -35.08 -34.88
N THR A 890 -30.90 -36.18 -34.61
CA THR A 890 -30.33 -37.53 -34.87
C THR A 890 -31.21 -38.24 -35.90
N TYR A 891 -30.58 -38.92 -36.85
CA TYR A 891 -31.27 -39.69 -37.89
C TYR A 891 -30.50 -40.97 -38.15
N PHE A 892 -31.22 -42.04 -38.51
CA PHE A 892 -30.61 -43.35 -38.63
C PHE A 892 -30.81 -43.82 -40.06
N PHE A 893 -29.73 -43.96 -40.82
CA PHE A 893 -29.86 -44.49 -42.18
C PHE A 893 -30.24 -45.97 -42.15
N THR A 894 -30.85 -46.44 -43.23
CA THR A 894 -31.22 -47.85 -43.38
C THR A 894 -30.50 -48.44 -44.59
N LEU A 895 -29.83 -49.57 -44.37
CA LEU A 895 -28.99 -50.19 -45.38
C LEU A 895 -29.70 -51.37 -46.04
N GLU A 896 -29.21 -51.73 -47.24
CA GLU A 896 -29.63 -52.93 -47.93
C GLU A 896 -29.56 -54.13 -46.99
N ASN A 897 -28.53 -54.17 -46.15
CA ASN A 897 -28.31 -55.22 -45.17
C ASN A 897 -29.34 -55.22 -44.04
N GLY A 898 -30.26 -54.25 -44.01
CA GLY A 898 -31.05 -54.00 -42.83
C GLY A 898 -30.33 -53.26 -41.74
N LYS A 899 -29.00 -53.14 -41.83
CA LYS A 899 -28.23 -52.43 -40.83
C LYS A 899 -28.53 -50.94 -40.85
N LYS A 900 -28.17 -50.27 -39.76
CA LYS A 900 -28.44 -48.85 -39.59
C LYS A 900 -27.15 -48.09 -39.35
N LEU A 901 -27.12 -46.85 -39.80
CA LEU A 901 -25.97 -45.96 -39.65
C LEU A 901 -26.37 -44.75 -38.83
N TYR A 902 -25.62 -44.46 -37.77
CA TYR A 902 -25.93 -43.34 -36.88
C TYR A 902 -25.52 -42.02 -37.52
N LEU A 903 -26.40 -41.03 -37.46
CA LEU A 903 -26.14 -39.70 -37.99
C LEU A 903 -26.61 -38.66 -36.99
N SER A 904 -25.67 -37.85 -36.49
CA SER A 904 -26.01 -36.63 -35.77
C SER A 904 -25.75 -35.47 -36.71
N TYR A 905 -26.83 -34.85 -37.21
CA TYR A 905 -26.66 -33.72 -38.12
C TYR A 905 -25.79 -32.61 -37.55
N PRO A 906 -25.99 -32.13 -36.30
CA PRO A 906 -25.10 -31.08 -35.80
C PRO A 906 -23.64 -31.48 -35.80
N CYS A 907 -23.34 -32.78 -35.70
CA CYS A 907 -21.96 -33.22 -35.75
C CYS A 907 -21.43 -33.25 -37.18
N SER A 908 -22.19 -33.85 -38.09
CA SER A 908 -21.73 -34.03 -39.45
C SER A 908 -21.74 -32.74 -40.26
N MET A 909 -22.52 -31.74 -39.86
CA MET A 909 -22.45 -30.43 -40.50
C MET A 909 -21.14 -29.74 -40.18
N LEU A 910 -20.66 -29.89 -38.95
CA LEU A 910 -19.32 -29.42 -38.60
C LEU A 910 -18.26 -30.25 -39.31
N ASN A 911 -18.37 -31.57 -39.21
CA ASN A 911 -17.34 -32.46 -39.73
C ASN A 911 -17.17 -32.29 -41.23
N TYR A 912 -18.20 -31.83 -41.93
CA TYR A 912 -18.08 -31.61 -43.37
C TYR A 912 -17.28 -30.35 -43.68
N ARG A 913 -17.41 -29.31 -42.87
CA ARG A 913 -16.72 -28.06 -43.14
C ARG A 913 -15.25 -28.10 -42.75
N VAL A 914 -14.94 -28.77 -41.63
CA VAL A 914 -13.54 -29.02 -41.27
C VAL A 914 -12.84 -29.86 -42.33
N HIS A 915 -13.51 -30.89 -42.84
CA HIS A 915 -12.94 -31.68 -43.92
C HIS A 915 -12.89 -30.99 -45.27
N GLN A 916 -13.55 -29.85 -45.37
CA GLN A 916 -13.52 -29.07 -46.63
C GLN A 916 -12.51 -27.92 -46.49
N LYS A 917 -12.15 -27.55 -45.26
CA LYS A 917 -11.25 -26.38 -45.08
C LYS A 917 -9.94 -26.75 -44.40
N PHE A 918 -9.80 -27.98 -43.90
CA PHE A 918 -8.57 -28.32 -43.12
C PHE A 918 -8.02 -29.68 -43.53
N THR A 919 -8.18 -30.05 -44.79
CA THR A 919 -7.70 -31.32 -45.33
C THR A 919 -6.33 -31.12 -45.96
N ASN A 920 -5.42 -32.07 -45.74
CA ASN A 920 -4.07 -31.99 -46.30
C ASN A 920 -4.04 -32.74 -47.62
N HIS A 921 -4.14 -31.99 -48.72
CA HIS A 921 -4.05 -32.55 -50.06
C HIS A 921 -2.62 -32.76 -50.53
N GLN A 922 -1.63 -32.51 -49.66
CA GLN A 922 -0.22 -32.63 -50.02
C GLN A 922 0.46 -33.79 -49.30
N TYR A 923 -0.30 -34.70 -48.69
CA TYR A 923 0.29 -35.82 -47.98
C TYR A 923 0.96 -36.78 -48.95
N GLN A 924 2.25 -37.04 -48.76
CA GLN A 924 3.03 -37.88 -49.64
C GLN A 924 3.56 -39.11 -48.90
N GLU A 925 3.56 -40.25 -49.58
CA GLU A 925 4.22 -41.47 -49.13
C GLU A 925 4.90 -42.22 -50.26
N LEU A 926 5.96 -42.94 -49.86
CA LEU A 926 6.70 -43.82 -50.75
C LEU A 926 5.79 -44.95 -51.24
N LYS A 927 5.57 -44.98 -52.55
CA LYS A 927 4.89 -46.09 -53.18
C LYS A 927 5.87 -47.18 -53.58
N ASP A 928 7.01 -46.79 -54.13
CA ASP A 928 8.08 -47.71 -54.52
C ASP A 928 9.38 -47.30 -53.83
N PRO A 929 9.82 -48.03 -52.80
CA PRO A 929 11.08 -47.65 -52.13
C PRO A 929 12.32 -47.95 -52.94
N LEU A 930 12.25 -48.88 -53.90
CA LEU A 930 13.45 -49.24 -54.65
C LEU A 930 13.87 -48.13 -55.61
N ASN A 931 12.90 -47.44 -56.20
CA ASN A 931 13.20 -46.33 -57.11
C ASN A 931 12.70 -44.99 -56.57
N TYR A 932 12.20 -44.94 -55.33
CA TYR A 932 11.88 -43.70 -54.63
C TYR A 932 10.78 -42.91 -55.34
N ILE A 933 9.64 -43.58 -55.55
CA ILE A 933 8.46 -42.95 -56.12
C ILE A 933 7.47 -42.68 -55.02
N TYR A 934 7.06 -41.42 -54.91
CA TYR A 934 6.05 -40.99 -53.95
C TYR A 934 4.73 -40.74 -54.67
N GLU A 935 3.63 -40.95 -53.96
CA GLU A 935 2.31 -40.51 -54.39
C GLU A 935 1.83 -39.40 -53.45
N THR A 936 1.28 -38.34 -54.03
CA THR A 936 0.77 -37.19 -53.29
C THR A 936 -0.70 -37.40 -52.98
N HIS A 937 -1.16 -36.87 -51.84
CA HIS A 937 -2.45 -37.41 -51.46
C HIS A 937 -3.13 -36.63 -50.34
N SER A 938 -4.46 -36.83 -50.22
CA SER A 938 -5.35 -36.06 -49.35
C SER A 938 -5.68 -36.84 -48.08
N GLU A 939 -5.33 -36.26 -46.93
CA GLU A 939 -5.53 -36.88 -45.62
C GLU A 939 -6.26 -35.91 -44.69
N ASN A 940 -7.12 -36.47 -43.84
CA ASN A 940 -7.81 -35.71 -42.80
C ASN A 940 -8.54 -36.64 -41.83
N THR A 941 -8.10 -36.67 -40.57
CA THR A 941 -8.71 -37.53 -39.56
C THR A 941 -9.19 -36.70 -38.37
N ILE A 942 -9.70 -35.50 -38.64
CA ILE A 942 -10.20 -34.59 -37.62
C ILE A 942 -11.72 -34.72 -37.59
N PHE A 943 -12.26 -35.25 -36.49
CA PHE A 943 -13.71 -35.43 -36.38
C PHE A 943 -14.22 -34.96 -35.03
N PHE A 944 -15.27 -34.15 -35.05
CA PHE A 944 -16.03 -33.86 -33.84
C PHE A 944 -16.86 -35.08 -33.45
N GLU A 945 -17.05 -35.26 -32.15
CA GLU A 945 -17.88 -36.32 -31.59
C GLU A 945 -18.85 -35.69 -30.59
N VAL A 946 -20.07 -36.20 -30.54
CA VAL A 946 -21.13 -35.55 -29.78
C VAL A 946 -21.43 -36.40 -28.56
N ASP A 947 -21.63 -35.73 -27.44
CA ASP A 947 -22.28 -36.27 -26.26
C ASP A 947 -23.42 -35.35 -25.86
N GLY A 948 -24.59 -35.95 -25.57
CA GLY A 948 -25.78 -35.22 -25.25
C GLY A 948 -27.03 -35.93 -25.74
N PRO A 949 -28.19 -35.27 -25.65
CA PRO A 949 -28.42 -33.96 -25.00
C PRO A 949 -28.50 -34.08 -23.49
N TYR A 950 -28.08 -33.04 -22.77
CA TYR A 950 -28.01 -33.10 -21.33
C TYR A 950 -29.20 -32.40 -20.68
N LYS A 951 -29.45 -32.73 -19.42
CA LYS A 951 -30.60 -32.17 -18.71
C LYS A 951 -30.34 -30.73 -18.29
N ALA A 952 -29.18 -30.47 -17.68
CA ALA A 952 -28.89 -29.15 -17.16
C ALA A 952 -27.41 -28.85 -17.30
N MET A 953 -27.10 -27.58 -17.51
CA MET A 953 -25.74 -27.07 -17.40
C MET A 953 -25.75 -25.78 -16.60
N ILE A 954 -24.74 -25.59 -15.76
CA ILE A 954 -24.66 -24.47 -14.83
C ILE A 954 -23.28 -23.84 -14.97
N LEU A 955 -23.23 -22.62 -15.50
CA LEU A 955 -21.97 -21.92 -15.67
C LEU A 955 -21.87 -20.77 -14.67
N PRO A 956 -20.76 -20.64 -13.96
CA PRO A 956 -20.56 -19.49 -13.08
C PRO A 956 -20.13 -18.26 -13.86
N SER A 957 -20.36 -17.10 -13.25
CA SER A 957 -19.95 -15.83 -13.82
C SER A 957 -19.00 -15.11 -12.88
N SER A 958 -18.18 -14.23 -13.44
CA SER A 958 -17.14 -13.62 -12.63
C SER A 958 -17.70 -12.45 -11.84
N LYS A 959 -16.99 -12.09 -10.78
CA LYS A 959 -17.35 -10.93 -9.99
C LYS A 959 -17.01 -9.63 -10.72
N GLU A 960 -16.15 -9.69 -11.73
CA GLU A 960 -15.70 -8.52 -12.45
C GLU A 960 -16.57 -8.27 -13.68
N GLU A 961 -16.72 -6.99 -14.03
CA GLU A 961 -17.64 -6.61 -15.11
C GLU A 961 -17.12 -7.08 -16.46
N GLY A 962 -18.03 -7.65 -17.26
CA GLY A 962 -17.74 -8.05 -18.63
C GLY A 962 -16.98 -9.35 -18.76
N LYS A 963 -16.71 -9.99 -17.63
CA LYS A 963 -15.83 -11.17 -17.67
C LYS A 963 -16.60 -12.43 -17.29
N GLY A 964 -16.03 -13.58 -17.62
CA GLY A 964 -16.68 -14.86 -17.32
C GLY A 964 -15.70 -15.81 -16.67
N ILE A 965 -16.19 -16.88 -16.07
CA ILE A 965 -15.25 -17.89 -15.52
C ILE A 965 -15.15 -18.98 -16.56
N LYS A 966 -13.94 -19.40 -16.85
CA LYS A 966 -13.71 -20.48 -17.84
C LYS A 966 -13.18 -21.70 -17.12
N LYS A 967 -13.38 -22.89 -17.70
CA LYS A 967 -12.80 -24.14 -17.13
C LYS A 967 -13.54 -24.54 -15.87
N ARG A 968 -14.76 -24.07 -15.71
CA ARG A 968 -15.58 -24.42 -14.52
C ARG A 968 -17.04 -24.46 -14.93
N TYR A 969 -17.74 -25.53 -14.58
CA TYR A 969 -19.17 -25.68 -14.85
C TYR A 969 -19.63 -27.04 -14.31
N ALA A 970 -20.95 -27.23 -14.31
CA ALA A 970 -21.58 -28.48 -13.91
C ALA A 970 -22.64 -28.89 -14.92
N VAL A 971 -22.67 -30.18 -15.25
CA VAL A 971 -23.56 -30.74 -16.27
C VAL A 971 -24.29 -31.93 -15.66
N PHE A 972 -25.55 -32.12 -16.08
CA PHE A 972 -26.38 -33.17 -15.52
C PHE A 972 -27.05 -33.98 -16.62
N ASN A 973 -27.12 -35.29 -16.42
CA ASN A 973 -27.79 -36.18 -17.35
C ASN A 973 -29.30 -36.14 -17.14
N GLU A 974 -30.01 -36.75 -18.08
CA GLU A 974 -31.47 -36.74 -18.03
C GLU A 974 -31.99 -37.39 -16.76
N ASP A 975 -31.34 -38.45 -16.29
CA ASP A 975 -31.77 -39.16 -15.09
C ASP A 975 -31.44 -38.42 -13.79
N GLY A 976 -30.88 -37.22 -13.87
CA GLY A 976 -30.56 -36.44 -12.69
C GLY A 976 -29.15 -36.63 -12.16
N SER A 977 -28.42 -37.63 -12.65
CA SER A 977 -27.07 -37.89 -12.15
C SER A 977 -26.10 -36.84 -12.65
N LEU A 978 -25.05 -36.60 -11.87
CA LEU A 978 -24.06 -35.60 -12.23
C LEU A 978 -23.24 -36.10 -13.41
N ALA A 979 -23.33 -35.41 -14.54
CA ALA A 979 -22.50 -35.78 -15.69
C ALA A 979 -21.05 -35.39 -15.41
N GLU A 980 -20.79 -34.09 -15.37
CA GLU A 980 -19.40 -33.64 -15.17
C GLU A 980 -19.32 -32.44 -14.22
N LEU A 981 -18.29 -32.39 -13.39
CA LEU A 981 -18.03 -31.20 -12.53
C LEU A 981 -16.59 -30.81 -12.83
N LYS A 982 -16.35 -29.55 -13.17
CA LYS A 982 -14.99 -29.21 -13.63
C LYS A 982 -14.43 -27.94 -13.02
N GLY A 983 -13.16 -27.97 -12.66
CA GLY A 983 -12.47 -26.79 -12.18
C GLY A 983 -12.80 -26.41 -10.75
N PHE A 984 -14.03 -26.68 -10.30
CA PHE A 984 -14.52 -26.15 -9.04
C PHE A 984 -13.72 -26.67 -7.86
N GLU A 985 -13.72 -25.87 -6.78
CA GLU A 985 -13.00 -26.20 -5.56
C GLU A 985 -13.36 -27.58 -5.02
N LEU A 986 -14.62 -28.00 -5.18
CA LEU A 986 -15.05 -29.30 -4.71
C LEU A 986 -14.20 -30.42 -5.30
N LYS A 987 -13.63 -30.20 -6.48
CA LYS A 987 -12.81 -31.20 -7.15
C LYS A 987 -11.33 -31.11 -6.81
N ARG A 988 -10.85 -29.93 -6.41
CA ARG A 988 -9.44 -29.70 -6.24
C ARG A 988 -8.95 -30.19 -4.88
N ARG A 989 -7.63 -30.34 -4.77
CA ARG A 989 -7.04 -30.85 -3.54
C ARG A 989 -6.89 -29.71 -2.53
N GLY A 990 -7.21 -30.02 -1.27
CA GLY A 990 -7.22 -28.98 -0.27
C GLY A 990 -8.42 -28.09 -0.42
N GLU A 991 -8.18 -26.78 -0.58
CA GLU A 991 -9.25 -25.77 -0.59
C GLU A 991 -10.02 -25.74 0.73
N LEU A 992 -10.85 -24.72 0.91
CA LEU A 992 -11.57 -24.53 2.16
C LEU A 992 -12.80 -25.43 2.18
N GLN A 993 -12.89 -26.30 3.18
CA GLN A 993 -13.92 -27.34 3.19
C GLN A 993 -15.32 -26.75 3.16
N LEU A 994 -15.50 -25.54 3.70
CA LEU A 994 -16.80 -24.89 3.65
C LEU A 994 -17.29 -24.75 2.22
N ILE A 995 -16.45 -24.20 1.33
CA ILE A 995 -16.85 -24.02 -0.05
C ILE A 995 -16.98 -25.37 -0.75
N LYS A 996 -16.21 -26.36 -0.32
CA LYS A 996 -16.37 -27.72 -0.84
C LYS A 996 -17.76 -28.25 -0.52
N ASN A 997 -18.10 -28.36 0.77
CA ASN A 997 -19.42 -28.86 1.16
C ASN A 997 -20.53 -27.99 0.61
N PHE A 998 -20.29 -26.69 0.46
CA PHE A 998 -21.33 -25.80 -0.09
C PHE A 998 -21.62 -26.21 -1.52
N GLN A 999 -20.56 -26.30 -2.32
CA GLN A 999 -20.72 -26.64 -3.74
C GLN A 999 -21.33 -28.04 -3.83
N SER A 1000 -20.92 -28.93 -2.94
CA SER A 1000 -21.42 -30.31 -3.06
C SER A 1000 -22.95 -30.25 -2.93
N ASP A 1001 -23.45 -29.46 -1.98
CA ASP A 1001 -24.91 -29.37 -1.76
C ASP A 1001 -25.64 -28.58 -2.84
N ILE A 1002 -25.14 -27.43 -3.25
CA ILE A 1002 -25.92 -26.54 -4.17
C ILE A 1002 -26.12 -27.06 -5.58
N PHE A 1003 -25.11 -27.61 -6.22
CA PHE A 1003 -25.24 -27.92 -7.67
C PHE A 1003 -26.49 -28.75 -7.96
N LYS A 1004 -26.62 -29.90 -7.31
CA LYS A 1004 -27.78 -30.74 -7.54
C LYS A 1004 -29.10 -29.99 -7.38
N VAL A 1005 -29.10 -28.87 -6.66
CA VAL A 1005 -30.35 -28.18 -6.37
C VAL A 1005 -30.85 -27.42 -7.61
N PHE A 1006 -29.94 -27.03 -8.51
CA PHE A 1006 -30.35 -26.35 -9.74
C PHE A 1006 -31.29 -27.19 -10.59
N LEU A 1007 -31.54 -28.45 -10.23
CA LEU A 1007 -32.47 -29.27 -10.98
C LEU A 1007 -33.92 -29.08 -10.54
N GLU A 1008 -34.17 -28.45 -9.39
CA GLU A 1008 -35.53 -28.23 -8.90
C GLU A 1008 -36.14 -26.97 -9.52
N GLY A 1009 -37.36 -26.65 -9.08
CA GLY A 1009 -38.13 -25.54 -9.61
C GLY A 1009 -38.70 -25.86 -10.97
N ASP A 1010 -39.78 -25.18 -11.35
CA ASP A 1010 -40.27 -25.48 -12.68
C ASP A 1010 -40.12 -24.30 -13.61
N THR A 1011 -39.54 -23.22 -13.08
CA THR A 1011 -39.27 -22.02 -13.89
C THR A 1011 -37.86 -21.56 -13.52
N LEU A 1012 -37.23 -20.75 -14.37
CA LEU A 1012 -35.84 -20.37 -14.05
C LEU A 1012 -35.85 -19.64 -12.72
N GLU A 1013 -36.81 -18.75 -12.55
CA GLU A 1013 -36.91 -17.94 -11.31
C GLU A 1013 -37.16 -18.93 -10.18
N GLY A 1014 -37.94 -19.95 -10.45
CA GLY A 1014 -38.18 -20.97 -9.42
C GLY A 1014 -36.90 -21.68 -9.08
N CYS A 1015 -36.10 -21.99 -10.10
CA CYS A 1015 -34.86 -22.75 -9.84
C CYS A 1015 -33.93 -21.92 -8.97
N TYR A 1016 -33.76 -20.64 -9.31
CA TYR A 1016 -32.78 -19.83 -8.56
C TYR A 1016 -33.27 -19.76 -7.13
N SER A 1017 -34.58 -19.70 -6.98
CA SER A 1017 -35.16 -19.68 -5.62
C SER A 1017 -34.74 -20.94 -4.88
N ALA A 1018 -34.91 -22.10 -5.51
CA ALA A 1018 -34.64 -23.34 -4.80
C ALA A 1018 -33.18 -23.41 -4.35
N VAL A 1019 -32.26 -22.99 -5.21
CA VAL A 1019 -30.86 -22.90 -4.79
C VAL A 1019 -30.66 -21.79 -3.76
N ALA A 1020 -31.42 -20.69 -3.86
CA ALA A 1020 -31.30 -19.63 -2.86
C ALA A 1020 -31.58 -20.15 -1.45
N SER A 1021 -32.55 -21.06 -1.31
CA SER A 1021 -32.83 -21.63 0.00
C SER A 1021 -31.58 -22.27 0.59
N VAL A 1022 -30.83 -23.00 -0.23
CA VAL A 1022 -29.65 -23.71 0.26
C VAL A 1022 -28.58 -22.69 0.66
N CYS A 1023 -28.46 -21.62 -0.13
CA CYS A 1023 -27.47 -20.59 0.13
C CYS A 1023 -27.70 -19.91 1.47
N ASN A 1024 -28.95 -19.50 1.74
CA ASN A 1024 -29.24 -18.82 3.00
C ASN A 1024 -28.99 -19.73 4.20
N ARG A 1025 -29.26 -21.03 4.05
CA ARG A 1025 -28.98 -21.98 5.12
C ARG A 1025 -27.49 -22.03 5.42
N TRP A 1026 -26.67 -22.07 4.37
CA TRP A 1026 -25.22 -22.00 4.54
C TRP A 1026 -24.79 -20.61 5.02
N LEU A 1027 -25.50 -19.56 4.60
CA LEU A 1027 -25.20 -18.24 5.14
C LEU A 1027 -25.56 -18.16 6.61
N ASP A 1028 -26.51 -18.99 7.06
CA ASP A 1028 -26.98 -18.91 8.44
C ASP A 1028 -25.93 -19.41 9.41
N VAL A 1029 -25.30 -20.55 9.11
CA VAL A 1029 -24.32 -21.12 10.02
C VAL A 1029 -23.15 -20.16 10.25
N LEU A 1030 -22.86 -19.30 9.27
CA LEU A 1030 -21.74 -18.37 9.40
C LEU A 1030 -22.13 -17.09 10.13
N ASP A 1031 -23.32 -16.57 9.88
CA ASP A 1031 -23.81 -15.42 10.64
C ASP A 1031 -24.07 -15.76 12.10
N SER A 1032 -24.33 -17.03 12.40
CA SER A 1032 -24.49 -17.49 13.78
C SER A 1032 -23.16 -17.71 14.49
N HIS A 1033 -22.04 -17.36 13.84
CA HIS A 1033 -20.71 -17.62 14.39
C HIS A 1033 -20.55 -19.08 14.81
N GLY A 1034 -21.06 -19.98 13.98
CA GLY A 1034 -20.86 -21.41 14.15
C GLY A 1034 -21.38 -22.00 15.44
N LEU A 1035 -22.18 -21.25 16.19
CA LEU A 1035 -22.82 -21.77 17.41
C LEU A 1035 -23.82 -22.87 17.07
N MET A 1036 -23.96 -23.16 15.78
CA MET A 1036 -25.07 -23.94 15.25
C MET A 1036 -24.77 -25.43 15.12
N LEU A 1037 -23.49 -25.80 15.04
CA LEU A 1037 -23.09 -27.19 14.89
C LEU A 1037 -21.86 -27.47 15.73
N GLU A 1038 -21.74 -28.73 16.17
CA GLU A 1038 -20.86 -29.11 17.26
C GLU A 1038 -19.39 -28.94 16.88
N ASP A 1039 -18.52 -29.06 17.89
CA ASP A 1039 -17.13 -28.65 17.74
C ASP A 1039 -16.37 -29.53 16.75
N GLU A 1040 -16.39 -30.85 16.96
CA GLU A 1040 -15.66 -31.74 16.07
C GLU A 1040 -16.16 -31.63 14.64
N ASP A 1041 -17.42 -31.24 14.46
CA ASP A 1041 -17.98 -31.01 13.12
C ASP A 1041 -17.61 -29.62 12.60
N LEU A 1042 -17.30 -28.68 13.49
CA LEU A 1042 -16.90 -27.35 13.03
C LEU A 1042 -15.47 -27.34 12.50
N VAL A 1043 -14.58 -28.18 13.05
CA VAL A 1043 -13.19 -28.12 12.66
C VAL A 1043 -13.03 -28.55 11.20
N SER A 1044 -13.93 -29.42 10.74
CA SER A 1044 -13.86 -29.88 9.35
C SER A 1044 -14.37 -28.81 8.39
N LEU A 1045 -15.54 -28.24 8.68
CA LEU A 1045 -16.11 -27.23 7.78
C LEU A 1045 -15.22 -26.01 7.65
N ILE A 1046 -14.48 -25.67 8.70
CA ILE A 1046 -13.74 -24.41 8.74
C ILE A 1046 -12.26 -24.58 8.35
N CYS A 1047 -11.72 -25.79 8.42
CA CYS A 1047 -10.34 -26.02 8.04
C CYS A 1047 -10.12 -25.78 6.54
N GLU A 1048 -8.93 -25.28 6.22
CA GLU A 1048 -8.44 -25.22 4.85
C GLU A 1048 -7.12 -25.97 4.81
N ASN A 1049 -7.06 -27.01 3.98
CA ASN A 1049 -5.86 -27.79 3.80
C ASN A 1049 -5.17 -27.35 2.52
N ARG A 1050 -3.86 -27.20 2.57
CA ARG A 1050 -3.11 -26.80 1.38
C ARG A 1050 -1.75 -27.46 1.41
N SER A 1051 -1.40 -28.12 0.32
CA SER A 1051 -0.12 -28.79 0.23
C SER A 1051 0.96 -27.80 -0.19
N MET A 1052 2.20 -28.22 -0.02
CA MET A 1052 3.34 -27.34 -0.16
C MET A 1052 4.41 -28.12 -0.90
N SER A 1053 4.67 -27.70 -2.14
CA SER A 1053 5.44 -28.51 -3.08
C SER A 1053 6.81 -28.89 -2.53
N LYS A 1054 7.47 -27.95 -1.87
CA LYS A 1054 8.83 -28.06 -1.40
C LYS A 1054 8.83 -27.89 0.11
N THR A 1055 9.99 -28.08 0.71
CA THR A 1055 10.15 -27.81 2.13
C THR A 1055 10.16 -26.30 2.38
N LEU A 1056 9.70 -25.91 3.57
CA LEU A 1056 9.60 -24.49 3.89
C LEU A 1056 10.94 -23.78 3.77
N LYS A 1057 12.04 -24.47 4.03
CA LYS A 1057 13.37 -23.87 3.87
C LYS A 1057 13.61 -23.36 2.46
N GLU A 1058 12.82 -23.81 1.47
CA GLU A 1058 12.98 -23.40 0.09
C GLU A 1058 12.02 -22.30 -0.33
N TYR A 1059 11.40 -21.61 0.62
CA TYR A 1059 10.37 -20.64 0.28
C TYR A 1059 10.67 -19.22 0.76
N GLU A 1060 11.87 -18.92 1.27
CA GLU A 1060 12.00 -17.65 1.96
C GLU A 1060 11.89 -16.49 0.98
N GLY A 1061 11.62 -15.31 1.54
CA GLY A 1061 11.17 -14.19 0.74
C GLY A 1061 9.75 -14.28 0.25
N GLN A 1062 9.01 -15.32 0.66
CA GLN A 1062 7.63 -15.51 0.24
C GLN A 1062 6.74 -15.57 1.47
N LYS A 1063 5.51 -15.05 1.33
CA LYS A 1063 4.48 -15.12 2.36
C LYS A 1063 3.23 -15.77 1.80
N SER A 1064 2.65 -16.70 2.55
CA SER A 1064 1.40 -17.36 2.19
C SER A 1064 0.84 -18.03 3.43
N THR A 1065 -0.43 -18.44 3.35
CA THR A 1065 -1.06 -19.13 4.48
C THR A 1065 -0.41 -20.49 4.73
N SER A 1066 0.06 -21.16 3.69
CA SER A 1066 0.79 -22.40 3.87
C SER A 1066 2.13 -22.15 4.56
N ILE A 1067 2.85 -21.13 4.10
CA ILE A 1067 4.18 -20.84 4.64
C ILE A 1067 4.10 -20.50 6.12
N THR A 1068 3.10 -19.70 6.51
CA THR A 1068 2.92 -19.38 7.92
C THR A 1068 2.56 -20.64 8.70
N THR A 1069 1.61 -21.42 8.20
CA THR A 1069 1.15 -22.60 8.92
C THR A 1069 2.29 -23.59 9.08
N ALA A 1070 3.23 -23.59 8.14
CA ALA A 1070 4.38 -24.48 8.21
C ALA A 1070 5.35 -24.05 9.31
N ARG A 1071 5.62 -22.75 9.41
CA ARG A 1071 6.45 -22.24 10.51
C ARG A 1071 5.83 -22.57 11.85
N ARG A 1072 4.56 -22.21 12.03
CA ARG A 1072 3.91 -22.36 13.33
C ARG A 1072 3.80 -23.83 13.74
N LEU A 1073 3.52 -24.71 12.79
CA LEU A 1073 3.66 -26.14 13.05
C LEU A 1073 5.07 -26.45 13.51
N GLY A 1074 6.06 -25.84 12.86
CA GLY A 1074 7.45 -26.12 13.23
C GLY A 1074 7.80 -25.64 14.62
N ASP A 1075 7.39 -24.42 14.92
CA ASP A 1075 7.72 -23.85 16.24
C ASP A 1075 7.11 -24.75 17.31
N PHE A 1076 5.79 -24.89 17.29
CA PHE A 1076 5.08 -25.68 18.33
C PHE A 1076 5.45 -27.16 18.32
N LEU A 1077 5.62 -27.77 17.14
CA LEU A 1077 5.79 -29.24 17.10
C LEU A 1077 7.21 -29.68 16.72
N GLY A 1078 8.11 -28.74 16.46
CA GLY A 1078 9.47 -29.14 16.18
C GLY A 1078 9.81 -29.02 14.70
N GLU A 1079 11.12 -29.02 14.43
CA GLU A 1079 11.59 -28.81 13.06
C GLU A 1079 11.37 -30.04 12.18
N ASP A 1080 11.30 -31.22 12.79
CA ASP A 1080 10.97 -32.46 12.10
C ASP A 1080 9.75 -32.31 11.21
N MET A 1081 8.80 -31.48 11.63
CA MET A 1081 7.54 -31.34 10.91
C MET A 1081 7.77 -30.87 9.48
N VAL A 1082 8.67 -29.89 9.31
CA VAL A 1082 8.88 -29.25 8.02
C VAL A 1082 10.00 -29.92 7.23
N LYS A 1083 10.64 -30.94 7.79
CA LYS A 1083 11.80 -31.55 7.11
C LYS A 1083 11.42 -32.19 5.79
N ASP A 1084 10.22 -32.75 5.66
CA ASP A 1084 9.79 -33.41 4.45
C ASP A 1084 8.85 -32.52 3.65
N LYS A 1085 9.11 -32.40 2.35
CA LYS A 1085 8.25 -31.62 1.47
C LYS A 1085 6.92 -32.33 1.31
N GLY A 1086 6.01 -31.67 0.59
CA GLY A 1086 4.67 -32.21 0.43
C GLY A 1086 3.86 -32.13 1.70
N LEU A 1087 4.20 -31.22 2.60
CA LEU A 1087 3.43 -31.05 3.82
C LEU A 1087 2.05 -30.51 3.49
N GLN A 1088 1.08 -30.93 4.28
CA GLN A 1088 -0.32 -30.57 4.11
C GLN A 1088 -0.74 -29.78 5.33
N CYS A 1089 -0.95 -28.48 5.11
CA CYS A 1089 -1.06 -27.47 6.17
C CYS A 1089 -2.53 -27.25 6.47
N LYS A 1090 -2.97 -27.75 7.61
CA LYS A 1090 -4.36 -27.61 8.03
C LYS A 1090 -4.47 -26.37 8.92
N TYR A 1091 -5.18 -25.35 8.44
CA TYR A 1091 -5.19 -24.07 9.14
C TYR A 1091 -6.57 -23.43 9.13
N ILE A 1092 -6.87 -22.74 10.24
CA ILE A 1092 -7.91 -21.72 10.33
C ILE A 1092 -7.20 -20.38 10.48
N ILE A 1093 -7.79 -19.33 9.92
CA ILE A 1093 -7.26 -17.99 10.13
C ILE A 1093 -8.02 -17.31 11.28
N SER A 1094 -7.38 -16.32 11.90
CA SER A 1094 -7.83 -15.70 13.14
C SER A 1094 -8.41 -14.31 12.89
N SER A 1095 -9.15 -13.80 13.89
CA SER A 1095 -9.53 -12.39 13.85
C SER A 1095 -8.38 -11.50 14.28
N LYS A 1096 -7.75 -11.75 15.46
CA LYS A 1096 -6.58 -10.94 15.74
C LYS A 1096 -5.33 -11.54 15.11
N PRO A 1097 -4.31 -10.70 14.80
CA PRO A 1097 -4.25 -9.24 14.96
C PRO A 1097 -5.24 -8.55 14.03
N PHE A 1098 -5.69 -7.36 14.37
CA PHE A 1098 -6.74 -6.72 13.59
C PHE A 1098 -6.11 -5.87 12.47
N ASN A 1099 -6.74 -5.93 11.29
CA ASN A 1099 -6.27 -5.30 10.07
C ASN A 1099 -4.95 -5.91 9.59
N ALA A 1100 -4.48 -6.96 10.26
CA ALA A 1100 -3.29 -7.67 9.84
C ALA A 1100 -3.57 -8.44 8.55
N PRO A 1101 -2.54 -8.71 7.75
CA PRO A 1101 -2.75 -9.47 6.51
C PRO A 1101 -3.20 -10.90 6.80
N VAL A 1102 -4.02 -11.43 5.89
CA VAL A 1102 -4.58 -12.77 6.06
C VAL A 1102 -3.50 -13.83 6.15
N THR A 1103 -2.37 -13.64 5.47
CA THR A 1103 -1.28 -14.60 5.55
C THR A 1103 -0.73 -14.69 6.96
N GLU A 1104 -0.86 -13.62 7.75
CA GLU A 1104 -0.21 -13.58 9.04
C GLU A 1104 -1.13 -14.07 10.16
N ARG A 1105 -2.43 -14.10 9.94
CA ARG A 1105 -3.35 -14.48 11.00
C ARG A 1105 -3.75 -15.94 10.84
N ALA A 1106 -2.78 -16.82 10.60
CA ALA A 1106 -3.05 -18.19 10.14
C ALA A 1106 -2.54 -19.18 11.17
N ILE A 1107 -3.44 -20.05 11.64
CA ILE A 1107 -3.20 -20.88 12.82
C ILE A 1107 -3.30 -22.34 12.40
N PRO A 1108 -2.29 -23.17 12.68
CA PRO A 1108 -2.43 -24.62 12.50
C PRO A 1108 -3.58 -25.17 13.33
N VAL A 1109 -4.44 -25.96 12.68
CA VAL A 1109 -5.56 -26.62 13.37
C VAL A 1109 -5.06 -27.45 14.53
N ALA A 1110 -3.88 -28.05 14.40
CA ALA A 1110 -3.39 -29.00 15.38
C ALA A 1110 -3.28 -28.38 16.77
N ILE A 1111 -3.06 -27.06 16.85
CA ILE A 1111 -2.90 -26.43 18.17
C ILE A 1111 -4.11 -26.68 19.05
N PHE A 1112 -5.28 -26.66 18.42
CA PHE A 1112 -6.53 -26.78 19.20
C PHE A 1112 -6.67 -28.21 19.71
N SER A 1113 -5.71 -29.08 19.40
CA SER A 1113 -5.76 -30.44 19.97
C SER A 1113 -4.60 -30.55 20.95
N ALA A 1114 -3.96 -29.41 21.23
CA ALA A 1114 -2.80 -29.39 22.14
C ALA A 1114 -3.21 -29.09 23.59
N ASP A 1115 -2.31 -29.31 24.54
CA ASP A 1115 -2.58 -29.04 25.98
C ASP A 1115 -2.84 -27.55 26.14
N ILE A 1116 -3.68 -27.18 27.10
CA ILE A 1116 -4.12 -25.76 27.22
C ILE A 1116 -2.94 -24.81 27.41
N PRO A 1117 -1.89 -25.11 28.19
CA PRO A 1117 -0.81 -24.16 28.34
C PRO A 1117 -0.18 -23.89 26.97
N ILE A 1118 0.02 -24.95 26.19
CA ILE A 1118 0.71 -24.81 24.88
C ILE A 1118 -0.16 -23.91 24.02
N LYS A 1119 -1.46 -24.17 24.01
CA LYS A 1119 -2.36 -23.40 23.14
C LYS A 1119 -2.26 -21.94 23.52
N ARG A 1120 -2.42 -21.63 24.81
CA ARG A 1120 -2.45 -20.20 25.21
C ARG A 1120 -1.18 -19.50 24.76
N SER A 1121 -0.03 -20.11 25.00
CA SER A 1121 1.20 -19.36 24.69
C SER A 1121 1.21 -19.01 23.20
N PHE A 1122 1.00 -20.01 22.37
CA PHE A 1122 1.11 -19.75 20.92
C PHE A 1122 -0.04 -18.86 20.46
N LEU A 1123 -1.24 -19.15 20.94
CA LEU A 1123 -2.38 -18.41 20.38
C LEU A 1123 -2.20 -16.93 20.71
N ARG A 1124 -1.82 -16.62 21.94
CA ARG A 1124 -1.72 -15.18 22.28
C ARG A 1124 -0.57 -14.63 21.46
N ARG A 1125 0.48 -15.42 21.32
CA ARG A 1125 1.62 -14.96 20.50
C ARG A 1125 1.12 -14.77 19.08
N TRP A 1126 0.37 -15.74 18.58
CA TRP A 1126 -0.09 -15.66 17.18
C TRP A 1126 -1.11 -14.51 17.04
N THR A 1127 -1.97 -14.31 18.03
CA THR A 1127 -3.01 -13.26 17.91
C THR A 1127 -2.44 -11.94 18.42
N LEU A 1128 -1.25 -11.98 19.00
CA LEU A 1128 -0.60 -10.74 19.44
C LEU A 1128 -1.32 -10.06 20.60
N ASP A 1129 -2.14 -10.79 21.34
CA ASP A 1129 -2.76 -10.31 22.57
C ASP A 1129 -2.18 -11.09 23.73
N PRO A 1130 -1.19 -10.55 24.45
CA PRO A 1130 -0.58 -11.30 25.56
C PRO A 1130 -1.52 -11.67 26.70
N SER A 1131 -2.75 -11.14 26.74
CA SER A 1131 -3.63 -11.35 27.89
C SER A 1131 -4.84 -12.22 27.59
N LEU A 1132 -4.84 -12.93 26.46
CA LEU A 1132 -6.00 -13.71 26.04
C LEU A 1132 -6.10 -15.00 26.83
N GLU A 1133 -7.22 -15.16 27.56
CA GLU A 1133 -7.53 -16.39 28.28
C GLU A 1133 -8.49 -17.30 27.52
N ASP A 1134 -9.37 -16.73 26.71
CA ASP A 1134 -10.33 -17.51 25.94
C ASP A 1134 -9.62 -18.33 24.88
N LEU A 1135 -9.74 -19.65 24.97
CA LEU A 1135 -9.01 -20.51 24.04
C LEU A 1135 -10.01 -21.43 23.31
N ASP A 1136 -11.04 -20.84 22.73
CA ASP A 1136 -12.05 -21.65 22.00
C ASP A 1136 -12.00 -21.29 20.53
N ILE A 1137 -12.02 -22.30 19.66
CA ILE A 1137 -11.85 -22.05 18.21
C ILE A 1137 -12.94 -21.07 17.79
N ARG A 1138 -14.10 -21.16 18.42
CA ARG A 1138 -15.22 -20.33 17.97
C ARG A 1138 -14.83 -18.86 18.07
N THR A 1139 -14.17 -18.47 19.15
CA THR A 1139 -13.85 -17.03 19.35
C THR A 1139 -12.81 -16.51 18.36
N ILE A 1140 -11.81 -17.33 18.04
CA ILE A 1140 -10.66 -16.86 17.21
C ILE A 1140 -11.04 -16.72 15.74
N ILE A 1141 -11.93 -17.56 15.24
CA ILE A 1141 -12.24 -17.57 13.82
C ILE A 1141 -12.67 -16.18 13.35
N ASP A 1142 -12.03 -15.71 12.29
CA ASP A 1142 -12.43 -14.47 11.63
C ASP A 1142 -13.60 -14.80 10.71
N TRP A 1143 -14.74 -15.03 11.35
CA TRP A 1143 -15.94 -15.45 10.59
C TRP A 1143 -16.18 -14.49 9.43
N GLY A 1144 -15.64 -13.30 9.54
CA GLY A 1144 -15.84 -12.33 8.46
C GLY A 1144 -15.20 -12.83 7.20
N TYR A 1145 -14.01 -13.43 7.32
CA TYR A 1145 -13.27 -13.92 6.14
C TYR A 1145 -14.13 -14.99 5.49
N TYR A 1146 -14.65 -15.88 6.32
CA TYR A 1146 -15.41 -17.02 5.78
C TYR A 1146 -16.66 -16.51 5.08
N ARG A 1147 -17.34 -15.53 5.65
CA ARG A 1147 -18.61 -15.06 5.03
C ARG A 1147 -18.27 -14.47 3.67
N GLU A 1148 -17.19 -13.71 3.59
CA GLU A 1148 -16.80 -13.10 2.31
C GLU A 1148 -16.47 -14.24 1.34
N ARG A 1149 -15.78 -15.24 1.85
CA ARG A 1149 -15.37 -16.34 0.95
C ARG A 1149 -16.62 -17.04 0.43
N LEU A 1150 -17.56 -17.35 1.32
CA LEU A 1150 -18.76 -18.09 0.86
C LEU A 1150 -19.52 -17.17 -0.06
N GLY A 1151 -19.56 -15.90 0.30
CA GLY A 1151 -20.38 -14.97 -0.48
C GLY A 1151 -19.86 -14.87 -1.88
N SER A 1152 -18.54 -14.81 -2.00
CA SER A 1152 -17.95 -14.78 -3.36
C SER A 1152 -18.36 -16.06 -4.05
N ALA A 1153 -18.38 -17.14 -3.29
CA ALA A 1153 -18.84 -18.40 -3.88
C ALA A 1153 -20.30 -18.30 -4.30
N ILE A 1154 -21.17 -17.87 -3.38
CA ILE A 1154 -22.59 -17.79 -3.74
C ILE A 1154 -22.79 -16.74 -4.81
N GLN A 1155 -21.93 -15.73 -4.81
CA GLN A 1155 -22.04 -14.65 -5.78
C GLN A 1155 -21.79 -15.20 -7.20
N LYS A 1156 -20.62 -15.82 -7.42
CA LYS A 1156 -20.24 -16.27 -8.77
C LYS A 1156 -21.08 -17.45 -9.27
N ILE A 1157 -21.60 -18.27 -8.37
CA ILE A 1157 -22.33 -19.45 -8.82
C ILE A 1157 -23.83 -19.17 -8.97
N ILE A 1158 -24.35 -18.16 -8.29
CA ILE A 1158 -25.83 -17.96 -8.32
C ILE A 1158 -26.24 -16.50 -8.54
N THR A 1159 -25.84 -15.61 -7.65
CA THR A 1159 -26.38 -14.23 -7.70
C THR A 1159 -26.07 -13.48 -8.98
N ILE A 1160 -24.80 -13.42 -9.38
CA ILE A 1160 -24.46 -12.58 -10.55
C ILE A 1160 -24.98 -13.30 -11.79
N PRO A 1161 -24.80 -14.62 -11.89
CA PRO A 1161 -25.34 -15.36 -13.01
C PRO A 1161 -26.83 -15.12 -13.13
N ALA A 1162 -27.55 -15.08 -12.00
CA ALA A 1162 -29.01 -14.96 -12.08
C ALA A 1162 -29.37 -13.67 -12.80
N ALA A 1163 -28.63 -12.63 -12.48
CA ALA A 1163 -28.93 -11.32 -13.09
C ALA A 1163 -28.75 -11.42 -14.60
N LEU A 1164 -27.64 -12.01 -15.04
CA LEU A 1164 -27.35 -12.02 -16.49
C LEU A 1164 -28.50 -12.75 -17.17
N GLN A 1165 -29.26 -13.52 -16.40
CA GLN A 1165 -30.42 -14.18 -16.96
C GLN A 1165 -31.71 -13.43 -16.67
N GLY A 1166 -31.62 -12.18 -16.21
CA GLY A 1166 -32.79 -11.35 -15.98
C GLY A 1166 -33.52 -11.62 -14.69
N VAL A 1167 -32.84 -12.18 -13.69
CA VAL A 1167 -33.47 -12.60 -12.44
C VAL A 1167 -32.94 -11.72 -11.31
N SER A 1168 -33.86 -11.03 -10.63
CA SER A 1168 -33.48 -10.20 -9.50
C SER A 1168 -32.91 -11.06 -8.37
N ASN A 1169 -31.94 -10.49 -7.65
CA ASN A 1169 -31.09 -11.17 -6.68
C ASN A 1169 -31.85 -12.17 -5.83
N PRO A 1170 -31.62 -13.47 -6.03
CA PRO A 1170 -32.31 -14.49 -5.20
C PRO A 1170 -31.74 -14.61 -3.79
N VAL A 1171 -30.50 -14.19 -3.57
CA VAL A 1171 -29.94 -14.16 -2.20
C VAL A 1171 -29.65 -12.71 -1.84
N PRO A 1172 -30.62 -11.99 -1.29
CA PRO A 1172 -30.41 -10.56 -0.98
C PRO A 1172 -29.42 -10.31 0.15
N ARG A 1173 -29.10 -11.32 0.96
CA ARG A 1173 -28.12 -11.14 2.03
C ARG A 1173 -26.69 -11.08 1.49
N VAL A 1174 -26.49 -11.52 0.25
CA VAL A 1174 -25.23 -11.34 -0.47
C VAL A 1174 -25.44 -10.20 -1.45
N GLU A 1175 -24.76 -9.09 -1.24
CA GLU A 1175 -24.99 -7.89 -2.04
C GLU A 1175 -24.29 -7.99 -3.39
N HIS A 1176 -24.84 -7.31 -4.39
CA HIS A 1176 -24.26 -7.29 -5.71
C HIS A 1176 -23.05 -6.37 -5.76
N PRO A 1177 -22.20 -6.52 -6.79
CA PRO A 1177 -21.15 -5.53 -7.01
C PRO A 1177 -21.75 -4.24 -7.55
N ASP A 1178 -21.01 -3.15 -7.36
CA ASP A 1178 -21.53 -1.83 -7.75
C ASP A 1178 -21.78 -1.75 -9.25
N TRP A 1179 -20.88 -2.30 -10.06
CA TRP A 1179 -21.08 -2.27 -11.51
C TRP A 1179 -22.36 -3.02 -11.89
N LEU A 1180 -22.64 -4.14 -11.23
CA LEU A 1180 -23.89 -4.85 -11.49
C LEU A 1180 -25.08 -4.05 -10.99
N LYS A 1181 -24.96 -3.44 -9.80
CA LYS A 1181 -26.01 -2.57 -9.30
C LYS A 1181 -26.32 -1.45 -10.28
N ARG A 1182 -25.28 -0.83 -10.86
CA ARG A 1182 -25.49 0.27 -11.79
C ARG A 1182 -26.17 -0.20 -13.07
N LYS A 1183 -25.75 -1.35 -13.61
CA LYS A 1183 -26.43 -1.90 -14.77
C LYS A 1183 -27.82 -2.43 -14.40
N ILE A 1184 -27.97 -2.94 -13.18
CA ILE A 1184 -29.32 -3.20 -12.68
C ILE A 1184 -30.09 -1.90 -12.50
N ALA A 1185 -29.42 -0.86 -11.99
CA ALA A 1185 -30.03 0.46 -11.94
C ALA A 1185 -30.33 1.01 -13.32
N THR A 1186 -29.69 0.45 -14.36
CA THR A 1186 -29.84 0.89 -15.75
C THR A 1186 -29.30 2.30 -15.93
N ALA D 31 -3.10 76.75 3.71
CA ALA D 31 -2.92 76.07 2.43
C ALA D 31 -3.51 74.66 2.49
N LEU D 32 -2.82 73.81 3.25
CA LEU D 32 -3.29 72.44 3.47
C LEU D 32 -4.54 72.43 4.34
N SER D 33 -4.63 73.35 5.31
CA SER D 33 -5.78 73.37 6.23
C SER D 33 -7.09 73.67 5.50
N ALA D 34 -7.04 74.50 4.45
CA ALA D 34 -8.25 74.77 3.67
C ALA D 34 -8.82 73.49 3.08
N GLN D 35 -7.98 72.73 2.37
CA GLN D 35 -8.25 71.36 1.96
C GLN D 35 -8.98 70.55 3.02
N GLN D 36 -8.49 70.64 4.27
CA GLN D 36 -8.93 69.75 5.33
C GLN D 36 -10.26 70.18 5.96
N LEU D 37 -10.51 71.49 6.08
CA LEU D 37 -11.86 71.94 6.41
C LEU D 37 -12.89 71.45 5.40
N LEU D 38 -12.51 71.35 4.12
CA LEU D 38 -13.46 70.88 3.12
C LEU D 38 -13.83 69.43 3.37
N ASN D 39 -12.84 68.56 3.52
CA ASN D 39 -13.12 67.19 3.96
C ASN D 39 -13.99 67.20 5.21
N ALA D 40 -13.61 68.02 6.18
CA ALA D 40 -14.37 68.05 7.45
C ALA D 40 -15.86 68.27 7.17
N SER D 41 -16.20 69.23 6.31
CA SER D 41 -17.63 69.54 6.07
C SER D 41 -18.34 68.33 5.44
N LYS D 42 -17.76 67.78 4.38
CA LYS D 42 -18.35 66.58 3.74
C LYS D 42 -18.63 65.55 4.84
N ILE D 43 -17.62 65.24 5.66
CA ILE D 43 -17.78 64.25 6.76
C ILE D 43 -18.97 64.68 7.61
N ASP D 44 -18.93 65.91 8.11
CA ASP D 44 -20.01 66.42 9.00
C ASP D 44 -21.37 66.13 8.34
N ASP D 45 -21.48 66.39 7.04
CA ASP D 45 -22.73 66.10 6.31
C ASP D 45 -23.01 64.60 6.40
N ILE D 46 -22.17 63.78 5.76
CA ILE D 46 -22.34 62.30 5.82
C ILE D 46 -22.77 61.92 7.23
N ASP D 47 -22.10 62.47 8.24
CA ASP D 47 -22.40 62.10 9.65
C ASP D 47 -23.84 62.50 9.97
N SER D 48 -24.22 63.75 9.70
CA SER D 48 -25.59 64.17 9.93
C SER D 48 -26.57 63.33 9.13
N MET D 49 -26.16 62.85 7.96
CA MET D 49 -27.02 61.96 7.17
C MET D 49 -27.32 60.67 7.94
N MET D 50 -26.31 60.11 8.59
CA MET D 50 -26.45 58.87 9.34
C MET D 50 -26.88 59.10 10.79
N GLY D 51 -27.44 60.27 11.09
CA GLY D 51 -27.92 60.56 12.43
C GLY D 51 -26.83 60.87 13.43
N PHE D 52 -25.80 61.63 13.02
CA PHE D 52 -24.72 62.04 13.91
C PHE D 52 -24.57 63.56 13.82
N GLU D 53 -25.55 64.28 14.35
CA GLU D 53 -25.48 65.73 14.40
C GLU D 53 -24.50 66.14 15.50
N ARG D 54 -23.77 67.23 15.25
CA ARG D 54 -22.82 67.74 16.23
C ARG D 54 -23.57 68.36 17.40
N TYR D 55 -23.48 67.74 18.57
CA TYR D 55 -24.21 68.17 19.75
C TYR D 55 -23.33 69.04 20.61
N VAL D 56 -23.77 70.27 20.87
CA VAL D 56 -23.08 71.19 21.75
C VAL D 56 -23.84 71.23 23.07
N PRO D 57 -23.20 70.95 24.21
CA PRO D 57 -23.93 70.91 25.49
C PRO D 57 -24.27 72.31 25.98
N PRO D 58 -25.30 72.43 26.84
CA PRO D 58 -25.69 73.71 27.38
C PRO D 58 -24.65 74.32 28.32
N GLN D 59 -24.71 75.63 28.51
CA GLN D 59 -23.73 76.32 29.38
C GLN D 59 -24.00 75.94 30.83
N TYR D 60 -22.95 75.96 31.65
CA TYR D 60 -23.10 75.67 33.09
C TYR D 60 -22.07 76.49 33.84
N ASN D 61 -22.47 77.07 34.96
CA ASN D 61 -21.51 77.84 35.80
C ASN D 61 -21.67 77.25 37.20
N GLY D 62 -21.20 76.03 37.36
CA GLY D 62 -21.33 75.31 38.63
C GLY D 62 -20.10 74.44 38.80
N ARG D 63 -19.93 73.80 39.95
CA ARG D 63 -18.68 73.06 40.17
C ARG D 63 -18.59 71.92 39.16
N PHE D 64 -17.40 71.70 38.60
CA PHE D 64 -17.21 70.58 37.67
C PHE D 64 -16.97 69.31 38.47
N ASP D 65 -18.00 68.83 39.17
CA ASP D 65 -17.75 67.67 40.04
C ASP D 65 -18.39 66.44 39.41
N ALA D 66 -17.61 65.38 39.26
CA ALA D 66 -18.14 64.13 38.71
C ALA D 66 -19.20 63.65 39.68
N LYS D 67 -19.16 64.17 40.89
CA LYS D 67 -20.14 63.79 41.93
C LYS D 67 -21.54 64.19 41.49
N ASP D 68 -21.69 65.32 40.81
CA ASP D 68 -23.06 65.79 40.47
C ASP D 68 -23.37 65.58 38.99
N ILE D 69 -22.81 64.52 38.41
CA ILE D 69 -22.97 64.30 36.97
C ILE D 69 -24.45 64.39 36.56
N ASP D 70 -25.34 63.87 37.41
CA ASP D 70 -26.76 63.91 37.08
C ASP D 70 -27.26 65.34 36.96
N GLN D 71 -26.76 66.24 37.81
CA GLN D 71 -27.23 67.62 37.79
C GLN D 71 -26.70 68.39 36.59
N ILE D 72 -25.42 68.19 36.25
CA ILE D 72 -24.75 68.99 35.23
C ILE D 72 -25.43 68.78 33.88
N PRO D 73 -25.91 69.83 33.23
CA PRO D 73 -26.65 69.65 31.97
C PRO D 73 -25.74 69.13 30.87
N GLY D 74 -26.29 68.22 30.08
CA GLY D 74 -25.53 67.61 29.01
C GLY D 74 -26.27 66.42 28.44
N ARG D 75 -25.56 65.63 27.65
CA ARG D 75 -26.11 64.44 27.01
C ARG D 75 -25.17 63.28 27.32
N VAL D 76 -25.72 62.19 27.84
CA VAL D 76 -24.95 61.00 28.17
C VAL D 76 -25.10 59.98 27.05
N GLY D 77 -23.99 59.38 26.63
CA GLY D 77 -24.01 58.42 25.56
C GLY D 77 -22.84 57.46 25.64
N TRP D 78 -22.95 56.38 24.86
CA TRP D 78 -21.89 55.37 24.77
C TRP D 78 -20.99 55.71 23.59
N LEU D 79 -19.69 55.80 23.85
CA LEU D 79 -18.73 56.23 22.84
C LEU D 79 -18.37 55.06 21.92
N THR D 80 -18.64 55.22 20.62
CA THR D 80 -18.47 54.14 19.66
C THR D 80 -17.31 54.33 18.70
N ASN D 81 -16.86 55.56 18.47
CA ASN D 81 -15.82 55.83 17.49
C ASN D 81 -15.26 57.22 17.75
N MET D 82 -14.05 57.46 17.25
CA MET D 82 -13.44 58.78 17.37
C MET D 82 -12.43 59.00 16.25
N HIS D 83 -12.43 60.20 15.70
CA HIS D 83 -11.57 60.54 14.58
C HIS D 83 -11.08 61.98 14.72
N ALA D 84 -9.85 62.21 14.27
CA ALA D 84 -9.33 63.56 14.24
C ALA D 84 -9.98 64.35 13.11
N THR D 85 -10.38 65.58 13.42
CA THR D 85 -10.95 66.48 12.43
C THR D 85 -10.31 67.85 12.62
N LEU D 86 -10.79 68.82 11.86
CA LEU D 86 -10.21 70.15 11.89
C LEU D 86 -11.34 71.15 11.73
N VAL D 87 -11.54 71.99 12.75
CA VAL D 87 -12.76 72.75 12.92
C VAL D 87 -12.48 74.22 12.63
N SER D 88 -13.46 74.89 12.02
CA SER D 88 -13.56 76.33 12.03
C SER D 88 -14.65 76.71 13.03
N GLN D 89 -14.30 77.58 13.98
CA GLN D 89 -15.16 77.88 15.12
C GLN D 89 -16.51 78.38 14.63
N GLU D 90 -17.56 77.86 15.24
CA GLU D 90 -18.90 77.98 14.70
C GLU D 90 -19.83 78.67 15.69
N GLN D 112 -7.39 79.34 8.67
CA GLN D 112 -6.85 78.22 9.44
C GLN D 112 -7.99 77.37 9.99
N GLY D 113 -7.65 76.18 10.47
CA GLY D 113 -8.55 75.38 11.26
C GLY D 113 -8.00 75.11 12.65
N ILE D 114 -8.89 74.84 13.60
CA ILE D 114 -8.52 74.42 14.95
C ILE D 114 -8.60 72.90 15.00
N SER D 115 -7.54 72.25 15.48
CA SER D 115 -7.56 70.80 15.58
C SER D 115 -8.51 70.34 16.68
N GLY D 116 -8.91 69.08 16.55
CA GLY D 116 -9.85 68.50 17.49
C GLY D 116 -10.19 67.09 17.05
N VAL D 117 -11.05 66.45 17.85
CA VAL D 117 -11.46 65.09 17.61
C VAL D 117 -12.98 65.03 17.67
N ASP D 118 -13.59 64.38 16.68
CA ASP D 118 -15.02 64.10 16.69
C ASP D 118 -15.25 62.78 17.42
N PHE D 119 -16.13 62.80 18.42
CA PHE D 119 -16.50 61.60 19.16
C PHE D 119 -17.93 61.22 18.81
N TYR D 120 -18.17 59.92 18.63
CA TYR D 120 -19.43 59.41 18.12
C TYR D 120 -20.11 58.60 19.22
N PHE D 121 -21.34 58.97 19.56
CA PHE D 121 -22.03 58.41 20.71
C PHE D 121 -23.34 57.75 20.28
N LEU D 122 -23.79 56.81 21.11
CA LEU D 122 -25.15 56.31 21.08
C LEU D 122 -25.79 56.63 22.42
N ASP D 123 -26.94 57.31 22.40
CA ASP D 123 -27.54 57.72 23.66
C ASP D 123 -28.40 56.59 24.22
N GLU D 124 -29.01 56.85 25.38
CA GLU D 124 -29.85 55.86 26.04
C GLU D 124 -31.24 55.77 25.42
N GLU D 125 -31.58 56.66 24.49
CA GLU D 125 -32.90 56.69 23.87
C GLU D 125 -32.93 56.02 22.50
N GLY D 126 -31.91 55.22 22.18
CA GLY D 126 -31.83 54.60 20.88
C GLY D 126 -31.38 55.51 19.76
N GLY D 127 -31.02 56.75 20.06
CA GLY D 127 -30.51 57.68 19.08
C GLY D 127 -28.99 57.83 19.17
N SER D 128 -28.48 58.75 18.34
CA SER D 128 -27.04 58.95 18.25
C SER D 128 -26.74 60.45 18.10
N PHE D 129 -25.49 60.80 18.34
CA PHE D 129 -25.01 62.17 18.26
C PHE D 129 -23.49 62.15 18.37
N LYS D 130 -22.86 63.21 17.85
CA LYS D 130 -21.43 63.41 17.97
C LYS D 130 -21.14 64.68 18.76
N SER D 131 -19.96 64.71 19.39
CA SER D 131 -19.48 65.88 20.12
C SER D 131 -17.99 66.06 19.84
N THR D 132 -17.55 67.31 19.82
CA THR D 132 -16.20 67.63 19.37
C THR D 132 -15.40 68.19 20.55
N VAL D 133 -14.13 67.78 20.65
CA VAL D 133 -13.20 68.32 21.63
C VAL D 133 -12.03 68.93 20.88
N VAL D 134 -11.75 70.20 21.14
CA VAL D 134 -10.58 70.87 20.59
C VAL D 134 -9.45 70.81 21.60
N TYR D 135 -8.22 70.73 21.09
CA TYR D 135 -7.03 70.57 21.94
C TYR D 135 -5.79 70.87 21.12
N ASP D 136 -4.95 71.79 21.59
CA ASP D 136 -3.82 72.26 20.81
C ASP D 136 -2.74 71.19 20.73
N PRO D 137 -2.30 70.77 19.54
CA PRO D 137 -1.20 69.83 19.44
C PRO D 137 0.09 70.45 19.98
N TYR D 138 1.02 69.58 20.37
CA TYR D 138 2.20 70.09 21.06
C TYR D 138 3.31 69.05 21.07
N PHE D 139 4.55 69.54 21.07
CA PHE D 139 5.71 68.72 21.40
C PHE D 139 6.69 69.57 22.21
N PHE D 140 7.79 68.95 22.61
CA PHE D 140 8.73 69.55 23.53
C PHE D 140 10.08 69.77 22.86
N ILE D 141 10.78 70.80 23.31
CA ILE D 141 12.18 71.03 22.99
C ILE D 141 13.00 70.82 24.26
N ALA D 142 14.04 70.00 24.16
CA ALA D 142 14.93 69.77 25.28
C ALA D 142 16.15 70.66 25.16
N CYS D 143 16.83 70.87 26.28
CA CYS D 143 18.04 71.66 26.33
C CYS D 143 19.15 70.88 27.02
N ASN D 144 20.38 71.10 26.58
CA ASN D 144 21.54 70.55 27.23
C ASN D 144 22.12 71.47 28.29
N ASP D 145 21.58 72.67 28.43
CA ASP D 145 22.03 73.64 29.44
C ASP D 145 20.78 74.27 30.06
N GLU D 146 20.35 73.73 31.20
CA GLU D 146 19.09 74.15 31.80
C GLU D 146 19.20 75.46 32.60
N SER D 147 20.23 76.26 32.34
CA SER D 147 20.33 77.59 32.90
C SER D 147 19.95 78.69 31.92
N ARG D 148 20.11 78.44 30.61
CA ARG D 148 19.74 79.40 29.58
C ARG D 148 18.48 78.95 28.84
N VAL D 149 17.63 78.17 29.51
CA VAL D 149 16.37 77.72 28.90
C VAL D 149 15.62 78.93 28.39
N ASN D 150 15.74 80.03 29.13
CA ASN D 150 14.99 81.24 28.75
C ASN D 150 15.52 81.72 27.41
N ASP D 151 16.81 81.55 27.18
CA ASP D 151 17.39 82.09 25.92
C ASP D 151 16.76 81.34 24.76
N VAL D 152 16.69 80.01 24.90
CA VAL D 152 16.17 79.19 23.78
C VAL D 152 14.74 79.62 23.56
N GLU D 153 14.05 79.92 24.64
CA GLU D 153 12.62 80.26 24.48
C GLU D 153 12.56 81.47 23.55
N GLU D 154 13.47 82.41 23.74
CA GLU D 154 13.45 83.63 22.90
C GLU D 154 13.78 83.27 21.46
N LEU D 155 14.76 82.40 21.26
CA LEU D 155 15.15 82.12 19.85
C LEU D 155 13.96 81.49 19.15
N VAL D 156 13.34 80.52 19.80
CA VAL D 156 12.24 79.77 19.13
C VAL D 156 11.08 80.72 18.84
N LYS D 157 10.76 81.58 19.80
CA LYS D 157 9.58 82.45 19.62
C LYS D 157 9.77 83.20 18.31
N LYS D 158 10.96 83.75 18.10
CA LYS D 158 11.16 84.52 16.87
C LYS D 158 11.27 83.61 15.65
N TYR D 159 11.96 82.47 15.81
CA TYR D 159 12.23 81.60 14.67
C TYR D 159 10.94 80.95 14.17
N LEU D 160 10.19 80.31 15.06
CA LEU D 160 8.92 79.68 14.70
C LEU D 160 7.75 80.65 14.74
N GLU D 161 8.00 81.92 14.39
CA GLU D 161 6.94 82.94 14.46
C GLU D 161 5.78 82.60 13.53
N SER D 162 6.06 81.95 12.40
CA SER D 162 5.05 81.71 11.38
C SER D 162 4.08 80.60 11.74
N CYS D 163 4.44 79.72 12.67
CA CYS D 163 3.62 78.55 12.97
C CYS D 163 3.30 78.36 14.44
N LEU D 164 4.03 78.98 15.36
CA LEU D 164 3.84 78.70 16.78
C LEU D 164 2.66 79.52 17.30
N LYS D 165 1.94 78.94 18.27
CA LYS D 165 0.82 79.64 18.90
C LYS D 165 1.14 80.12 20.30
N SER D 166 1.59 79.24 21.18
CA SER D 166 2.04 79.61 22.51
C SER D 166 3.09 78.59 22.95
N LEU D 167 3.95 79.02 23.86
CA LEU D 167 4.92 78.12 24.47
C LEU D 167 4.94 78.33 25.97
N GLN D 168 5.57 77.39 26.67
CA GLN D 168 5.56 77.38 28.13
C GLN D 168 6.67 76.47 28.62
N ILE D 169 7.19 76.79 29.81
CA ILE D 169 8.23 75.98 30.44
C ILE D 169 7.58 74.96 31.37
N ILE D 170 7.92 73.69 31.17
CA ILE D 170 7.36 72.61 31.96
C ILE D 170 8.49 71.76 32.50
N ARG D 171 8.09 70.86 33.38
CA ARG D 171 8.98 69.90 34.04
C ARG D 171 8.45 68.50 33.79
N LYS D 172 9.31 67.54 33.50
CA LYS D 172 8.84 66.15 33.38
C LYS D 172 9.96 65.26 33.91
N GLU D 173 9.63 64.02 34.22
CA GLU D 173 10.64 63.12 34.80
C GLU D 173 11.37 62.38 33.68
N ASP D 174 12.70 62.49 33.62
CA ASP D 174 13.48 61.73 32.62
C ASP D 174 14.21 60.61 33.34
N LEU D 175 13.88 59.38 33.00
CA LEU D 175 14.46 58.21 33.70
C LEU D 175 15.91 58.08 33.26
N THR D 176 16.30 58.83 32.24
CA THR D 176 17.69 58.82 31.77
C THR D 176 18.49 59.85 32.56
N MET D 177 17.83 60.59 33.44
CA MET D 177 18.49 61.70 34.17
C MET D 177 18.89 61.29 35.58
N ASP D 178 20.13 61.54 35.95
CA ASP D 178 20.64 61.28 37.28
C ASP D 178 19.97 62.15 38.34
N ASN D 179 19.63 61.51 39.47
CA ASN D 179 18.88 62.04 40.61
C ASN D 179 17.38 62.19 40.34
N HIS D 180 16.86 61.59 39.26
CA HIS D 180 15.42 61.64 39.01
C HIS D 180 14.65 60.86 40.08
N LEU D 181 15.31 59.87 40.67
CA LEU D 181 14.83 59.05 41.77
C LEU D 181 14.62 59.85 43.05
N LEU D 182 15.32 60.98 43.20
CA LEU D 182 15.14 61.87 44.34
C LEU D 182 14.13 62.99 44.07
N GLY D 183 13.56 63.05 42.87
CA GLY D 183 12.56 64.03 42.53
C GLY D 183 13.00 65.07 41.52
N LEU D 184 14.29 65.13 41.18
CA LEU D 184 14.75 66.03 40.13
C LEU D 184 14.07 65.67 38.82
N GLN D 185 13.78 66.69 38.01
CA GLN D 185 13.05 66.42 36.78
C GLN D 185 13.49 67.36 35.65
N LYS D 186 13.31 66.87 34.42
CA LYS D 186 13.79 67.54 33.22
C LYS D 186 12.98 68.79 32.93
N THR D 187 13.67 69.88 32.54
CA THR D 187 13.01 71.13 32.18
C THR D 187 12.88 71.21 30.66
N LEU D 188 11.67 71.51 30.18
CA LEU D 188 11.36 71.45 28.76
C LEU D 188 10.54 72.65 28.33
N ILE D 189 10.59 72.95 27.04
CA ILE D 189 9.75 73.97 26.42
C ILE D 189 8.61 73.28 25.68
N LYS D 190 7.38 73.68 25.97
CA LYS D 190 6.20 73.03 25.43
C LYS D 190 5.65 73.89 24.30
N LEU D 191 5.93 73.47 23.06
CA LEU D 191 5.49 74.20 21.87
C LEU D 191 4.07 73.82 21.54
N SER D 192 3.17 74.80 21.45
CA SER D 192 1.77 74.55 21.16
C SER D 192 1.39 75.20 19.83
N PHE D 193 0.41 74.61 19.16
CA PHE D 193 0.01 75.01 17.82
C PHE D 193 -1.50 74.98 17.70
N VAL D 194 -2.01 75.66 16.69
CA VAL D 194 -3.46 75.70 16.48
C VAL D 194 -3.96 74.43 15.78
N ASN D 195 -3.13 73.82 14.94
CA ASN D 195 -3.51 72.58 14.29
C ASN D 195 -2.26 71.76 14.01
N SER D 196 -2.46 70.53 13.53
CA SER D 196 -1.35 69.62 13.29
C SER D 196 -0.50 70.01 12.09
N ASN D 197 -1.04 70.87 11.20
CA ASN D 197 -0.23 71.35 10.09
C ASN D 197 0.84 72.33 10.56
N GLN D 198 0.47 73.24 11.46
CA GLN D 198 1.46 74.17 12.01
C GLN D 198 2.50 73.45 12.85
N LEU D 199 2.09 72.39 13.57
CA LEU D 199 3.06 71.55 14.25
C LEU D 199 4.07 70.95 13.27
N PHE D 200 3.65 70.73 12.03
CA PHE D 200 4.54 70.14 11.03
C PHE D 200 5.41 71.18 10.34
N GLU D 201 4.97 72.44 10.26
CA GLU D 201 5.89 73.52 9.94
C GLU D 201 7.04 73.53 10.94
N ALA D 202 6.72 73.64 12.22
CA ALA D 202 7.76 73.72 13.24
C ALA D 202 8.74 72.56 13.12
N ARG D 203 8.28 71.37 12.73
CA ARG D 203 9.20 70.24 12.60
C ARG D 203 10.15 70.42 11.42
N LYS D 204 9.65 70.88 10.25
CA LYS D 204 10.54 71.20 9.13
C LYS D 204 11.52 72.33 9.50
N LEU D 205 11.09 73.28 10.32
CA LEU D 205 11.95 74.43 10.62
C LEU D 205 13.02 74.06 11.63
N LEU D 206 12.81 73.02 12.42
CA LEU D 206 13.72 72.76 13.53
C LEU D 206 14.80 71.74 13.21
N ARG D 207 14.52 70.77 12.36
CA ARG D 207 15.52 69.71 12.13
C ARG D 207 16.75 70.14 11.31
N PRO D 208 16.73 71.24 10.56
CA PRO D 208 18.03 71.78 10.11
C PRO D 208 18.92 72.15 11.29
N ILE D 209 18.39 72.90 12.25
CA ILE D 209 19.15 73.24 13.47
C ILE D 209 19.57 71.98 14.20
N LEU D 210 18.73 70.94 14.18
CA LEU D 210 19.08 69.71 14.87
C LEU D 210 20.24 69.00 14.19
N GLN D 211 20.27 68.99 12.85
CA GLN D 211 21.40 68.35 12.19
C GLN D 211 22.58 69.29 12.01
N ASP D 212 22.37 70.61 12.02
CA ASP D 212 23.50 71.54 12.09
C ASP D 212 24.24 71.39 13.41
N ASN D 213 23.49 71.30 14.52
CA ASN D 213 24.12 71.15 15.83
C ASN D 213 24.91 69.87 15.94
N ALA D 214 24.48 68.81 15.26
CA ALA D 214 25.25 67.57 15.26
C ALA D 214 26.53 67.71 14.45
N ASN D 215 26.52 68.60 13.45
CA ASN D 215 27.71 68.85 12.65
C ASN D 215 28.67 69.77 13.40
N ASN D 216 29.91 69.80 12.93
CA ASN D 216 30.93 70.64 13.55
C ASN D 216 30.70 72.10 13.19
N ASN D 217 30.94 72.99 14.17
CA ASN D 217 30.81 74.42 13.94
C ASN D 217 31.94 74.94 13.05
N VAL D 218 31.63 75.95 12.26
CA VAL D 218 32.61 76.52 11.34
C VAL D 218 33.72 77.22 12.12
N GLN D 219 34.89 77.31 11.51
CA GLN D 219 36.07 77.81 12.21
C GLN D 219 36.19 79.32 12.15
N ARG D 220 36.13 79.90 10.95
CA ARG D 220 36.28 81.35 10.74
C ARG D 220 37.63 81.79 11.28
N ASN D 221 37.69 82.67 12.28
CA ASN D 221 38.95 83.02 12.93
C ASN D 221 39.52 81.78 13.62
N ILE D 222 40.64 81.27 13.12
CA ILE D 222 41.24 80.08 13.70
C ILE D 222 41.96 80.36 15.01
N TYR D 223 42.13 81.63 15.37
CA TYR D 223 42.88 82.02 16.56
C TYR D 223 41.98 82.36 17.74
N ASN D 224 40.67 82.14 17.63
CA ASN D 224 39.74 82.39 18.72
C ASN D 224 40.12 81.62 19.98
N VAL D 233 28.19 81.00 23.44
CA VAL D 233 27.49 79.99 22.64
C VAL D 233 26.12 80.51 22.23
N ASP D 234 25.81 80.43 20.94
CA ASP D 234 24.54 80.93 20.42
C ASP D 234 23.40 80.00 20.82
N ALA D 235 22.19 80.56 20.81
CA ALA D 235 20.98 79.86 21.22
C ALA D 235 20.73 78.58 20.44
N LYS D 236 21.39 78.40 19.29
CA LYS D 236 21.22 77.18 18.51
C LYS D 236 21.70 75.96 19.29
N HIS D 237 22.91 76.03 19.85
CA HIS D 237 23.58 74.84 20.37
C HIS D 237 22.88 74.26 21.57
N LEU D 238 21.96 75.02 22.16
CA LEU D 238 21.38 74.56 23.41
C LEU D 238 20.25 73.59 23.11
N ILE D 239 19.74 73.63 21.87
CA ILE D 239 18.68 72.74 21.39
C ILE D 239 19.26 71.35 21.24
N GLU D 240 18.99 70.50 22.23
CA GLU D 240 19.50 69.14 22.24
C GLU D 240 18.66 68.24 21.35
N ASP D 241 17.35 68.30 21.50
CA ASP D 241 16.44 67.43 20.76
C ASP D 241 15.03 67.97 20.90
N ILE D 242 14.14 67.46 20.05
CA ILE D 242 12.71 67.60 20.24
C ILE D 242 12.17 66.27 20.74
N ARG D 243 11.08 66.33 21.51
CA ARG D 243 10.53 65.15 22.16
C ARG D 243 9.03 65.10 21.99
N GLU D 244 8.49 63.88 21.92
CA GLU D 244 7.05 63.64 21.81
C GLU D 244 6.46 64.36 20.61
N TYR D 245 7.20 64.37 19.50
CA TYR D 245 6.78 65.07 18.29
C TYR D 245 6.00 64.20 17.32
N ASP D 246 6.05 62.88 17.49
CA ASP D 246 5.43 61.94 16.56
C ASP D 246 4.30 61.15 17.21
N VAL D 247 3.63 61.75 18.18
CA VAL D 247 2.43 61.15 18.77
C VAL D 247 1.27 61.45 17.84
N PRO D 248 0.59 60.44 17.30
CA PRO D 248 -0.63 60.71 16.53
C PRO D 248 -1.59 61.59 17.32
N TYR D 249 -2.17 62.58 16.63
CA TYR D 249 -2.93 63.61 17.34
C TYR D 249 -4.07 63.01 18.14
N HIS D 250 -4.85 62.10 17.53
CA HIS D 250 -6.01 61.56 18.21
C HIS D 250 -5.62 60.67 19.39
N VAL D 251 -4.44 60.04 19.33
CA VAL D 251 -3.94 59.31 20.49
C VAL D 251 -3.53 60.28 21.59
N ARG D 252 -2.94 61.41 21.22
CA ARG D 252 -2.58 62.42 22.21
C ARG D 252 -3.81 62.96 22.93
N VAL D 253 -4.88 63.23 22.18
CA VAL D 253 -6.12 63.73 22.79
C VAL D 253 -6.73 62.66 23.70
N SER D 254 -6.80 61.43 23.20
CA SER D 254 -7.37 60.34 23.99
C SER D 254 -6.58 60.10 25.27
N ILE D 255 -5.26 60.30 25.23
CA ILE D 255 -4.44 60.10 26.43
C ILE D 255 -4.61 61.28 27.39
N ASP D 256 -4.39 62.50 26.90
CA ASP D 256 -4.39 63.67 27.78
C ASP D 256 -5.78 63.93 28.37
N LYS D 257 -6.84 63.62 27.62
CA LYS D 257 -8.19 63.77 28.12
C LYS D 257 -8.75 62.52 28.78
N ASP D 258 -8.03 61.39 28.70
CA ASP D 258 -8.42 60.14 29.35
C ASP D 258 -9.79 59.66 28.88
N ILE D 259 -9.97 59.66 27.56
CA ILE D 259 -11.22 59.26 26.93
C ILE D 259 -10.98 57.93 26.22
N ARG D 260 -11.98 57.03 26.28
CA ARG D 260 -11.84 55.72 25.68
C ARG D 260 -13.15 55.29 25.03
N VAL D 261 -13.04 54.69 23.85
CA VAL D 261 -14.21 54.07 23.22
C VAL D 261 -14.62 52.85 24.03
N GLY D 262 -15.94 52.68 24.17
CA GLY D 262 -16.48 51.61 24.99
C GLY D 262 -16.93 52.03 26.36
N LYS D 263 -16.54 53.22 26.81
CA LYS D 263 -16.97 53.77 28.07
C LYS D 263 -18.15 54.70 27.85
N TRP D 264 -18.97 54.86 28.89
CA TRP D 264 -20.08 55.82 28.86
C TRP D 264 -19.57 57.16 29.37
N TYR D 265 -20.00 58.23 28.71
CA TYR D 265 -19.70 59.58 29.16
C TYR D 265 -20.95 60.44 29.08
N LYS D 266 -20.95 61.52 29.87
CA LYS D 266 -21.90 62.61 29.70
C LYS D 266 -21.14 63.78 29.09
N VAL D 267 -21.57 64.22 27.92
CA VAL D 267 -20.91 65.38 27.28
C VAL D 267 -21.34 66.64 28.01
N THR D 268 -20.39 67.37 28.58
CA THR D 268 -20.66 68.62 29.34
C THR D 268 -19.72 69.70 28.84
N GLN D 269 -20.07 70.96 29.04
CA GLN D 269 -19.28 72.07 28.46
C GLN D 269 -17.85 72.07 29.00
N GLN D 270 -17.70 71.80 30.28
CA GLN D 270 -16.35 71.73 30.88
C GLN D 270 -15.61 70.55 30.26
N GLY D 271 -16.32 69.46 30.01
CA GLY D 271 -15.68 68.31 29.36
C GLY D 271 -16.50 67.06 29.43
N PHE D 272 -15.88 65.92 29.12
CA PHE D 272 -16.58 64.62 29.20
C PHE D 272 -16.44 64.06 30.60
N ILE D 273 -17.50 63.45 31.13
CA ILE D 273 -17.54 62.88 32.47
C ILE D 273 -17.96 61.42 32.32
N GLU D 274 -17.13 60.50 32.80
CA GLU D 274 -17.44 59.09 32.69
C GLU D 274 -18.55 58.72 33.68
N ASP D 275 -19.59 58.06 33.16
CA ASP D 275 -20.65 57.51 34.01
C ASP D 275 -20.26 56.08 34.37
N THR D 276 -19.47 55.95 35.44
CA THR D 276 -19.05 54.65 35.93
C THR D 276 -20.22 53.78 36.35
N ARG D 277 -21.39 54.37 36.61
CA ARG D 277 -22.54 53.57 37.03
C ARG D 277 -23.06 52.70 35.91
N LYS D 278 -22.69 52.99 34.67
CA LYS D 278 -23.09 52.11 33.55
C LYS D 278 -21.83 51.59 32.85
N ILE D 279 -21.44 50.34 33.09
CA ILE D 279 -20.26 49.80 32.33
C ILE D 279 -20.73 48.82 31.27
N ALA D 280 -22.00 48.42 31.30
CA ALA D 280 -22.51 47.54 30.23
C ALA D 280 -22.49 48.32 28.92
N PHE D 281 -22.06 47.69 27.85
CA PHE D 281 -21.92 48.42 26.58
C PHE D 281 -23.28 48.57 25.92
N ALA D 282 -23.47 49.66 25.24
CA ALA D 282 -24.67 49.82 24.44
C ALA D 282 -24.61 48.89 23.23
N ASP D 283 -25.76 48.69 22.59
CA ASP D 283 -25.83 47.75 21.49
C ASP D 283 -25.88 48.51 20.17
N PRO D 284 -24.81 48.53 19.40
CA PRO D 284 -24.85 49.23 18.11
C PRO D 284 -25.60 48.44 17.07
N VAL D 285 -26.11 49.16 16.08
CA VAL D 285 -26.66 48.53 14.88
C VAL D 285 -25.50 48.00 14.05
N VAL D 286 -25.51 46.70 13.79
CA VAL D 286 -24.37 46.03 13.18
C VAL D 286 -24.80 45.37 11.87
N MET D 287 -23.86 45.26 10.95
CA MET D 287 -24.14 44.74 9.61
C MET D 287 -22.90 44.06 9.08
N ALA D 288 -23.02 42.79 8.70
CA ALA D 288 -21.94 42.06 8.06
C ALA D 288 -22.40 41.60 6.68
N PHE D 289 -21.55 41.78 5.68
CA PHE D 289 -21.92 41.49 4.30
C PHE D 289 -20.82 40.73 3.59
N ASP D 290 -21.22 40.02 2.53
CA ASP D 290 -20.25 39.33 1.65
C ASP D 290 -20.74 39.50 0.22
N ILE D 291 -19.81 39.64 -0.72
CA ILE D 291 -20.17 39.86 -2.14
C ILE D 291 -19.69 38.67 -2.94
N GLU D 292 -20.53 38.15 -3.83
CA GLU D 292 -20.09 37.07 -4.73
C GLU D 292 -20.14 37.63 -6.13
N THR D 293 -19.08 37.44 -6.91
CA THR D 293 -19.03 38.10 -8.22
C THR D 293 -18.67 37.15 -9.34
N THR D 294 -18.93 37.57 -10.56
CA THR D 294 -18.54 36.79 -11.71
C THR D 294 -17.02 36.74 -11.80
N LYS D 295 -16.53 35.70 -12.42
CA LYS D 295 -15.13 35.30 -12.37
C LYS D 295 -14.82 34.58 -13.67
N PRO D 296 -13.89 35.09 -14.47
CA PRO D 296 -13.40 34.36 -15.64
C PRO D 296 -12.87 33.00 -15.21
N PRO D 297 -13.26 31.94 -15.91
CA PRO D 297 -12.84 30.58 -15.50
C PRO D 297 -11.34 30.43 -15.33
N LEU D 298 -10.92 30.03 -14.13
CA LEU D 298 -9.54 29.80 -13.69
C LEU D 298 -8.79 31.09 -13.38
N LYS D 299 -9.45 32.24 -13.44
CA LYS D 299 -8.80 33.54 -13.32
C LYS D 299 -9.36 34.32 -12.14
N PHE D 300 -8.64 35.33 -11.71
CA PHE D 300 -9.16 36.10 -10.60
C PHE D 300 -10.19 37.12 -11.08
N PRO D 301 -11.17 37.46 -10.24
CA PRO D 301 -12.14 38.49 -10.64
C PRO D 301 -11.45 39.79 -10.98
N ASP D 302 -12.15 40.62 -11.75
CA ASP D 302 -11.62 41.90 -12.20
C ASP D 302 -12.75 42.91 -12.22
N SER D 303 -12.64 43.94 -11.37
CA SER D 303 -13.69 44.94 -11.25
C SER D 303 -13.88 45.76 -12.50
N ALA D 304 -12.89 45.79 -13.39
CA ALA D 304 -13.04 46.53 -14.62
C ALA D 304 -14.06 45.88 -15.54
N VAL D 305 -14.23 44.55 -15.46
CA VAL D 305 -15.07 43.80 -16.38
C VAL D 305 -16.14 43.00 -15.64
N ASP D 306 -15.77 42.31 -14.57
CA ASP D 306 -16.67 41.39 -13.92
C ASP D 306 -17.71 42.12 -13.07
N GLN D 307 -18.88 41.53 -12.95
CA GLN D 307 -20.01 42.15 -12.29
C GLN D 307 -20.28 41.52 -10.94
N ILE D 308 -21.04 42.22 -10.09
CA ILE D 308 -21.44 41.64 -8.78
C ILE D 308 -22.66 40.75 -8.97
N MET D 309 -22.49 39.45 -8.80
CA MET D 309 -23.65 38.53 -8.92
C MET D 309 -24.65 38.81 -7.78
N MET D 310 -24.16 38.99 -6.55
CA MET D 310 -25.12 39.16 -5.42
C MET D 310 -24.43 39.65 -4.16
N ILE D 311 -25.20 40.30 -3.28
CA ILE D 311 -24.70 40.79 -2.00
C ILE D 311 -25.63 40.24 -0.93
N SER D 312 -25.06 39.48 -0.02
CA SER D 312 -25.75 38.96 1.14
C SER D 312 -25.23 39.70 2.36
N TYR D 313 -26.08 39.84 3.38
CA TYR D 313 -25.72 40.59 4.57
C TYR D 313 -26.72 40.30 5.69
N MET D 314 -26.36 40.73 6.89
CA MET D 314 -27.21 40.60 8.07
C MET D 314 -27.21 41.91 8.84
N ILE D 315 -28.38 42.31 9.34
CA ILE D 315 -28.55 43.50 10.14
C ILE D 315 -29.07 43.04 11.50
N ASP D 316 -28.20 43.02 12.50
CA ASP D 316 -28.62 42.79 13.89
C ASP D 316 -29.41 41.50 14.05
N GLY D 317 -29.11 40.48 13.24
CA GLY D 317 -29.84 39.24 13.29
C GLY D 317 -30.91 39.07 12.23
N GLU D 318 -30.98 39.97 11.26
CA GLU D 318 -31.91 39.90 10.13
C GLU D 318 -31.09 39.74 8.85
N GLY D 319 -31.14 38.55 8.25
CA GLY D 319 -30.35 38.30 7.05
C GLY D 319 -31.09 38.69 5.78
N PHE D 320 -30.41 39.38 4.88
CA PHE D 320 -31.02 39.82 3.63
C PHE D 320 -30.15 39.37 2.46
N LEU D 321 -30.73 39.37 1.26
CA LEU D 321 -29.97 39.01 0.05
C LEU D 321 -30.53 39.75 -1.15
N ILE D 322 -29.63 40.39 -1.91
CA ILE D 322 -29.99 41.11 -3.13
C ILE D 322 -29.36 40.37 -4.31
N THR D 323 -30.09 40.30 -5.44
CA THR D 323 -29.65 39.59 -6.63
C THR D 323 -29.66 40.53 -7.83
N ASN D 324 -28.68 40.34 -8.72
CA ASN D 324 -28.56 41.09 -9.99
C ASN D 324 -29.18 40.28 -11.11
N ARG D 325 -30.48 40.46 -11.34
CA ARG D 325 -31.24 39.62 -12.27
C ARG D 325 -30.60 39.51 -13.66
N GLU D 326 -29.68 40.41 -13.97
CA GLU D 326 -29.01 40.36 -15.29
C GLU D 326 -28.05 39.17 -15.30
N ILE D 327 -27.70 38.63 -14.13
CA ILE D 327 -26.77 37.46 -14.07
C ILE D 327 -27.47 36.27 -13.43
N ILE D 328 -28.50 36.50 -12.63
CA ILE D 328 -29.13 35.33 -11.95
C ILE D 328 -30.33 34.93 -12.78
N SER D 329 -30.50 33.64 -13.06
CA SER D 329 -31.56 33.18 -13.99
C SER D 329 -32.97 33.38 -13.43
N GLU D 330 -33.14 33.29 -12.12
CA GLU D 330 -34.50 33.31 -11.60
C GLU D 330 -34.55 34.14 -10.33
N ASP D 331 -35.76 34.60 -10.01
CA ASP D 331 -36.01 35.32 -8.77
C ASP D 331 -35.86 34.36 -7.59
N ILE D 332 -35.00 34.72 -6.65
CA ILE D 332 -34.84 33.91 -5.45
C ILE D 332 -35.97 34.22 -4.48
N GLU D 333 -36.54 33.17 -3.90
CA GLU D 333 -37.57 33.32 -2.88
C GLU D 333 -36.92 33.52 -1.52
N ASP D 334 -37.65 34.18 -0.62
CA ASP D 334 -37.21 34.24 0.77
C ASP D 334 -37.08 32.83 1.33
N PHE D 335 -36.04 32.60 2.12
CA PHE D 335 -35.77 31.28 2.66
C PHE D 335 -35.00 31.41 3.97
N GLU D 336 -34.58 30.28 4.53
CA GLU D 336 -33.98 30.25 5.86
C GLU D 336 -32.70 29.42 5.85
N TYR D 337 -31.68 29.92 6.56
CA TYR D 337 -30.42 29.13 6.74
C TYR D 337 -29.99 29.25 8.19
N THR D 338 -30.67 28.57 9.10
CA THR D 338 -30.23 28.55 10.51
C THR D 338 -29.31 27.37 10.70
N PRO D 339 -27.98 27.53 10.59
CA PRO D 339 -27.07 26.40 10.64
C PRO D 339 -27.22 25.71 11.99
N LYS D 340 -27.43 26.49 13.03
CA LYS D 340 -27.66 25.91 14.37
C LYS D 340 -28.66 26.82 15.04
N PRO D 341 -29.32 26.39 16.13
CA PRO D 341 -30.34 27.20 16.74
C PRO D 341 -29.73 28.53 17.19
N GLU D 342 -28.49 28.49 17.66
CA GLU D 342 -27.84 29.70 18.20
C GLU D 342 -27.73 30.76 17.13
N TYR D 343 -27.49 30.36 15.89
CA TYR D 343 -27.26 31.33 14.81
C TYR D 343 -28.46 31.40 13.87
N PRO D 344 -29.58 32.06 14.24
CA PRO D 344 -30.76 32.14 13.38
C PRO D 344 -30.51 32.98 12.13
N GLY D 345 -31.12 32.57 11.03
CA GLY D 345 -30.98 33.28 9.77
C GLY D 345 -32.19 33.22 8.87
N PHE D 346 -32.95 34.32 8.82
CA PHE D 346 -34.13 34.44 7.97
C PHE D 346 -33.85 35.51 6.92
N PHE D 347 -33.91 35.11 5.64
CA PHE D 347 -33.41 35.95 4.55
C PHE D 347 -34.53 36.41 3.64
N THR D 348 -34.86 37.69 3.73
CA THR D 348 -35.58 38.41 2.68
C THR D 348 -34.71 38.63 1.45
N ILE D 349 -35.30 38.42 0.28
CA ILE D 349 -34.62 38.55 -1.00
C ILE D 349 -35.03 39.85 -1.66
N PHE D 350 -34.05 40.61 -2.14
CA PHE D 350 -34.26 41.84 -2.87
C PHE D 350 -33.84 41.59 -4.32
N ASN D 351 -34.75 41.08 -5.13
CA ASN D 351 -34.44 40.80 -6.52
C ASN D 351 -34.47 42.10 -7.31
N GLU D 352 -33.36 42.43 -7.99
CA GLU D 352 -33.21 43.69 -8.69
C GLU D 352 -32.74 43.42 -10.11
N ASN D 353 -33.27 44.20 -11.07
CA ASN D 353 -33.02 43.93 -12.48
C ASN D 353 -31.56 44.10 -12.85
N ASP D 354 -30.95 45.20 -12.42
CA ASP D 354 -29.66 45.63 -12.93
C ASP D 354 -28.63 45.65 -11.81
N GLU D 355 -27.34 45.64 -12.20
CA GLU D 355 -26.28 45.78 -11.21
C GLU D 355 -26.35 47.15 -10.53
N VAL D 356 -26.66 48.17 -11.32
CA VAL D 356 -26.80 49.51 -10.70
C VAL D 356 -27.80 49.39 -9.57
N ALA D 357 -28.87 48.62 -9.77
CA ALA D 357 -29.93 48.56 -8.74
C ALA D 357 -29.40 47.95 -7.46
N LEU D 358 -28.57 46.92 -7.59
CA LEU D 358 -28.09 46.23 -6.37
C LEU D 358 -27.31 47.25 -5.56
N LEU D 359 -26.46 48.01 -6.24
CA LEU D 359 -25.60 48.94 -5.49
C LEU D 359 -26.51 49.93 -4.80
N GLN D 360 -27.51 50.41 -5.53
CA GLN D 360 -28.44 51.39 -4.95
C GLN D 360 -29.22 50.73 -3.82
N ARG D 361 -29.66 49.50 -4.04
CA ARG D 361 -30.50 48.85 -3.01
C ARG D 361 -29.66 48.69 -1.75
N PHE D 362 -28.40 48.32 -1.94
CA PHE D 362 -27.51 48.16 -0.77
C PHE D 362 -27.33 49.50 -0.10
N PHE D 363 -26.98 50.52 -0.88
CA PHE D 363 -26.65 51.81 -0.27
C PHE D 363 -27.89 52.40 0.40
N GLU D 364 -29.02 52.34 -0.29
CA GLU D 364 -30.22 52.99 0.27
C GLU D 364 -30.53 52.27 1.56
N HIS D 365 -30.12 51.02 1.61
CA HIS D 365 -30.46 50.23 2.78
C HIS D 365 -29.46 50.36 3.92
N ILE D 366 -28.15 50.49 3.64
CA ILE D 366 -27.23 50.95 4.69
C ILE D 366 -27.74 52.25 5.27
N ARG D 367 -28.12 53.17 4.39
CA ARG D 367 -28.56 54.50 4.76
C ARG D 367 -29.82 54.46 5.61
N ASP D 368 -30.52 53.32 5.65
CA ASP D 368 -31.84 53.26 6.25
C ASP D 368 -31.79 52.72 7.67
N VAL D 369 -30.78 51.87 7.96
CA VAL D 369 -30.55 51.32 9.30
C VAL D 369 -29.47 52.04 10.09
N ARG D 370 -28.69 52.94 9.47
CA ARG D 370 -27.59 53.66 10.14
C ARG D 370 -26.70 52.71 10.93
N PRO D 371 -25.87 51.89 10.29
CA PRO D 371 -24.99 51.00 11.04
C PRO D 371 -23.75 51.75 11.51
N THR D 372 -23.39 51.56 12.78
CA THR D 372 -22.16 52.13 13.31
C THR D 372 -21.00 51.15 13.26
N VAL D 373 -21.24 49.92 12.81
CA VAL D 373 -20.19 48.93 12.57
C VAL D 373 -20.63 48.01 11.43
N ILE D 374 -19.73 47.85 10.45
CA ILE D 374 -19.93 46.95 9.32
C ILE D 374 -18.79 45.96 9.29
N SER D 375 -19.12 44.67 9.24
CA SER D 375 -18.13 43.61 9.27
C SER D 375 -18.07 42.89 7.92
N THR D 376 -16.86 42.47 7.54
CA THR D 376 -16.65 41.65 6.34
C THR D 376 -15.65 40.55 6.67
N PHE D 377 -15.40 39.71 5.67
CA PHE D 377 -14.32 38.74 5.70
C PHE D 377 -13.40 39.05 4.51
N ASN D 378 -12.22 39.60 4.79
CA ASN D 378 -11.28 40.05 3.77
C ASN D 378 -11.91 41.12 2.88
N GLY D 379 -12.67 42.04 3.50
CA GLY D 379 -13.39 43.04 2.73
C GLY D 379 -12.53 44.22 2.31
N ASP D 380 -11.46 44.52 3.05
CA ASP D 380 -10.57 45.60 2.65
C ASP D 380 -9.82 45.23 1.37
N PHE D 381 -9.49 43.96 1.19
CA PHE D 381 -8.70 43.55 0.03
C PHE D 381 -9.57 43.38 -1.21
N PHE D 382 -10.76 42.81 -1.07
CA PHE D 382 -11.56 42.42 -2.23
C PHE D 382 -12.95 43.03 -2.24
N ASP D 383 -13.78 42.79 -1.22
CA ASP D 383 -15.20 43.17 -1.30
C ASP D 383 -15.37 44.67 -1.47
N TRP D 384 -14.79 45.44 -0.56
CA TRP D 384 -15.01 46.91 -0.59
C TRP D 384 -14.40 47.48 -1.87
N PRO D 385 -13.18 47.10 -2.27
CA PRO D 385 -12.62 47.72 -3.43
C PRO D 385 -13.51 47.48 -4.66
N PHE D 386 -14.06 46.28 -4.77
CA PHE D 386 -14.85 45.96 -5.98
C PHE D 386 -16.05 46.88 -6.06
N ILE D 387 -16.71 47.06 -4.94
CA ILE D 387 -17.95 47.86 -4.97
C ILE D 387 -17.57 49.26 -5.44
N HIS D 388 -16.44 49.77 -4.97
CA HIS D 388 -16.05 51.16 -5.34
C HIS D 388 -15.82 51.25 -6.84
N ASN D 389 -15.09 50.31 -7.43
CA ASN D 389 -14.77 50.43 -8.86
C ASN D 389 -16.11 50.35 -9.60
N ARG D 390 -16.87 49.31 -9.29
CA ARG D 390 -18.12 49.15 -10.00
C ARG D 390 -19.03 50.37 -9.86
N SER D 391 -19.11 50.94 -8.64
CA SER D 391 -19.93 52.13 -8.43
C SER D 391 -19.45 53.28 -9.31
N LYS D 392 -18.13 53.37 -9.52
CA LYS D 392 -17.62 54.35 -10.47
C LYS D 392 -18.06 54.03 -11.90
N ILE D 393 -18.07 52.74 -12.26
CA ILE D 393 -18.48 52.35 -13.61
C ILE D 393 -19.88 52.82 -13.90
N HIS D 394 -20.81 52.60 -12.96
CA HIS D 394 -22.20 52.96 -13.15
C HIS D 394 -22.50 54.42 -12.80
N GLY D 395 -21.47 55.24 -12.61
CA GLY D 395 -21.66 56.64 -12.29
C GLY D 395 -22.16 56.89 -10.88
N LEU D 396 -21.67 56.14 -9.90
CA LEU D 396 -22.08 56.28 -8.51
C LEU D 396 -20.86 56.64 -7.66
N ASP D 397 -21.04 57.62 -6.78
CA ASP D 397 -20.00 58.04 -5.83
C ASP D 397 -20.30 57.33 -4.52
N MET D 398 -19.51 56.29 -4.21
CA MET D 398 -19.76 55.53 -3.00
C MET D 398 -19.66 56.40 -1.75
N PHE D 399 -18.82 57.44 -1.79
CA PHE D 399 -18.67 58.26 -0.60
C PHE D 399 -19.92 59.09 -0.32
N ASP D 400 -20.51 59.70 -1.35
CA ASP D 400 -21.78 60.38 -1.10
C ASP D 400 -22.94 59.41 -0.86
N GLU D 401 -22.76 58.12 -1.16
CA GLU D 401 -23.85 57.17 -0.95
C GLU D 401 -23.84 56.61 0.47
N ILE D 402 -22.68 56.24 0.99
CA ILE D 402 -22.57 55.61 2.30
C ILE D 402 -21.37 56.10 3.09
N GLY D 403 -20.64 57.07 2.55
CA GLY D 403 -19.57 57.69 3.32
C GLY D 403 -18.35 56.83 3.51
N PHE D 404 -18.17 55.81 2.68
CA PHE D 404 -16.98 54.98 2.74
C PHE D 404 -16.03 55.36 1.61
N ALA D 405 -14.73 55.25 1.88
CA ALA D 405 -13.69 55.58 0.92
C ALA D 405 -12.39 54.95 1.38
N PRO D 406 -11.46 54.70 0.46
CA PRO D 406 -10.17 54.12 0.86
C PRO D 406 -9.36 55.08 1.70
N ASP D 407 -8.32 54.54 2.34
CA ASP D 407 -7.41 55.32 3.17
C ASP D 407 -5.98 55.18 2.65
N ALA D 408 -5.02 55.70 3.43
CA ALA D 408 -3.63 55.76 3.01
C ALA D 408 -3.01 54.39 2.80
N GLU D 409 -3.53 53.34 3.44
CA GLU D 409 -3.06 51.98 3.21
C GLU D 409 -4.02 51.17 2.35
N GLY D 410 -5.02 51.83 1.73
CA GLY D 410 -5.95 51.16 0.85
C GLY D 410 -7.17 50.58 1.53
N GLU D 411 -7.22 50.59 2.85
CA GLU D 411 -8.34 50.02 3.57
C GLU D 411 -9.50 51.02 3.61
N TYR D 412 -10.71 50.49 3.65
CA TYR D 412 -11.92 51.30 3.49
C TYR D 412 -12.51 51.61 4.86
N LYS D 413 -12.81 52.90 5.09
CA LYS D 413 -13.23 53.38 6.39
C LYS D 413 -14.33 54.42 6.23
N SER D 414 -15.02 54.69 7.33
CA SER D 414 -16.01 55.76 7.38
C SER D 414 -15.91 56.47 8.71
N SER D 415 -16.35 57.73 8.72
CA SER D 415 -16.29 58.52 9.95
C SER D 415 -17.25 58.00 11.00
N TYR D 416 -18.43 57.52 10.58
CA TYR D 416 -19.49 57.15 11.50
C TYR D 416 -19.59 55.65 11.78
N CYS D 417 -18.90 54.82 11.00
CA CYS D 417 -19.10 53.38 11.08
C CYS D 417 -17.76 52.68 10.99
N SER D 418 -17.40 51.93 12.02
CA SER D 418 -16.20 51.12 11.98
C SER D 418 -16.36 50.00 10.95
N HIS D 419 -15.27 49.69 10.25
CA HIS D 419 -15.23 48.56 9.33
C HIS D 419 -14.42 47.44 10.00
N MET D 420 -15.11 46.37 10.36
CA MET D 420 -14.52 45.28 11.13
C MET D 420 -14.22 44.10 10.22
N ASP D 421 -12.99 44.04 9.73
CA ASP D 421 -12.55 42.95 8.86
C ASP D 421 -12.10 41.79 9.74
N CYS D 422 -12.93 40.76 9.83
CA CYS D 422 -12.66 39.64 10.74
C CYS D 422 -11.36 38.94 10.38
N PHE D 423 -10.91 39.11 9.15
CA PHE D 423 -9.68 38.41 8.70
C PHE D 423 -8.52 38.92 9.54
N ARG D 424 -8.51 40.23 9.80
CA ARG D 424 -7.42 40.82 10.58
C ARG D 424 -7.43 40.25 12.00
N TRP D 425 -8.62 40.09 12.56
CA TRP D 425 -8.71 39.54 13.92
C TRP D 425 -8.16 38.12 13.92
N LEU D 426 -8.50 37.35 12.90
CA LEU D 426 -8.06 35.95 12.85
C LEU D 426 -6.55 35.92 12.73
N LYS D 427 -5.99 36.81 11.93
CA LYS D 427 -4.54 36.79 11.70
C LYS D 427 -3.76 37.14 12.96
N ARG D 428 -4.25 38.08 13.76
CA ARG D 428 -3.44 38.54 14.91
C ARG D 428 -3.87 37.94 16.24
N ASP D 429 -5.15 37.82 16.50
CA ASP D 429 -5.59 37.43 17.87
C ASP D 429 -6.30 36.07 17.97
N SER D 430 -6.47 35.34 16.88
CA SER D 430 -7.22 34.07 16.89
C SER D 430 -6.35 32.96 17.45
N TYR D 431 -5.05 33.15 17.42
CA TYR D 431 -4.08 32.10 17.79
C TYR D 431 -4.23 30.85 16.94
N LEU D 432 -4.92 30.96 15.81
CA LEU D 432 -5.08 29.88 14.87
C LEU D 432 -3.87 29.83 13.94
N PRO D 433 -3.46 28.64 13.50
CA PRO D 433 -2.44 28.56 12.45
C PRO D 433 -2.96 29.19 11.17
N GLN D 434 -2.03 29.70 10.37
CA GLN D 434 -2.42 30.36 9.12
C GLN D 434 -3.14 29.39 8.20
N GLY D 435 -2.86 28.10 8.30
CA GLY D 435 -3.62 27.08 7.60
C GLY D 435 -4.99 26.80 8.16
N SER D 436 -5.43 27.56 9.18
CA SER D 436 -6.77 27.42 9.73
C SER D 436 -7.54 28.73 9.70
N GLN D 437 -7.07 29.73 8.97
CA GLN D 437 -7.66 31.06 8.99
C GLN D 437 -8.60 31.33 7.81
N GLY D 438 -8.96 30.30 7.04
CA GLY D 438 -10.02 30.44 6.08
C GLY D 438 -11.37 30.30 6.74
N LEU D 439 -12.38 30.94 6.14
CA LEU D 439 -13.68 31.02 6.81
C LEU D 439 -14.23 29.66 7.22
N LYS D 440 -14.07 28.63 6.37
CA LYS D 440 -14.67 27.34 6.70
C LYS D 440 -14.11 26.79 8.01
N ALA D 441 -12.78 26.78 8.16
CA ALA D 441 -12.18 26.21 9.37
C ALA D 441 -12.56 27.00 10.61
N VAL D 442 -12.54 28.33 10.49
CA VAL D 442 -12.90 29.21 11.59
C VAL D 442 -14.32 28.91 12.05
N THR D 443 -15.25 28.77 11.11
CA THR D 443 -16.63 28.47 11.45
C THR D 443 -16.74 27.18 12.24
N GLN D 444 -16.07 26.12 11.77
CA GLN D 444 -16.10 24.85 12.50
C GLN D 444 -15.45 25.00 13.87
N SER D 445 -14.25 25.58 13.91
CA SER D 445 -13.51 25.69 15.15
C SER D 445 -14.22 26.60 16.16
N LYS D 446 -14.66 27.77 15.71
CA LYS D 446 -15.17 28.80 16.61
C LYS D 446 -16.68 28.82 16.73
N LEU D 447 -17.43 28.52 15.66
CA LEU D 447 -18.88 28.53 15.73
C LEU D 447 -19.49 27.14 15.88
N GLY D 448 -18.76 26.09 15.52
CA GLY D 448 -19.21 24.73 15.76
C GLY D 448 -20.15 24.16 14.72
N TYR D 449 -19.91 24.46 13.44
CA TYR D 449 -20.71 23.86 12.37
C TYR D 449 -19.94 24.01 11.06
N ASN D 450 -20.50 23.38 10.02
CA ASN D 450 -19.88 23.32 8.70
C ASN D 450 -20.59 24.24 7.72
N PRO D 451 -19.90 25.31 7.27
CA PRO D 451 -20.50 26.25 6.36
C PRO D 451 -20.68 25.63 4.97
N ILE D 452 -21.73 26.03 4.27
CA ILE D 452 -22.01 25.43 2.94
C ILE D 452 -20.86 25.82 2.03
N GLU D 453 -20.48 24.93 1.12
CA GLU D 453 -19.30 25.20 0.27
C GLU D 453 -19.69 25.27 -1.21
N LEU D 454 -18.77 25.74 -2.04
CA LEU D 454 -18.96 25.90 -3.48
C LEU D 454 -17.57 26.09 -4.09
N ASP D 455 -17.18 25.21 -5.00
CA ASP D 455 -15.92 25.38 -5.72
C ASP D 455 -15.94 26.69 -6.51
N PRO D 456 -14.97 27.59 -6.30
CA PRO D 456 -15.02 28.92 -6.94
C PRO D 456 -15.38 28.92 -8.42
N GLU D 457 -14.85 27.97 -9.19
CA GLU D 457 -15.13 27.93 -10.63
C GLU D 457 -16.60 27.74 -10.94
N LEU D 458 -17.38 27.23 -10.00
CA LEU D 458 -18.77 26.90 -10.24
C LEU D 458 -19.72 28.05 -9.92
N MET D 459 -19.23 29.11 -9.27
CA MET D 459 -20.09 30.22 -8.91
C MET D 459 -20.65 30.90 -10.15
N THR D 460 -19.80 31.17 -11.13
CA THR D 460 -20.28 31.80 -12.35
C THR D 460 -21.27 30.91 -13.12
N PRO D 461 -21.00 29.62 -13.38
CA PRO D 461 -22.02 28.83 -14.07
C PRO D 461 -23.25 28.54 -13.22
N TYR D 462 -23.08 28.29 -11.93
CA TYR D 462 -24.23 28.02 -11.08
C TYR D 462 -25.18 29.22 -11.00
N ALA D 463 -24.79 30.38 -11.53
CA ALA D 463 -25.64 31.55 -11.45
C ALA D 463 -26.90 31.41 -12.32
N PHE D 464 -26.84 30.61 -13.40
CA PHE D 464 -28.07 30.24 -14.08
C PHE D 464 -28.31 28.73 -14.10
N GLU D 465 -27.31 27.90 -13.79
CA GLU D 465 -27.60 26.49 -13.62
C GLU D 465 -28.35 26.22 -12.33
N LYS D 466 -27.92 26.84 -11.23
CA LYS D 466 -28.48 26.56 -9.90
C LYS D 466 -28.44 27.82 -9.04
N PRO D 467 -29.21 28.87 -9.42
CA PRO D 467 -29.23 30.09 -8.58
C PRO D 467 -29.46 29.87 -7.09
N GLN D 468 -30.45 29.05 -6.73
CA GLN D 468 -30.74 28.83 -5.32
C GLN D 468 -29.58 28.20 -4.59
N HIS D 469 -28.87 27.28 -5.25
CA HIS D 469 -27.67 26.69 -4.66
C HIS D 469 -26.60 27.75 -4.41
N LEU D 470 -26.40 28.63 -5.38
CA LEU D 470 -25.45 29.71 -5.17
C LEU D 470 -25.99 30.73 -4.18
N SER D 471 -27.28 31.04 -4.26
CA SER D 471 -27.90 31.95 -3.31
C SER D 471 -27.76 31.44 -1.88
N GLU D 472 -27.87 30.13 -1.69
CA GLU D 472 -27.71 29.56 -0.35
C GLU D 472 -26.26 29.60 0.10
N TYR D 473 -25.30 29.45 -0.83
CA TYR D 473 -23.91 29.63 -0.43
C TYR D 473 -23.65 31.08 -0.06
N SER D 474 -24.17 32.01 -0.85
CA SER D 474 -23.99 33.43 -0.59
C SER D 474 -24.38 33.77 0.85
N VAL D 475 -25.51 33.23 1.31
CA VAL D 475 -25.95 33.52 2.67
C VAL D 475 -25.17 32.74 3.72
N SER D 476 -24.48 31.67 3.33
CA SER D 476 -23.65 30.96 4.31
C SER D 476 -22.46 31.81 4.73
N ASP D 477 -21.84 32.52 3.78
CA ASP D 477 -20.73 33.40 4.12
C ASP D 477 -21.19 34.54 5.03
N ALA D 478 -22.39 35.07 4.79
CA ALA D 478 -22.87 36.19 5.58
C ALA D 478 -23.26 35.74 6.99
N VAL D 479 -23.90 34.58 7.11
CA VAL D 479 -24.26 34.06 8.44
C VAL D 479 -23.01 33.80 9.26
N ALA D 480 -22.03 33.12 8.67
CA ALA D 480 -20.81 32.81 9.40
C ALA D 480 -20.02 34.06 9.75
N THR D 481 -20.07 35.09 8.91
CA THR D 481 -19.33 36.32 9.19
C THR D 481 -19.97 37.08 10.34
N TYR D 482 -21.29 37.25 10.31
CA TYR D 482 -21.97 38.06 11.31
C TYR D 482 -21.80 37.47 12.72
N TYR D 483 -22.03 36.16 12.86
CA TYR D 483 -21.96 35.55 14.17
C TYR D 483 -20.52 35.38 14.65
N LEU D 484 -19.58 35.14 13.72
CA LEU D 484 -18.17 35.18 14.09
C LEU D 484 -17.81 36.51 14.71
N TYR D 485 -18.26 37.60 14.09
CA TYR D 485 -17.97 38.92 14.64
C TYR D 485 -18.66 39.11 16.00
N MET D 486 -19.93 38.73 16.09
CA MET D 486 -20.73 39.07 17.26
C MET D 486 -20.28 38.33 18.51
N LYS D 487 -19.77 37.12 18.38
CA LYS D 487 -19.43 36.30 19.54
C LYS D 487 -17.95 36.37 19.89
N TYR D 488 -17.11 36.92 19.01
CA TYR D 488 -15.67 36.85 19.18
C TYR D 488 -14.99 38.19 19.02
N VAL D 489 -15.15 38.81 17.85
CA VAL D 489 -14.44 40.05 17.55
C VAL D 489 -15.01 41.17 18.39
N HIS D 490 -16.26 41.56 18.08
CA HIS D 490 -16.91 42.70 18.74
C HIS D 490 -16.68 42.80 20.24
N PRO D 491 -16.91 41.77 21.05
CA PRO D 491 -16.60 41.92 22.48
C PRO D 491 -15.13 42.17 22.75
N PHE D 492 -14.24 41.51 22.01
CA PHE D 492 -12.81 41.67 22.26
C PHE D 492 -12.33 43.07 21.89
N ILE D 493 -12.61 43.50 20.66
CA ILE D 493 -12.08 44.77 20.18
C ILE D 493 -12.63 45.94 20.98
N PHE D 494 -13.95 45.94 21.22
CA PHE D 494 -14.56 47.07 21.90
C PHE D 494 -14.17 47.12 23.38
N SER D 495 -14.01 45.97 24.03
CA SER D 495 -13.49 45.97 25.39
C SER D 495 -12.06 46.47 25.42
N LEU D 496 -11.27 46.12 24.40
CA LEU D 496 -9.88 46.56 24.33
C LEU D 496 -9.78 48.07 24.17
N CYS D 497 -10.72 48.68 23.45
CA CYS D 497 -10.74 50.12 23.30
C CYS D 497 -10.95 50.85 24.62
N THR D 498 -11.52 50.18 25.63
CA THR D 498 -11.70 50.84 26.92
C THR D 498 -10.38 51.07 27.65
N ILE D 499 -9.30 50.44 27.22
CA ILE D 499 -8.00 50.66 27.84
C ILE D 499 -6.94 51.13 26.86
N ILE D 500 -7.14 50.98 25.56
CA ILE D 500 -6.16 51.35 24.54
C ILE D 500 -6.67 52.60 23.82
N PRO D 501 -5.86 53.66 23.75
CA PRO D 501 -6.33 54.96 23.22
C PRO D 501 -6.46 54.98 21.70
N LEU D 502 -7.29 54.08 21.17
CA LEU D 502 -7.53 54.01 19.73
C LEU D 502 -8.99 53.72 19.49
N ASN D 503 -9.45 54.02 18.27
CA ASN D 503 -10.79 53.65 17.85
C ASN D 503 -10.83 52.17 17.48
N PRO D 504 -12.02 51.59 17.33
CA PRO D 504 -12.09 50.17 16.91
C PRO D 504 -11.30 49.88 15.64
N ASP D 505 -11.40 50.74 14.62
CA ASP D 505 -10.70 50.49 13.36
C ASP D 505 -9.21 50.27 13.56
N GLU D 506 -8.61 50.99 14.50
CA GLU D 506 -7.18 50.83 14.76
C GLU D 506 -6.89 49.74 15.78
N THR D 507 -7.71 49.62 16.82
CA THR D 507 -7.52 48.53 17.77
C THR D 507 -7.51 47.19 17.06
N LEU D 508 -8.33 47.04 16.02
CA LEU D 508 -8.38 45.78 15.28
C LEU D 508 -7.11 45.55 14.46
N ARG D 509 -6.50 46.61 13.94
CA ARG D 509 -5.55 46.48 12.86
C ARG D 509 -4.09 46.76 13.22
N LYS D 510 -3.81 47.46 14.31
CA LYS D 510 -2.43 47.78 14.62
C LYS D 510 -1.68 46.53 15.09
N GLY D 511 -0.38 46.51 14.82
CA GLY D 511 0.46 45.46 15.36
C GLY D 511 0.35 45.37 16.87
N THR D 512 0.60 44.18 17.40
CA THR D 512 0.52 44.00 18.85
C THR D 512 1.60 44.79 19.56
N GLY D 513 2.75 45.00 18.91
CA GLY D 513 3.76 45.87 19.50
C GLY D 513 3.27 47.28 19.69
N THR D 514 2.62 47.84 18.66
CA THR D 514 2.04 49.18 18.77
C THR D 514 1.00 49.23 19.88
N LEU D 515 0.21 48.16 20.02
CA LEU D 515 -0.76 48.11 21.13
C LEU D 515 -0.06 48.25 22.46
N CYS D 516 1.02 47.48 22.69
CA CYS D 516 1.81 47.63 23.90
C CYS D 516 2.29 49.07 24.07
N GLU D 517 2.85 49.64 23.01
CA GLU D 517 3.33 51.02 23.06
C GLU D 517 2.23 51.97 23.53
N MET D 518 1.03 51.82 22.98
CA MET D 518 -0.09 52.67 23.38
C MET D 518 -0.34 52.55 24.89
N LEU D 519 -0.43 51.32 25.39
CA LEU D 519 -0.63 51.13 26.83
C LEU D 519 0.50 51.73 27.63
N LEU D 520 1.74 51.56 27.15
CA LEU D 520 2.88 52.11 27.88
C LEU D 520 2.91 53.63 27.82
N MET D 521 2.44 54.23 26.71
CA MET D 521 2.44 55.68 26.62
C MET D 521 1.42 56.30 27.58
N VAL D 522 0.34 55.59 27.87
CA VAL D 522 -0.63 56.09 28.85
C VAL D 522 0.00 56.08 30.25
N GLN D 523 0.63 54.97 30.62
CA GLN D 523 1.29 54.90 31.92
C GLN D 523 2.40 55.94 32.04
N ALA D 524 3.21 56.10 30.99
CA ALA D 524 4.27 57.09 31.04
C ALA D 524 3.70 58.50 31.22
N TYR D 525 2.62 58.82 30.50
CA TYR D 525 2.05 60.16 30.58
C TYR D 525 1.47 60.42 31.97
N GLN D 526 0.67 59.47 32.47
CA GLN D 526 -0.03 59.69 33.74
C GLN D 526 0.93 59.76 34.92
N HIS D 527 2.11 59.17 34.79
CA HIS D 527 3.17 59.31 35.79
C HIS D 527 4.11 60.46 35.49
N ASN D 528 3.75 61.32 34.53
CA ASN D 528 4.54 62.50 34.16
C ASN D 528 5.94 62.11 33.66
N ILE D 529 6.06 60.95 33.04
CA ILE D 529 7.33 60.50 32.50
C ILE D 529 7.45 60.98 31.05
N LEU D 530 8.62 61.52 30.71
CA LEU D 530 8.89 62.00 29.37
C LEU D 530 9.15 60.82 28.44
N LEU D 531 8.45 60.80 27.30
CA LEU D 531 8.58 59.69 26.37
C LEU D 531 9.95 59.74 25.68
N PRO D 532 10.68 58.63 25.65
CA PRO D 532 11.86 58.58 24.78
C PRO D 532 11.45 58.64 23.32
N ASN D 533 12.34 59.13 22.49
CA ASN D 533 12.08 59.11 21.05
C ASN D 533 12.23 57.70 20.51
N LYS D 534 11.65 57.46 19.34
CA LYS D 534 11.71 56.13 18.74
C LYS D 534 13.15 55.74 18.46
N HIS D 535 13.47 54.48 18.75
CA HIS D 535 14.85 53.99 18.57
C HIS D 535 15.20 53.89 17.10
N THR D 536 16.45 54.18 16.78
CA THR D 536 16.93 54.10 15.39
C THR D 536 18.15 53.18 15.43
N ASP D 537 18.22 52.22 14.51
CA ASP D 537 19.32 51.24 14.59
C ASP D 537 20.46 51.68 13.68
N PRO D 538 21.72 51.46 14.08
CA PRO D 538 22.85 51.81 13.26
C PRO D 538 22.82 51.06 11.92
N ILE D 539 23.08 51.75 10.82
CA ILE D 539 23.12 51.15 9.50
C ILE D 539 24.28 50.17 9.40
N GLU D 540 25.41 50.53 9.99
CA GLU D 540 26.60 49.69 10.05
C GLU D 540 27.04 49.58 11.50
N ARG D 541 27.18 48.35 11.98
CA ARG D 541 27.75 48.07 13.29
C ARG D 541 28.87 47.06 13.12
N PHE D 542 29.86 47.14 14.01
CA PHE D 542 31.07 46.35 13.87
C PHE D 542 31.39 45.63 15.17
N TYR D 543 32.14 44.55 15.03
CA TYR D 543 32.68 43.82 16.17
C TYR D 543 34.02 43.18 15.84
N ASP D 544 35.02 43.60 16.63
CA ASP D 544 36.41 43.15 16.50
C ASP D 544 36.90 43.30 15.06
N GLY D 545 36.51 44.41 14.44
CA GLY D 545 36.90 44.70 13.08
C GLY D 545 36.00 44.11 12.00
N HIS D 546 35.09 43.21 12.37
CA HIS D 546 34.23 42.54 11.40
C HIS D 546 32.88 43.23 11.35
N LEU D 547 32.42 43.54 10.13
CA LEU D 547 31.10 44.11 9.94
C LEU D 547 30.05 43.09 10.34
N LEU D 548 29.12 43.50 11.21
CA LEU D 548 28.09 42.60 11.71
C LEU D 548 26.91 42.56 10.74
N GLU D 549 26.50 41.35 10.36
CA GLU D 549 25.28 41.18 9.58
C GLU D 549 24.04 41.28 10.45
N SER D 550 24.10 40.74 11.66
CA SER D 550 23.02 40.81 12.64
C SER D 550 23.54 40.37 14.00
N GLU D 551 22.92 40.88 15.05
CA GLU D 551 23.22 40.47 16.42
C GLU D 551 21.92 40.23 17.18
N THR D 552 21.96 39.29 18.11
CA THR D 552 20.80 38.98 18.94
C THR D 552 21.27 38.25 20.20
N TYR D 553 20.32 37.60 20.88
CA TYR D 553 20.57 36.86 22.11
C TYR D 553 20.11 35.43 21.96
N VAL D 554 20.75 34.52 22.72
CA VAL D 554 20.23 33.16 22.87
C VAL D 554 18.83 33.20 23.45
N GLY D 555 17.86 32.73 22.67
CA GLY D 555 16.47 32.70 23.09
C GLY D 555 16.10 31.46 23.88
N GLY D 556 14.89 30.97 23.65
CA GLY D 556 14.41 29.83 24.41
C GLY D 556 15.22 28.56 24.16
N HIS D 557 15.11 27.63 25.09
CA HIS D 557 15.84 26.38 25.06
C HIS D 557 14.91 25.23 24.66
N VAL D 558 15.30 24.48 23.64
CA VAL D 558 14.48 23.39 23.13
C VAL D 558 15.35 22.14 23.08
N GLU D 559 14.76 20.99 23.42
CA GLU D 559 15.47 19.72 23.37
C GLU D 559 14.50 18.60 23.01
N SER D 560 14.85 17.81 22.00
CA SER D 560 14.20 16.52 21.80
C SER D 560 15.00 15.47 22.53
N LEU D 561 14.33 14.68 23.36
CA LEU D 561 14.96 13.72 24.24
C LEU D 561 14.69 12.27 23.85
N GLU D 562 13.45 11.97 23.44
CA GLU D 562 13.07 10.61 23.09
C GLU D 562 12.07 10.68 21.95
N ALA D 563 11.88 9.54 21.29
CA ALA D 563 10.89 9.43 20.23
C ALA D 563 10.12 8.14 20.43
N GLY D 564 9.02 8.01 19.70
CA GLY D 564 8.24 6.79 19.74
C GLY D 564 6.84 6.97 20.27
N VAL D 565 6.26 5.84 20.66
CA VAL D 565 4.87 5.84 21.15
C VAL D 565 4.90 5.51 22.62
N PHE D 566 4.50 6.46 23.46
CA PHE D 566 4.38 6.18 24.91
C PHE D 566 2.86 6.18 25.18
N ARG D 567 2.33 5.10 25.73
CA ARG D 567 0.87 5.00 25.88
C ARG D 567 0.50 4.60 27.30
N SER D 568 -0.74 4.85 27.70
CA SER D 568 -1.16 4.57 29.07
C SER D 568 -1.38 3.08 29.33
N ASP D 569 -1.59 2.29 28.28
CA ASP D 569 -1.77 0.85 28.41
C ASP D 569 -0.50 0.08 28.12
N LEU D 570 0.56 0.77 27.75
CA LEU D 570 1.81 0.07 27.38
C LEU D 570 2.86 0.39 28.43
N LYS D 571 3.46 -0.63 29.02
CA LYS D 571 4.43 -0.43 30.11
C LYS D 571 5.74 0.15 29.60
N ASN D 572 6.48 0.81 30.48
CA ASN D 572 7.77 1.41 30.11
C ASN D 572 8.78 1.17 31.23
N GLU D 573 10.06 1.35 30.96
CA GLU D 573 11.14 1.09 31.91
C GLU D 573 11.68 2.39 32.46
N PHE D 574 11.88 2.43 33.78
CA PHE D 574 12.32 3.64 34.48
C PHE D 574 13.58 3.36 35.28
N LYS D 575 14.52 4.29 35.25
CA LYS D 575 15.62 4.34 36.20
C LYS D 575 15.41 5.54 37.11
N ILE D 576 15.37 5.31 38.40
CA ILE D 576 15.15 6.37 39.39
C ILE D 576 16.42 6.57 40.18
N ASP D 577 16.85 7.82 40.27
CA ASP D 577 17.99 8.18 41.11
C ASP D 577 17.57 8.17 42.57
N PRO D 578 18.14 7.29 43.41
CA PRO D 578 17.72 7.26 44.82
C PRO D 578 18.12 8.49 45.59
N SER D 579 19.23 9.14 45.22
CA SER D 579 19.56 10.43 45.82
C SER D 579 18.43 11.43 45.60
N ALA D 580 17.76 11.34 44.44
CA ALA D 580 16.72 12.31 44.10
C ALA D 580 15.49 12.17 44.99
N ILE D 581 15.07 10.93 45.31
CA ILE D 581 13.95 10.79 46.24
C ILE D 581 14.33 11.24 47.64
N ASP D 582 15.58 11.04 48.06
CA ASP D 582 16.01 11.58 49.35
C ASP D 582 15.77 13.09 49.40
N GLU D 583 16.19 13.79 48.35
CA GLU D 583 16.02 15.25 48.33
C GLU D 583 14.56 15.65 48.35
N LEU D 584 13.71 14.89 47.66
CA LEU D 584 12.28 15.22 47.62
C LEU D 584 11.64 15.12 49.01
N LEU D 585 11.89 14.03 49.73
CA LEU D 585 11.41 13.92 51.11
C LEU D 585 12.04 14.95 52.05
N GLN D 586 13.31 15.27 51.88
CA GLN D 586 13.89 16.33 52.71
C GLN D 586 13.16 17.65 52.46
N GLU D 587 12.83 17.93 51.20
CA GLU D 587 12.10 19.13 50.82
C GLU D 587 10.58 18.95 50.86
N LEU D 588 10.10 17.73 51.09
CA LEU D 588 8.65 17.50 51.12
C LEU D 588 7.89 18.36 52.13
N PRO D 589 8.39 18.61 53.35
CA PRO D 589 7.58 19.42 54.28
C PRO D 589 7.32 20.84 53.78
N GLU D 590 8.39 21.58 53.46
CA GLU D 590 8.21 22.97 53.07
C GLU D 590 7.51 23.10 51.72
N ALA D 591 7.58 22.06 50.88
CA ALA D 591 6.91 22.09 49.58
C ALA D 591 5.43 21.76 49.71
N LEU D 592 5.10 20.70 50.47
CA LEU D 592 3.71 20.44 50.81
C LEU D 592 3.10 21.61 51.56
N LYS D 593 3.96 22.40 52.22
CA LYS D 593 3.45 23.63 52.87
C LYS D 593 3.40 24.74 51.81
N PHE D 594 4.41 24.82 50.97
CA PHE D 594 4.48 25.94 50.01
C PHE D 594 3.18 25.90 49.23
N SER D 595 2.71 24.69 48.98
CA SER D 595 1.49 24.66 48.17
C SER D 595 0.46 25.48 48.91
N VAL D 596 0.31 25.26 50.22
CA VAL D 596 -0.77 25.98 50.97
C VAL D 596 -0.40 27.44 51.17
N GLU D 597 0.82 27.70 51.62
CA GLU D 597 1.18 29.10 51.96
C GLU D 597 1.10 29.95 50.71
N VAL D 598 1.57 29.44 49.59
CA VAL D 598 1.64 30.30 48.38
C VAL D 598 0.67 29.81 47.32
N GLU D 599 0.98 28.68 46.73
CA GLU D 599 0.20 28.16 45.61
C GLU D 599 -1.29 28.32 45.86
N ASN D 600 -1.74 28.19 47.11
CA ASN D 600 -3.16 28.30 47.44
C ASN D 600 -3.48 29.47 48.37
N LYS D 601 -2.47 30.20 48.87
CA LYS D 601 -2.69 31.41 49.67
C LYS D 601 -3.47 31.12 50.94
N SER D 602 -3.06 30.07 51.65
CA SER D 602 -3.69 29.67 52.89
C SER D 602 -2.61 29.19 53.86
N SER D 603 -3.01 28.91 55.09
CA SER D 603 -2.10 28.43 56.12
C SER D 603 -2.40 26.97 56.45
N VAL D 604 -1.38 26.30 57.01
CA VAL D 604 -1.56 24.93 57.47
C VAL D 604 -2.49 24.86 58.67
N ASP D 605 -2.73 26.00 59.34
CA ASP D 605 -3.57 26.00 60.53
C ASP D 605 -4.98 25.51 60.25
N LYS D 606 -5.48 25.72 59.03
CA LYS D 606 -6.83 25.33 58.67
C LYS D 606 -6.88 24.04 57.85
N VAL D 607 -5.78 23.29 57.78
CA VAL D 607 -5.68 22.09 56.96
C VAL D 607 -5.86 20.88 57.86
N THR D 608 -6.87 20.05 57.56
CA THR D 608 -7.22 18.97 58.49
C THR D 608 -6.32 17.77 58.27
N ASN D 609 -6.14 17.40 57.00
CA ASN D 609 -5.55 16.13 56.59
C ASN D 609 -4.17 16.32 55.98
N PHE D 610 -3.36 17.19 56.58
CA PHE D 610 -1.98 17.34 56.14
C PHE D 610 -1.21 16.03 56.28
N GLU D 611 -1.35 15.37 57.44
CA GLU D 611 -0.54 14.20 57.73
C GLU D 611 -0.87 13.03 56.82
N GLU D 612 -2.17 12.77 56.60
CA GLU D 612 -2.57 11.65 55.76
C GLU D 612 -2.01 11.79 54.34
N ILE D 613 -1.95 13.02 53.84
CA ILE D 613 -1.44 13.25 52.49
C ILE D 613 0.05 12.91 52.43
N LYS D 614 0.86 13.57 53.27
CA LYS D 614 2.30 13.34 53.23
C LYS D 614 2.64 11.91 53.59
N ASN D 615 1.81 11.24 54.38
CA ASN D 615 2.01 9.82 54.65
C ASN D 615 1.79 9.01 53.38
N GLN D 616 0.70 9.28 52.66
CA GLN D 616 0.43 8.59 51.41
C GLN D 616 1.53 8.86 50.38
N ILE D 617 2.05 10.09 50.36
CA ILE D 617 3.17 10.40 49.48
C ILE D 617 4.43 9.68 49.94
N THR D 618 4.74 9.78 51.24
CA THR D 618 5.94 9.16 51.79
C THR D 618 6.01 7.67 51.44
N GLN D 619 4.89 6.96 51.58
CA GLN D 619 4.84 5.55 51.21
C GLN D 619 5.24 5.37 49.76
N LYS D 620 4.62 6.12 48.86
CA LYS D 620 4.99 6.04 47.46
C LYS D 620 6.46 6.41 47.25
N LEU D 621 6.97 7.42 47.97
CA LEU D 621 8.34 7.84 47.69
C LEU D 621 9.34 6.79 48.15
N LEU D 622 9.18 6.29 49.38
CA LEU D 622 10.09 5.26 49.88
C LEU D 622 10.07 4.03 48.98
N GLU D 623 8.89 3.65 48.49
CA GLU D 623 8.80 2.46 47.65
C GLU D 623 9.70 2.57 46.43
N LEU D 624 9.80 3.77 45.86
CA LEU D 624 10.67 3.94 44.70
C LEU D 624 12.13 4.09 45.10
N LYS D 625 12.42 4.52 46.33
CA LYS D 625 13.80 4.57 46.81
C LYS D 625 14.42 3.18 46.86
N GLU D 626 13.67 2.20 47.33
CA GLU D 626 14.15 0.83 47.43
C GLU D 626 13.91 0.02 46.16
N ASN D 627 12.98 0.45 45.31
CA ASN D 627 12.70 -0.22 44.04
C ASN D 627 13.06 0.75 42.92
N ASN D 628 14.36 0.88 42.64
CA ASN D 628 14.82 1.79 41.61
C ASN D 628 14.33 1.36 40.24
N ILE D 629 14.43 0.08 39.94
CA ILE D 629 14.37 -0.40 38.57
C ILE D 629 12.95 -0.93 38.34
N ARG D 630 12.21 -0.27 37.47
CA ARG D 630 10.79 -0.57 37.32
C ARG D 630 10.41 -0.58 35.85
N ASN D 631 9.78 -1.68 35.43
CA ASN D 631 8.99 -1.75 34.21
C ASN D 631 7.55 -1.51 34.62
N GLU D 632 6.98 -0.38 34.22
CA GLU D 632 5.63 -0.05 34.70
C GLU D 632 4.89 0.81 33.68
N LEU D 633 3.56 0.78 33.80
CA LEU D 633 2.73 1.67 32.99
C LEU D 633 3.07 3.12 33.28
N PRO D 634 3.05 4.00 32.28
CA PRO D 634 3.51 5.37 32.51
C PRO D 634 2.37 6.35 32.72
N LEU D 635 2.73 7.57 33.13
CA LEU D 635 1.80 8.68 33.25
C LEU D 635 2.32 9.80 32.36
N ILE D 636 1.60 10.09 31.28
CA ILE D 636 2.05 11.07 30.30
C ILE D 636 1.57 12.45 30.76
N TYR D 637 2.44 13.15 31.47
CA TYR D 637 2.22 14.51 31.96
C TYR D 637 2.97 15.55 31.13
N HIS D 638 2.44 16.77 31.22
CA HIS D 638 3.00 17.97 30.60
C HIS D 638 3.01 19.05 31.67
N VAL D 639 4.18 19.62 31.94
CA VAL D 639 4.29 20.77 32.82
C VAL D 639 4.76 21.94 31.98
N ASP D 640 4.43 23.15 32.45
CA ASP D 640 4.62 24.37 31.70
C ASP D 640 4.33 25.55 32.60
N VAL D 641 5.22 26.52 32.66
CA VAL D 641 4.98 27.69 33.50
C VAL D 641 3.99 28.62 32.81
N ALA D 642 3.25 29.35 33.61
CA ALA D 642 2.24 30.27 33.05
C ALA D 642 2.85 31.65 32.81
N SER D 643 2.59 32.23 31.66
CA SER D 643 3.04 33.61 31.41
C SER D 643 4.47 33.66 31.95
N MET D 644 5.37 32.92 31.32
CA MET D 644 6.76 32.82 31.81
C MET D 644 7.52 34.12 31.63
N TYR D 645 7.72 34.53 30.39
CA TYR D 645 8.59 35.69 30.18
C TYR D 645 7.98 36.88 30.93
N PRO D 646 6.67 37.16 30.83
CA PRO D 646 6.12 38.24 31.65
C PRO D 646 6.42 38.06 33.12
N ASN D 647 6.17 36.86 33.65
CA ASN D 647 6.43 36.62 35.07
C ASN D 647 7.92 36.72 35.38
N ILE D 648 8.79 36.29 34.46
CA ILE D 648 10.22 36.50 34.67
C ILE D 648 10.52 37.98 34.77
N MET D 649 9.87 38.79 33.92
CA MET D 649 10.10 40.23 33.96
C MET D 649 9.61 40.83 35.28
N THR D 650 8.47 40.34 35.78
CA THR D 650 7.86 40.94 36.95
C THR D 650 8.50 40.48 38.25
N THR D 651 9.12 39.29 38.29
CA THR D 651 9.80 38.89 39.52
C THR D 651 11.15 39.56 39.67
N ASN D 652 11.89 39.76 38.58
CA ASN D 652 13.18 40.40 38.66
C ASN D 652 13.12 41.88 38.33
N ARG D 653 11.92 42.42 38.06
CA ARG D 653 11.74 43.85 37.82
C ARG D 653 12.39 44.28 36.51
N LEU D 654 12.17 43.50 35.46
CA LEU D 654 12.82 43.78 34.19
C LEU D 654 12.10 44.90 33.47
N GLN D 655 12.86 45.90 33.02
CA GLN D 655 12.34 46.88 32.09
C GLN D 655 13.53 47.59 31.44
N PRO D 656 13.37 48.14 30.24
CA PRO D 656 14.49 48.82 29.59
C PRO D 656 15.13 49.93 30.42
N ASP D 657 14.33 50.74 31.13
CA ASP D 657 14.91 51.82 31.92
C ASP D 657 15.60 51.33 33.19
N SER D 658 15.43 50.06 33.58
CA SER D 658 16.12 49.52 34.74
C SER D 658 17.53 49.02 34.44
N ILE D 659 17.96 49.03 33.18
CA ILE D 659 19.27 48.50 32.85
C ILE D 659 20.38 49.51 33.12
N THR D 676 22.51 49.41 47.08
CA THR D 676 22.46 48.07 46.50
C THR D 676 21.25 48.05 45.56
N CYS D 677 21.07 49.13 44.80
CA CYS D 677 19.97 49.15 43.85
C CYS D 677 20.19 48.17 42.70
N ALA D 678 21.37 47.55 42.60
CA ALA D 678 21.76 46.79 41.43
C ALA D 678 21.62 45.28 41.67
N ARG D 679 20.89 44.63 40.79
CA ARG D 679 20.76 43.18 40.75
C ARG D 679 21.36 42.70 39.44
N LYS D 680 22.54 42.08 39.52
CA LYS D 680 23.28 41.69 38.33
C LYS D 680 22.75 40.38 37.76
N LEU D 681 22.42 40.38 36.47
CA LEU D 681 21.85 39.21 35.81
C LEU D 681 22.54 38.96 34.47
N LYS D 682 22.66 37.69 34.11
CA LYS D 682 23.38 37.26 32.92
C LYS D 682 22.47 37.14 31.72
N TRP D 683 23.02 37.46 30.55
CA TRP D 683 22.39 37.16 29.27
C TRP D 683 23.47 36.70 28.30
N ALA D 684 23.05 36.20 27.15
CA ALA D 684 23.96 35.64 26.15
C ALA D 684 23.80 36.38 24.83
N TRP D 685 24.85 37.07 24.41
CA TRP D 685 24.86 37.78 23.13
C TRP D 685 25.33 36.86 22.02
N ARG D 686 24.77 37.06 20.83
CA ARG D 686 25.20 36.32 19.64
C ARG D 686 25.13 37.25 18.44
N GLY D 687 26.26 37.40 17.74
CA GLY D 687 26.29 38.19 16.53
C GLY D 687 26.75 37.37 15.34
N GLU D 688 26.40 37.83 14.14
CA GLU D 688 26.78 37.16 12.89
C GLU D 688 27.56 38.17 12.04
N PHE D 689 28.87 37.99 11.96
CA PHE D 689 29.73 38.95 11.28
C PHE D 689 30.39 38.33 10.06
N PHE D 690 30.66 39.17 9.07
CA PHE D 690 31.43 38.74 7.91
C PHE D 690 32.88 38.49 8.32
N PRO D 691 33.50 37.42 7.83
CA PRO D 691 34.90 37.15 8.22
C PRO D 691 35.91 38.13 7.65
N SER D 692 35.56 38.87 6.60
CA SER D 692 36.46 39.89 6.07
C SER D 692 36.66 40.99 7.10
N LYS D 693 37.88 41.48 7.20
CA LYS D 693 38.19 42.59 8.09
C LYS D 693 38.21 43.90 7.32
N MET D 694 38.19 45.01 8.07
CA MET D 694 38.10 46.32 7.43
C MET D 694 39.34 46.66 6.62
N ASP D 695 40.50 46.08 6.95
CA ASP D 695 41.66 46.24 6.10
C ASP D 695 41.35 45.73 4.70
N GLU D 696 40.69 44.57 4.61
CA GLU D 696 40.10 44.20 3.34
C GLU D 696 38.88 45.08 3.02
N TYR D 697 37.97 45.29 3.99
CA TYR D 697 36.75 46.05 3.69
C TYR D 697 37.04 47.45 3.19
N ASN D 698 38.21 48.02 3.48
CA ASN D 698 38.34 49.43 3.15
C ASN D 698 38.80 49.57 1.71
N MET D 699 39.55 48.55 1.23
CA MET D 699 40.14 48.53 -0.11
C MET D 699 39.11 48.18 -1.18
N ILE D 700 38.15 47.31 -0.84
CA ILE D 700 37.02 47.03 -1.71
C ILE D 700 35.90 48.06 -1.57
N LYS D 701 36.06 49.06 -0.69
CA LYS D 701 35.26 50.26 -0.81
C LYS D 701 35.78 51.18 -1.90
N ARG D 702 37.10 51.18 -2.12
CA ARG D 702 37.68 51.99 -3.19
C ARG D 702 37.29 51.47 -4.56
N ALA D 703 36.99 50.17 -4.67
CA ALA D 703 36.52 49.62 -5.94
C ALA D 703 35.06 49.96 -6.20
N LEU D 704 34.27 50.12 -5.14
CA LEU D 704 32.86 50.50 -5.32
C LEU D 704 32.73 51.98 -5.65
N GLN D 705 33.65 52.82 -5.14
CA GLN D 705 33.58 54.24 -5.42
C GLN D 705 34.00 54.57 -6.85
N ASN D 706 34.68 53.65 -7.53
CA ASN D 706 35.11 53.85 -8.92
C ASN D 706 34.16 53.15 -9.90
N GLU D 707 32.89 53.00 -9.53
CA GLU D 707 31.89 52.41 -10.41
C GLU D 707 30.67 53.33 -10.45
N THR D 708 29.94 53.29 -11.56
CA THR D 708 28.82 54.20 -11.81
C THR D 708 27.50 53.54 -11.50
N PHE D 709 26.51 54.36 -11.19
CA PHE D 709 25.22 53.93 -10.67
C PHE D 709 24.07 54.60 -11.43
N PRO D 710 22.92 53.96 -11.49
CA PRO D 710 21.77 54.52 -12.24
C PRO D 710 21.13 55.72 -11.55
N ASN D 711 20.14 56.27 -12.24
CA ASN D 711 19.35 57.40 -11.73
C ASN D 711 17.92 56.97 -11.41
N LEU D 721 26.10 59.24 -11.49
CA LEU D 721 25.70 58.91 -10.10
C LEU D 721 26.84 58.14 -9.42
N THR D 722 27.80 58.85 -8.84
CA THR D 722 28.91 58.20 -8.11
C THR D 722 28.39 57.64 -6.79
N PHE D 723 29.16 56.74 -6.19
CA PHE D 723 28.70 56.09 -4.95
C PHE D 723 28.44 57.17 -3.91
N ASP D 724 29.34 58.14 -3.82
CA ASP D 724 29.20 59.16 -2.75
C ASP D 724 27.87 59.87 -2.94
N GLU D 725 27.47 60.06 -4.20
CA GLU D 725 26.18 60.75 -4.50
C GLU D 725 25.03 59.90 -3.95
N LEU D 726 25.18 58.58 -4.03
CA LEU D 726 24.09 57.67 -3.58
C LEU D 726 23.89 57.81 -2.08
N SER D 727 22.66 57.57 -1.62
CA SER D 727 22.35 57.64 -0.18
C SER D 727 23.28 56.71 0.58
N TYR D 728 23.61 57.06 1.81
CA TYR D 728 24.60 56.23 2.54
C TYR D 728 24.02 54.83 2.63
N ALA D 729 22.71 54.77 2.81
CA ALA D 729 22.05 53.45 2.99
C ALA D 729 22.25 52.59 1.74
N ASP D 730 22.00 53.16 0.57
CA ASP D 730 22.12 52.31 -0.63
C ASP D 730 23.57 51.90 -0.68
N GLN D 731 24.43 52.83 -0.30
CA GLN D 731 25.85 52.53 -0.42
C GLN D 731 26.13 51.30 0.43
N VAL D 732 25.60 51.27 1.63
CA VAL D 732 25.92 50.13 2.51
C VAL D 732 25.41 48.87 1.81
N ILE D 733 24.30 48.99 1.09
CA ILE D 733 23.73 47.78 0.44
C ILE D 733 24.74 47.28 -0.59
N HIS D 734 25.25 48.21 -1.39
CA HIS D 734 26.25 47.82 -2.41
C HIS D 734 27.48 47.32 -1.67
N ILE D 735 27.85 47.99 -0.61
CA ILE D 735 29.11 47.60 0.06
C ILE D 735 28.91 46.16 0.49
N LYS D 736 27.71 45.86 0.95
CA LYS D 736 27.47 44.51 1.48
C LYS D 736 27.68 43.49 0.39
N LYS D 737 26.87 43.57 -0.65
CA LYS D 737 26.92 42.56 -1.71
C LYS D 737 28.35 42.30 -2.18
N ARG D 738 29.18 43.35 -2.19
CA ARG D 738 30.60 43.15 -2.49
C ARG D 738 31.25 42.30 -1.41
N LEU D 739 31.08 42.68 -0.14
CA LEU D 739 31.54 41.86 0.97
C LEU D 739 31.03 40.43 0.86
N THR D 740 29.73 40.28 0.61
CA THR D 740 29.12 38.96 0.49
C THR D 740 29.86 38.10 -0.52
N GLU D 741 30.25 38.69 -1.65
CA GLU D 741 31.00 37.96 -2.67
C GLU D 741 32.26 37.33 -2.10
N TYR D 742 32.96 38.05 -1.21
CA TYR D 742 34.30 37.65 -0.80
C TYR D 742 34.24 36.44 0.11
N SER D 743 34.77 35.33 -0.38
CA SER D 743 34.94 34.12 0.40
C SER D 743 36.31 34.21 1.08
N ARG D 744 36.29 34.47 2.39
CA ARG D 744 37.49 34.78 3.17
C ARG D 744 38.68 33.89 2.78
N LYS D 745 39.89 34.48 2.75
CA LYS D 745 41.07 33.78 2.25
C LYS D 745 41.38 32.52 3.05
N VAL D 746 41.29 32.60 4.39
CA VAL D 746 41.76 31.53 5.27
C VAL D 746 40.75 30.37 5.39
N TYR D 747 39.43 30.65 5.46
CA TYR D 747 38.39 29.62 5.58
C TYR D 747 37.24 29.75 4.60
N HIS D 748 37.18 30.82 3.81
CA HIS D 748 36.14 30.96 2.79
C HIS D 748 34.73 30.98 3.38
N ARG D 749 34.59 31.23 4.69
CA ARG D 749 33.28 31.26 5.34
C ARG D 749 32.48 32.47 4.88
N VAL D 750 31.17 32.38 5.01
CA VAL D 750 30.30 33.47 4.62
C VAL D 750 29.96 34.38 5.79
N LYS D 751 29.99 33.85 7.02
CA LYS D 751 29.69 34.61 8.24
C LYS D 751 29.95 33.76 9.48
N VAL D 752 30.88 34.18 10.32
CA VAL D 752 31.15 33.50 11.59
C VAL D 752 30.23 34.11 12.65
N SER D 753 29.64 33.27 13.51
CA SER D 753 28.91 33.76 14.67
C SER D 753 29.59 33.32 15.95
N GLU D 754 29.47 34.15 16.98
CA GLU D 754 30.04 33.88 18.28
C GLU D 754 29.00 34.19 19.35
N ILE D 755 29.17 33.55 20.51
CA ILE D 755 28.25 33.70 21.63
C ILE D 755 29.08 34.11 22.84
N VAL D 756 29.02 35.39 23.22
CA VAL D 756 29.69 35.90 24.41
C VAL D 756 28.64 36.17 25.48
N GLU D 757 28.92 35.74 26.70
CA GLU D 757 28.03 35.95 27.83
C GLU D 757 28.28 37.31 28.44
N ARG D 758 27.20 38.06 28.65
CA ARG D 758 27.26 39.36 29.30
C ARG D 758 26.33 39.39 30.51
N GLU D 759 26.73 40.12 31.53
CA GLU D 759 25.84 40.41 32.65
C GLU D 759 25.55 41.90 32.68
N ALA D 760 24.37 42.24 33.16
CA ALA D 760 23.88 43.61 33.14
C ALA D 760 23.26 43.97 34.48
N ILE D 761 23.15 45.27 34.70
CA ILE D 761 22.62 45.84 35.93
C ILE D 761 21.12 46.04 35.77
N VAL D 762 20.32 45.41 36.63
CA VAL D 762 18.93 45.82 36.83
C VAL D 762 18.85 46.59 38.14
N CYS D 763 18.63 47.89 38.03
CA CYS D 763 18.29 48.70 39.19
C CYS D 763 16.95 48.23 39.76
N GLN D 764 16.96 47.84 41.03
CA GLN D 764 15.73 47.43 41.69
C GLN D 764 14.86 48.60 42.13
N ARG D 765 15.31 49.84 41.91
CA ARG D 765 14.60 51.03 42.37
C ARG D 765 13.92 51.84 41.28
N GLU D 766 14.24 51.59 40.01
CA GLU D 766 13.77 52.47 38.95
C GLU D 766 12.24 52.56 38.96
N ASN D 767 11.73 53.64 38.38
CA ASN D 767 10.30 53.84 38.20
C ASN D 767 9.72 52.65 37.47
N PRO D 768 8.91 51.84 38.14
CA PRO D 768 8.46 50.57 37.54
C PRO D 768 7.24 50.71 36.64
N PHE D 769 7.14 51.78 35.87
CA PHE D 769 5.93 51.98 35.06
C PHE D 769 5.80 50.93 33.97
N TYR D 770 6.92 50.44 33.42
CA TYR D 770 6.87 49.38 32.43
C TYR D 770 6.46 48.05 33.06
N VAL D 771 7.23 47.61 34.07
CA VAL D 771 6.99 46.32 34.72
C VAL D 771 5.54 46.23 35.19
N ASP D 772 5.06 47.28 35.86
CA ASP D 772 3.70 47.30 36.38
C ASP D 772 2.66 47.19 35.27
N THR D 773 2.92 47.83 34.11
CA THR D 773 2.03 47.65 32.97
C THR D 773 1.97 46.19 32.55
N VAL D 774 3.12 45.50 32.60
CA VAL D 774 3.16 44.09 32.26
C VAL D 774 2.35 43.26 33.24
N LYS D 775 2.59 43.47 34.55
CA LYS D 775 1.73 42.88 35.57
C LYS D 775 0.25 43.09 35.30
N SER D 776 -0.14 44.34 35.08
CA SER D 776 -1.56 44.65 34.92
C SER D 776 -2.15 43.86 33.77
N PHE D 777 -1.43 43.78 32.65
CA PHE D 777 -1.96 43.02 31.53
C PHE D 777 -1.91 41.52 31.77
N ARG D 778 -0.91 41.05 32.50
CA ARG D 778 -0.90 39.64 32.90
C ARG D 778 -2.17 39.30 33.67
N ASP D 779 -2.46 40.07 34.73
CA ASP D 779 -3.66 39.82 35.52
C ASP D 779 -4.92 39.94 34.68
N ARG D 780 -4.92 40.88 33.73
CA ARG D 780 -6.04 40.97 32.81
C ARG D 780 -6.20 39.68 32.03
N ARG D 781 -5.09 39.06 31.60
CA ARG D 781 -5.18 37.77 30.92
C ARG D 781 -5.55 36.66 31.90
N TYR D 782 -4.94 36.66 33.10
CA TYR D 782 -5.19 35.59 34.05
C TYR D 782 -6.68 35.44 34.36
N GLU D 783 -7.46 36.53 34.29
CA GLU D 783 -8.89 36.44 34.51
C GLU D 783 -9.51 35.36 33.64
N PHE D 784 -9.42 35.53 32.32
CA PHE D 784 -10.07 34.63 31.38
C PHE D 784 -9.45 33.24 31.42
N LYS D 785 -8.14 33.15 31.67
CA LYS D 785 -7.48 31.86 31.81
C LYS D 785 -8.04 31.07 32.98
N GLY D 786 -8.43 31.75 34.07
CA GLY D 786 -9.04 31.07 35.20
C GLY D 786 -10.49 30.75 34.98
N LEU D 787 -11.17 31.55 34.15
CA LEU D 787 -12.56 31.23 33.81
C LEU D 787 -12.63 30.06 32.84
N ALA D 788 -11.66 29.98 31.93
CA ALA D 788 -11.45 28.74 31.19
C ALA D 788 -11.24 27.56 32.15
N LYS D 789 -10.40 27.76 33.17
CA LYS D 789 -10.17 26.71 34.16
C LYS D 789 -11.38 26.47 35.03
N THR D 790 -12.16 27.52 35.33
CA THR D 790 -13.37 27.33 36.12
C THR D 790 -14.40 26.50 35.37
N TRP D 791 -14.57 26.78 34.07
CA TRP D 791 -15.59 26.10 33.29
C TRP D 791 -15.14 24.76 32.73
N LYS D 792 -13.82 24.51 32.59
CA LYS D 792 -13.37 23.14 32.36
C LYS D 792 -13.69 22.26 33.56
N GLY D 793 -13.75 22.84 34.73
CA GLY D 793 -14.22 22.01 35.85
C GLY D 793 -15.72 21.85 35.79
N ASN D 794 -16.43 22.92 35.48
CA ASN D 794 -17.91 22.86 35.51
C ASN D 794 -18.40 21.80 34.53
N LEU D 795 -17.76 21.69 33.36
CA LEU D 795 -18.27 20.75 32.35
C LEU D 795 -18.24 19.38 33.00
N SER D 796 -17.20 19.14 33.77
CA SER D 796 -17.05 17.81 34.38
C SER D 796 -18.29 17.57 35.25
N LYS D 797 -18.72 18.61 35.97
CA LYS D 797 -19.84 18.40 36.92
C LYS D 797 -21.09 17.99 36.15
N ILE D 798 -21.35 18.59 34.98
CA ILE D 798 -22.65 18.32 34.32
C ILE D 798 -22.79 16.84 33.96
N ASP D 799 -23.98 16.29 34.16
CA ASP D 799 -24.24 14.87 33.82
C ASP D 799 -24.19 14.74 32.32
N PRO D 800 -23.59 13.69 31.75
CA PRO D 800 -23.45 13.66 30.32
C PRO D 800 -24.82 13.92 29.70
N SER D 801 -25.88 13.51 30.39
CA SER D 801 -27.25 13.61 29.81
C SER D 801 -27.68 15.05 29.54
N ASP D 802 -27.29 16.00 30.39
CA ASP D 802 -27.83 17.37 30.17
C ASP D 802 -27.04 17.98 29.02
N LYS D 803 -27.51 17.74 27.81
CA LYS D 803 -26.79 18.27 26.64
C LYS D 803 -26.78 19.79 26.73
N HIS D 804 -27.92 20.39 27.08
CA HIS D 804 -27.97 21.87 27.10
C HIS D 804 -26.84 22.37 27.99
N ALA D 805 -26.85 21.93 29.24
CA ALA D 805 -25.83 22.39 30.18
C ALA D 805 -24.43 22.13 29.64
N ARG D 806 -24.19 20.91 29.13
CA ARG D 806 -22.91 20.62 28.51
C ARG D 806 -22.62 21.59 27.38
N ASP D 807 -23.58 21.76 26.47
CA ASP D 807 -23.37 22.62 25.30
C ASP D 807 -23.05 24.05 25.71
N GLU D 808 -23.73 24.57 26.73
CA GLU D 808 -23.43 25.94 27.15
C GLU D 808 -22.07 26.03 27.83
N ALA D 809 -21.69 24.99 28.57
CA ALA D 809 -20.38 24.99 29.22
C ALA D 809 -19.25 24.87 28.20
N LYS D 810 -19.40 24.00 27.19
CA LYS D 810 -18.38 23.95 26.15
C LYS D 810 -18.33 25.27 25.39
N LYS D 811 -19.45 26.00 25.35
CA LYS D 811 -19.47 27.33 24.74
C LYS D 811 -18.64 28.32 25.55
N MET D 812 -18.79 28.29 26.88
CA MET D 812 -18.00 29.19 27.72
C MET D 812 -16.52 28.89 27.60
N ILE D 813 -16.17 27.60 27.50
CA ILE D 813 -14.78 27.20 27.43
C ILE D 813 -14.12 27.75 26.17
N VAL D 814 -14.75 27.52 25.01
CA VAL D 814 -14.19 28.05 23.77
C VAL D 814 -14.21 29.57 23.79
N LEU D 815 -15.18 30.17 24.50
CA LEU D 815 -15.25 31.62 24.59
C LEU D 815 -14.04 32.15 25.36
N TYR D 816 -13.81 31.59 26.55
CA TYR D 816 -12.78 32.08 27.44
C TYR D 816 -11.39 31.58 27.04
N ASP D 817 -11.29 30.42 26.41
CA ASP D 817 -10.02 30.04 25.81
C ASP D 817 -9.64 31.02 24.70
N SER D 818 -10.62 31.45 23.91
CA SER D 818 -10.36 32.40 22.84
C SER D 818 -9.95 33.76 23.42
N LEU D 819 -10.70 34.22 24.43
CA LEU D 819 -10.39 35.52 25.04
C LEU D 819 -9.01 35.53 25.68
N GLN D 820 -8.65 34.45 26.39
CA GLN D 820 -7.36 34.43 27.04
C GLN D 820 -6.23 34.30 26.02
N LEU D 821 -6.45 33.54 24.95
CA LEU D 821 -5.42 33.42 23.92
C LEU D 821 -5.25 34.75 23.18
N ALA D 822 -6.34 35.47 22.95
CA ALA D 822 -6.22 36.76 22.27
C ALA D 822 -5.47 37.79 23.09
N HIS D 823 -5.45 37.65 24.42
CA HIS D 823 -4.61 38.51 25.25
C HIS D 823 -3.18 38.01 25.33
N LYS D 824 -2.95 36.75 24.99
CA LYS D 824 -1.63 36.16 25.15
C LYS D 824 -0.61 36.84 24.26
N VAL D 825 -0.97 37.10 23.00
CA VAL D 825 0.02 37.61 22.06
C VAL D 825 0.36 39.06 22.40
N ILE D 826 -0.66 39.85 22.76
CA ILE D 826 -0.42 41.22 23.23
C ILE D 826 0.45 41.20 24.48
N LEU D 827 0.14 40.31 25.43
CA LEU D 827 0.94 40.22 26.64
C LEU D 827 2.40 39.92 26.30
N ASN D 828 2.66 38.78 25.66
CA ASN D 828 4.04 38.43 25.31
C ASN D 828 4.69 39.45 24.39
N SER D 829 3.90 40.28 23.70
CA SER D 829 4.47 41.38 22.92
C SER D 829 5.09 42.47 23.78
N PHE D 830 4.85 42.49 25.10
CA PHE D 830 5.57 43.43 25.96
C PHE D 830 7.04 43.03 26.07
N TYR D 831 7.31 41.72 26.07
CA TYR D 831 8.67 41.24 25.88
C TYR D 831 9.24 41.60 24.51
N GLY D 832 8.50 41.29 23.43
CA GLY D 832 9.04 41.57 22.11
C GLY D 832 9.20 43.05 21.81
N TYR D 833 8.42 43.90 22.49
CA TYR D 833 8.40 45.33 22.13
C TYR D 833 9.77 45.98 22.27
N VAL D 834 10.65 45.45 23.13
CA VAL D 834 11.92 46.10 23.40
C VAL D 834 12.99 45.78 22.37
N MET D 835 12.68 44.92 21.39
CA MET D 835 13.53 44.68 20.24
C MET D 835 12.93 45.25 18.95
N ARG D 836 11.77 45.89 19.04
CA ARG D 836 11.01 46.28 17.87
C ARG D 836 11.68 47.46 17.16
N LYS D 837 11.58 47.48 15.84
CA LYS D 837 12.02 48.63 15.08
C LYS D 837 11.17 49.84 15.46
N GLY D 838 11.83 50.92 15.86
CA GLY D 838 11.11 52.09 16.32
C GLY D 838 10.55 51.96 17.72
N SER D 839 11.09 51.05 18.53
CA SER D 839 10.65 50.93 19.91
C SER D 839 11.06 52.18 20.70
N ARG D 840 10.13 52.71 21.50
CA ARG D 840 10.46 53.82 22.38
C ARG D 840 11.16 53.38 23.65
N TRP D 841 11.19 52.07 23.95
CA TRP D 841 11.86 51.52 25.12
C TRP D 841 12.64 50.28 24.70
N TYR D 842 13.79 50.49 24.07
CA TYR D 842 14.58 49.40 23.49
C TYR D 842 15.62 48.90 24.48
N SER D 843 15.75 47.58 24.60
CA SER D 843 16.82 46.98 25.39
C SER D 843 17.04 45.55 24.91
N MET D 844 18.12 45.32 24.18
CA MET D 844 18.50 43.94 23.86
C MET D 844 18.86 43.17 25.13
N GLU D 845 19.51 43.85 26.07
CA GLU D 845 19.84 43.25 27.36
C GLU D 845 18.59 42.65 28.01
N MET D 846 17.57 43.48 28.23
CA MET D 846 16.40 43.03 28.97
C MET D 846 15.79 41.79 28.32
N ALA D 847 15.72 41.77 26.99
CA ALA D 847 15.25 40.58 26.29
C ALA D 847 16.18 39.39 26.53
N GLY D 848 17.50 39.63 26.44
CA GLY D 848 18.49 38.62 26.76
C GLY D 848 18.32 38.01 28.13
N ILE D 849 18.38 38.84 29.19
CA ILE D 849 18.24 38.32 30.55
C ILE D 849 16.95 37.51 30.69
N THR D 850 15.86 37.99 30.10
CA THR D 850 14.60 37.26 30.17
C THR D 850 14.75 35.84 29.61
N CYS D 851 15.37 35.71 28.44
CA CYS D 851 15.50 34.40 27.81
C CYS D 851 16.48 33.51 28.58
N LEU D 852 17.62 34.06 29.00
CA LEU D 852 18.61 33.21 29.66
C LEU D 852 18.07 32.69 30.99
N THR D 853 17.50 33.58 31.80
CA THR D 853 16.85 33.12 33.03
C THR D 853 15.83 32.04 32.72
N GLY D 854 15.13 32.18 31.59
CA GLY D 854 14.15 31.19 31.18
C GLY D 854 14.77 29.83 30.92
N ALA D 855 15.85 29.79 30.13
CA ALA D 855 16.50 28.52 29.85
C ALA D 855 17.05 27.87 31.10
N THR D 856 17.49 28.69 32.06
CA THR D 856 18.01 28.14 33.32
C THR D 856 16.91 27.50 34.14
N ILE D 857 15.71 28.06 34.13
CA ILE D 857 14.66 27.53 35.00
C ILE D 857 14.17 26.19 34.45
N ILE D 858 13.98 26.12 33.13
CA ILE D 858 13.50 24.88 32.49
C ILE D 858 14.56 23.77 32.56
N GLN D 859 15.84 24.14 32.56
CA GLN D 859 16.89 23.13 32.64
C GLN D 859 17.04 22.61 34.06
N MET D 860 16.89 23.50 35.03
CA MET D 860 16.75 23.09 36.43
C MET D 860 15.69 22.00 36.57
N ALA D 861 14.51 22.23 35.99
CA ALA D 861 13.44 21.25 36.08
C ALA D 861 13.78 19.97 35.32
N ARG D 862 14.48 20.11 34.19
CA ARG D 862 14.89 18.94 33.42
C ARG D 862 15.78 18.03 34.25
N ALA D 863 16.73 18.61 35.00
CA ALA D 863 17.66 17.80 35.78
C ALA D 863 16.92 16.91 36.76
N LEU D 864 15.88 17.45 37.40
CA LEU D 864 15.11 16.71 38.38
C LEU D 864 14.28 15.62 37.72
N VAL D 865 13.62 15.93 36.61
CA VAL D 865 12.74 14.96 35.97
C VAL D 865 13.53 13.78 35.38
N GLU D 866 14.76 14.02 34.90
CA GLU D 866 15.59 12.91 34.43
C GLU D 866 15.85 11.90 35.53
N ARG D 867 16.10 12.39 36.74
CA ARG D 867 16.48 11.50 37.85
C ARG D 867 15.28 10.72 38.37
N VAL D 868 14.08 11.30 38.24
CA VAL D 868 12.87 10.68 38.75
C VAL D 868 11.98 10.10 37.64
N GLY D 869 12.10 10.58 36.41
CA GLY D 869 11.39 9.95 35.32
C GLY D 869 12.17 10.00 34.02
N ARG D 870 11.49 9.82 32.89
CA ARG D 870 12.09 10.04 31.60
C ARG D 870 11.45 11.26 30.95
N PRO D 871 12.19 12.35 30.73
CA PRO D 871 11.65 13.46 29.95
C PRO D 871 11.75 13.18 28.46
N LEU D 872 10.75 13.64 27.72
CA LEU D 872 10.57 13.24 26.33
C LEU D 872 10.95 14.34 25.32
N GLU D 873 10.61 15.59 25.66
CA GLU D 873 10.47 16.74 24.78
C GLU D 873 10.24 18.03 25.56
N LEU D 874 11.15 18.99 25.37
CA LEU D 874 11.23 20.20 26.17
C LEU D 874 11.27 21.40 25.23
N ASP D 875 10.55 22.47 25.59
CA ASP D 875 10.50 23.64 24.73
C ASP D 875 10.27 24.88 25.59
N THR D 876 11.37 25.60 25.85
CA THR D 876 11.37 26.96 26.38
C THR D 876 10.91 26.96 27.84
N ASP D 877 9.64 26.57 28.04
CA ASP D 877 9.04 26.56 29.37
C ASP D 877 8.20 25.33 29.66
N GLY D 878 7.99 24.44 28.69
CA GLY D 878 7.18 23.26 28.90
C GLY D 878 7.99 22.00 28.69
N ILE D 879 7.65 20.96 29.45
CA ILE D 879 8.30 19.66 29.36
C ILE D 879 7.23 18.60 29.23
N TRP D 880 7.39 17.71 28.25
CA TRP D 880 6.61 16.49 28.18
C TRP D 880 7.45 15.37 28.77
N CYS D 881 6.84 14.56 29.64
CA CYS D 881 7.58 13.49 30.29
C CYS D 881 6.61 12.38 30.68
N ILE D 882 7.17 11.20 30.92
CA ILE D 882 6.44 10.08 31.50
C ILE D 882 7.00 9.82 32.89
N LEU D 883 6.12 9.44 33.80
CA LEU D 883 6.47 9.14 35.17
C LEU D 883 5.97 7.74 35.51
N PRO D 884 6.64 7.04 36.43
CA PRO D 884 6.12 5.75 36.88
C PRO D 884 4.70 5.90 37.41
N LYS D 885 3.86 4.92 37.12
CA LYS D 885 2.49 4.94 37.62
C LYS D 885 2.47 5.01 39.15
N SER D 886 3.52 4.54 39.80
CA SER D 886 3.61 4.55 41.27
C SER D 886 4.09 5.88 41.83
N PHE D 887 4.60 6.79 41.00
CA PHE D 887 4.98 8.11 41.49
C PHE D 887 3.74 8.85 41.98
N PRO D 888 3.86 9.65 43.04
CA PRO D 888 2.69 10.34 43.60
C PRO D 888 2.06 11.11 42.45
N GLU D 889 0.73 11.23 42.48
CA GLU D 889 0.02 11.97 41.47
C GLU D 889 -0.61 13.24 42.01
N THR D 890 -1.88 13.15 42.40
CA THR D 890 -2.71 14.32 42.70
C THR D 890 -3.37 13.96 44.02
N TYR D 891 -3.26 14.86 45.00
CA TYR D 891 -3.94 14.66 46.27
C TYR D 891 -4.68 15.93 46.64
N PHE D 892 -5.91 15.78 47.11
CA PHE D 892 -6.74 16.90 47.48
C PHE D 892 -6.73 17.07 48.99
N PHE D 893 -6.34 18.26 49.44
CA PHE D 893 -6.40 18.61 50.85
C PHE D 893 -7.84 18.89 51.26
N THR D 894 -8.09 18.86 52.57
CA THR D 894 -9.37 19.26 53.13
C THR D 894 -9.13 20.29 54.22
N LEU D 895 -10.05 21.25 54.32
CA LEU D 895 -9.97 22.35 55.26
C LEU D 895 -11.27 22.44 56.05
N GLU D 896 -11.26 23.27 57.10
CA GLU D 896 -12.36 23.28 58.06
C GLU D 896 -13.68 23.68 57.41
N ASN D 897 -13.65 24.64 56.49
CA ASN D 897 -14.86 25.13 55.85
C ASN D 897 -15.55 24.07 54.98
N GLY D 898 -14.90 22.93 54.73
CA GLY D 898 -15.42 21.92 53.85
C GLY D 898 -14.84 21.96 52.45
N LYS D 899 -14.17 23.06 52.08
CA LYS D 899 -13.55 23.16 50.77
C LYS D 899 -12.32 22.25 50.70
N LYS D 900 -11.79 22.10 49.49
CA LYS D 900 -10.65 21.22 49.24
C LYS D 900 -9.62 21.93 48.39
N LEU D 901 -8.40 22.05 48.91
CA LEU D 901 -7.28 22.52 48.11
C LEU D 901 -6.76 21.38 47.23
N TYR D 902 -6.22 21.74 46.08
CA TYR D 902 -5.79 20.77 45.07
C TYR D 902 -4.28 20.74 45.00
N LEU D 903 -3.70 19.55 45.12
CA LEU D 903 -2.26 19.36 45.12
C LEU D 903 -1.88 18.34 44.06
N SER D 904 -1.07 18.76 43.10
CA SER D 904 -0.39 17.86 42.18
C SER D 904 1.06 17.83 42.63
N TYR D 905 1.43 16.80 43.40
CA TYR D 905 2.80 16.69 43.86
C TYR D 905 3.80 16.86 42.74
N PRO D 906 3.71 16.17 41.60
CA PRO D 906 4.64 16.48 40.51
C PRO D 906 4.72 17.97 40.25
N CYS D 907 3.59 18.67 40.22
CA CYS D 907 3.69 20.07 39.83
C CYS D 907 4.27 20.92 40.96
N SER D 908 4.00 20.55 42.22
CA SER D 908 4.40 21.34 43.38
C SER D 908 5.84 21.08 43.84
N MET D 909 6.41 19.92 43.53
CA MET D 909 7.80 19.65 43.87
C MET D 909 8.75 20.52 43.05
N LEU D 910 8.36 20.81 41.79
CA LEU D 910 9.14 21.74 40.98
C LEU D 910 8.98 23.15 41.52
N ASN D 911 7.75 23.52 41.84
CA ASN D 911 7.42 24.91 42.14
C ASN D 911 8.17 25.43 43.38
N TYR D 912 8.56 24.55 44.29
CA TYR D 912 9.52 24.96 45.32
C TYR D 912 10.97 24.74 44.92
N ARG D 913 11.26 23.86 43.96
CA ARG D 913 12.55 23.98 43.28
C ARG D 913 12.71 25.39 42.72
N VAL D 914 11.63 25.96 42.19
CA VAL D 914 11.69 27.27 41.55
C VAL D 914 11.90 28.37 42.58
N HIS D 915 11.12 28.36 43.66
CA HIS D 915 11.14 29.46 44.61
C HIS D 915 12.19 29.30 45.69
N GLN D 916 12.92 28.19 45.71
CA GLN D 916 14.12 28.11 46.52
C GLN D 916 15.35 28.66 45.81
N LYS D 917 15.31 28.73 44.48
CA LYS D 917 16.49 29.10 43.69
C LYS D 917 16.31 30.32 42.81
N PHE D 918 15.07 30.71 42.48
CA PHE D 918 14.84 31.78 41.51
C PHE D 918 13.93 32.87 42.07
N THR D 919 14.00 33.16 43.36
CA THR D 919 13.22 34.22 43.97
C THR D 919 14.06 35.48 44.09
N ASN D 920 13.45 36.62 43.78
CA ASN D 920 14.12 37.92 43.86
C ASN D 920 13.90 38.50 45.24
N HIS D 921 14.96 38.56 46.04
CA HIS D 921 14.90 39.16 47.37
C HIS D 921 15.43 40.59 47.39
N GLN D 922 15.89 41.12 46.26
CA GLN D 922 16.39 42.49 46.20
C GLN D 922 15.33 43.48 45.73
N TYR D 923 14.08 43.04 45.59
CA TYR D 923 13.10 43.84 44.86
C TYR D 923 12.53 44.92 45.77
N GLN D 924 12.67 46.16 45.33
CA GLN D 924 12.39 47.33 46.12
C GLN D 924 11.20 48.07 45.54
N GLU D 925 10.45 48.74 46.41
CA GLU D 925 9.30 49.53 45.99
C GLU D 925 9.18 50.73 46.91
N LEU D 926 8.62 51.80 46.35
CA LEU D 926 8.55 53.07 47.06
C LEU D 926 7.39 53.05 48.04
N LYS D 927 7.67 53.22 49.34
CA LYS D 927 6.56 53.30 50.29
C LYS D 927 6.23 54.75 50.65
N ASP D 928 7.26 55.58 50.89
CA ASP D 928 7.06 56.99 51.23
C ASP D 928 7.54 57.86 50.07
N PRO D 929 6.65 58.24 49.15
CA PRO D 929 7.09 59.05 48.00
C PRO D 929 7.37 60.51 48.33
N LEU D 930 6.94 61.00 49.49
CA LEU D 930 7.31 62.36 49.87
C LEU D 930 8.70 62.44 50.46
N ASN D 931 9.15 61.38 51.14
CA ASN D 931 10.50 61.32 51.70
C ASN D 931 11.41 60.34 50.98
N TYR D 932 10.92 59.69 49.92
CA TYR D 932 11.75 58.82 49.06
C TYR D 932 12.33 57.66 49.85
N ILE D 933 11.44 56.93 50.54
CA ILE D 933 11.81 55.79 51.37
C ILE D 933 11.33 54.52 50.68
N TYR D 934 12.26 53.59 50.46
CA TYR D 934 11.97 52.31 49.83
C TYR D 934 12.05 51.19 50.85
N GLU D 935 11.42 50.08 50.48
CA GLU D 935 11.42 48.87 51.33
C GLU D 935 11.73 47.67 50.41
N THR D 936 12.77 46.91 50.72
CA THR D 936 13.10 45.69 49.94
C THR D 936 12.12 44.57 50.30
N HIS D 937 11.78 43.74 49.33
CA HIS D 937 10.86 42.60 49.58
C HIS D 937 11.16 41.46 48.61
N SER D 938 10.62 40.29 48.88
CA SER D 938 10.92 39.09 48.06
C SER D 938 9.77 38.82 47.09
N GLU D 939 10.08 38.67 45.80
CA GLU D 939 9.01 38.46 44.79
C GLU D 939 9.30 37.26 43.88
N ASN D 940 8.30 36.41 43.66
CA ASN D 940 8.44 35.30 42.70
C ASN D 940 7.06 34.86 42.25
N THR D 941 6.73 35.08 40.98
CA THR D 941 5.46 34.66 40.43
C THR D 941 5.65 33.64 39.32
N ILE D 942 6.67 32.79 39.47
CA ILE D 942 6.98 31.74 38.49
C ILE D 942 6.42 30.42 39.02
N PHE D 943 5.50 29.82 38.27
CA PHE D 943 4.84 28.59 38.67
C PHE D 943 4.66 27.68 37.47
N PHE D 944 4.94 26.40 37.65
CA PHE D 944 4.55 25.40 36.67
C PHE D 944 3.09 25.03 36.84
N GLU D 945 2.45 24.60 35.74
CA GLU D 945 1.10 24.07 35.78
C GLU D 945 1.06 22.76 35.01
N VAL D 946 0.24 21.83 35.49
CA VAL D 946 0.14 20.49 34.94
C VAL D 946 -1.14 20.34 34.13
N ASP D 947 -1.01 19.76 32.95
CA ASP D 947 -2.12 19.12 32.25
C ASP D 947 -1.79 17.64 32.07
N GLY D 948 -2.81 16.79 32.14
CA GLY D 948 -2.61 15.37 32.00
C GLY D 948 -3.43 14.56 32.99
N PRO D 949 -3.21 13.24 33.03
CA PRO D 949 -2.31 12.49 32.17
C PRO D 949 -2.99 12.03 30.89
N TYR D 950 -2.24 11.89 29.81
CA TYR D 950 -2.83 11.63 28.51
C TYR D 950 -2.74 10.16 28.15
N LYS D 951 -3.66 9.72 27.28
CA LYS D 951 -3.70 8.31 26.89
C LYS D 951 -2.46 7.93 26.10
N ALA D 952 -1.97 8.82 25.23
CA ALA D 952 -0.86 8.48 24.37
C ALA D 952 -0.13 9.74 23.96
N MET D 953 1.12 9.56 23.53
CA MET D 953 1.91 10.63 22.93
C MET D 953 2.88 10.00 21.96
N ILE D 954 2.90 10.50 20.72
CA ILE D 954 3.73 9.98 19.65
C ILE D 954 4.72 11.06 19.24
N LEU D 955 6.01 10.77 19.40
CA LEU D 955 7.05 11.70 18.97
C LEU D 955 7.81 11.14 17.79
N PRO D 956 8.13 11.96 16.79
CA PRO D 956 8.88 11.48 15.63
C PRO D 956 10.37 11.50 15.89
N SER D 957 11.11 10.93 14.95
CA SER D 957 12.56 10.96 15.00
C SER D 957 13.12 11.37 13.64
N SER D 958 14.39 11.76 13.66
CA SER D 958 15.03 12.25 12.43
C SER D 958 15.64 11.14 11.58
N LYS D 959 15.69 11.34 10.27
CA LYS D 959 16.38 10.41 9.37
C LYS D 959 17.86 10.47 9.73
N GLU D 960 18.34 11.66 10.08
CA GLU D 960 19.74 11.83 10.50
C GLU D 960 19.94 11.09 11.82
N GLU D 961 21.15 10.66 12.13
CA GLU D 961 21.38 9.79 13.33
C GLU D 961 21.71 10.60 14.58
N GLY D 962 20.98 10.35 15.65
CA GLY D 962 21.25 11.01 16.95
C GLY D 962 20.55 12.35 17.01
N LYS D 963 20.05 12.79 15.87
CA LYS D 963 19.31 14.07 15.81
C LYS D 963 17.85 13.73 16.03
N GLY D 964 17.19 14.50 16.88
CA GLY D 964 15.79 14.29 17.14
C GLY D 964 14.93 15.14 16.24
N ILE D 965 13.67 15.29 16.61
CA ILE D 965 12.81 16.26 15.98
C ILE D 965 12.15 17.08 17.08
N LYS D 966 12.15 18.38 16.93
CA LYS D 966 11.59 19.30 17.91
C LYS D 966 10.31 19.92 17.37
N LYS D 967 9.43 20.32 18.30
CA LYS D 967 8.27 21.15 18.00
C LYS D 967 7.25 20.42 17.12
N ARG D 968 7.08 19.12 17.40
CA ARG D 968 6.33 18.20 16.56
C ARG D 968 6.09 16.92 17.34
N TYR D 969 4.81 16.58 17.54
CA TYR D 969 4.35 15.45 18.31
C TYR D 969 2.83 15.45 18.25
N ALA D 970 2.25 14.35 18.71
CA ALA D 970 0.80 14.22 18.81
C ALA D 970 0.47 13.64 20.18
N VAL D 971 -0.56 14.18 20.81
CA VAL D 971 -0.98 13.76 22.14
C VAL D 971 -2.47 13.45 22.12
N PHE D 972 -2.86 12.40 22.81
CA PHE D 972 -4.25 11.93 22.81
C PHE D 972 -4.79 11.88 24.22
N ASN D 973 -6.00 12.39 24.40
CA ASN D 973 -6.65 12.35 25.69
C ASN D 973 -7.16 10.95 26.00
N GLU D 974 -7.47 10.73 27.27
CA GLU D 974 -7.94 9.43 27.75
C GLU D 974 -9.10 8.89 26.94
N ASP D 975 -9.92 9.78 26.38
CA ASP D 975 -11.13 9.41 25.66
C ASP D 975 -10.91 9.21 24.17
N GLY D 976 -9.66 9.26 23.72
CA GLY D 976 -9.34 9.06 22.32
C GLY D 976 -9.29 10.32 21.49
N SER D 977 -9.82 11.43 21.99
CA SER D 977 -9.76 12.68 21.24
C SER D 977 -8.32 13.14 21.08
N LEU D 978 -8.06 13.78 19.94
CA LEU D 978 -6.74 14.36 19.71
C LEU D 978 -6.56 15.55 20.62
N ALA D 979 -5.70 15.40 21.64
CA ALA D 979 -5.49 16.48 22.59
C ALA D 979 -4.67 17.61 21.98
N GLU D 980 -3.47 17.29 21.48
CA GLU D 980 -2.62 18.28 20.86
C GLU D 980 -1.90 17.66 19.67
N LEU D 981 -1.61 18.50 18.68
CA LEU D 981 -0.97 18.06 17.44
C LEU D 981 -0.15 19.23 16.93
N LYS D 982 1.17 19.16 17.10
CA LYS D 982 2.03 20.31 16.93
C LYS D 982 2.97 20.15 15.74
N GLY D 983 3.12 21.23 14.98
CA GLY D 983 4.19 21.35 14.00
C GLY D 983 4.00 20.64 12.67
N PHE D 984 3.26 19.54 12.63
CA PHE D 984 3.23 18.70 11.44
C PHE D 984 2.59 19.42 10.26
N GLU D 985 3.01 19.00 9.06
CA GLU D 985 2.46 19.54 7.81
C GLU D 985 0.94 19.50 7.79
N LEU D 986 0.34 18.49 8.42
CA LEU D 986 -1.11 18.41 8.54
C LEU D 986 -1.70 19.72 9.04
N LYS D 987 -0.97 20.43 9.90
CA LYS D 987 -1.44 21.65 10.52
C LYS D 987 -0.97 22.91 9.80
N ARG D 988 0.13 22.84 9.05
CA ARG D 988 0.70 24.02 8.41
C ARG D 988 -0.04 24.33 7.11
N ARG D 989 0.12 25.57 6.65
CA ARG D 989 -0.60 26.02 5.47
C ARG D 989 0.06 25.49 4.21
N GLY D 990 -0.76 25.06 3.26
CA GLY D 990 -0.21 24.49 2.06
C GLY D 990 0.35 23.11 2.32
N GLU D 991 1.59 22.89 1.93
CA GLU D 991 2.25 21.59 2.00
C GLU D 991 1.62 20.60 1.02
N LEU D 992 2.20 19.41 0.92
CA LEU D 992 1.70 18.39 0.00
C LEU D 992 0.52 17.68 0.63
N GLN D 993 -0.65 17.79 -0.01
CA GLN D 993 -1.90 17.25 0.52
C GLN D 993 -1.83 15.74 0.74
N LEU D 994 -0.89 15.04 0.10
CA LEU D 994 -0.69 13.62 0.37
C LEU D 994 -0.16 13.39 1.78
N ILE D 995 0.83 14.17 2.19
CA ILE D 995 1.37 14.04 3.55
C ILE D 995 0.32 14.44 4.58
N LYS D 996 -0.57 15.38 4.26
CA LYS D 996 -1.58 15.78 5.24
C LYS D 996 -2.51 14.62 5.54
N ASN D 997 -3.22 14.13 4.52
CA ASN D 997 -4.20 13.07 4.73
C ASN D 997 -3.54 11.82 5.28
N PHE D 998 -2.27 11.59 4.95
CA PHE D 998 -1.51 10.53 5.61
C PHE D 998 -1.41 10.79 7.11
N GLN D 999 -0.92 11.97 7.48
CA GLN D 999 -0.75 12.29 8.89
C GLN D 999 -2.09 12.34 9.61
N SER D 1000 -3.14 12.79 8.93
CA SER D 1000 -4.47 12.75 9.51
C SER D 1000 -4.86 11.33 9.92
N ASP D 1001 -4.68 10.37 8.99
CA ASP D 1001 -5.09 9.00 9.25
C ASP D 1001 -4.17 8.29 10.24
N ILE D 1002 -2.86 8.50 10.13
CA ILE D 1002 -1.89 7.73 10.91
C ILE D 1002 -2.04 7.98 12.41
N PHE D 1003 -1.88 9.24 12.85
CA PHE D 1003 -1.72 9.49 14.28
C PHE D 1003 -2.81 8.84 15.11
N LYS D 1004 -4.04 8.89 14.62
CA LYS D 1004 -5.16 8.25 15.30
C LYS D 1004 -4.90 6.77 15.54
N VAL D 1005 -4.37 6.07 14.53
CA VAL D 1005 -4.19 4.61 14.60
C VAL D 1005 -3.16 4.17 15.62
N PHE D 1006 -2.39 5.10 16.20
CA PHE D 1006 -1.44 4.72 17.24
C PHE D 1006 -2.12 4.27 18.54
N LEU D 1007 -3.44 4.34 18.61
CA LEU D 1007 -4.16 3.89 19.80
C LEU D 1007 -4.52 2.41 19.76
N GLU D 1008 -4.24 1.79 18.62
CA GLU D 1008 -4.66 0.38 18.42
C GLU D 1008 -3.52 -0.54 18.83
N GLY D 1009 -3.86 -1.80 19.10
CA GLY D 1009 -2.85 -2.77 19.56
C GLY D 1009 -2.83 -2.84 21.07
N ASP D 1010 -2.43 -3.98 21.60
CA ASP D 1010 -2.29 -4.12 23.07
C ASP D 1010 -0.80 -4.29 23.35
N THR D 1011 0.02 -4.08 22.33
CA THR D 1011 1.48 -4.21 22.50
C THR D 1011 2.20 -3.28 21.52
N LEU D 1012 3.28 -2.67 21.98
CA LEU D 1012 4.03 -1.73 21.15
C LEU D 1012 4.22 -2.28 19.75
N GLU D 1013 4.39 -3.59 19.64
CA GLU D 1013 4.63 -4.23 18.36
C GLU D 1013 3.35 -4.36 17.53
N GLY D 1014 2.21 -4.60 18.19
CA GLY D 1014 0.93 -4.58 17.49
C GLY D 1014 0.50 -3.18 17.12
N CYS D 1015 0.85 -2.19 17.94
CA CYS D 1015 0.57 -0.79 17.61
C CYS D 1015 1.29 -0.40 16.32
N TYR D 1016 2.62 -0.50 16.33
CA TYR D 1016 3.39 -0.21 15.11
C TYR D 1016 2.89 -1.02 13.93
N SER D 1017 2.35 -2.22 14.18
CA SER D 1017 1.76 -3.02 13.11
C SER D 1017 0.47 -2.40 12.60
N ALA D 1018 -0.42 -2.01 13.51
CA ALA D 1018 -1.72 -1.47 13.10
C ALA D 1018 -1.55 -0.17 12.33
N VAL D 1019 -0.58 0.66 12.73
CA VAL D 1019 -0.31 1.87 11.98
C VAL D 1019 0.38 1.52 10.65
N ALA D 1020 1.14 0.42 10.64
CA ALA D 1020 1.83 0.01 9.41
C ALA D 1020 0.86 -0.37 8.31
N SER D 1021 -0.25 -1.01 8.68
CA SER D 1021 -1.29 -1.36 7.70
C SER D 1021 -1.73 -0.13 6.92
N VAL D 1022 -1.98 0.98 7.62
CA VAL D 1022 -2.41 2.20 6.95
C VAL D 1022 -1.29 2.77 6.08
N CYS D 1023 -0.04 2.63 6.51
CA CYS D 1023 1.08 3.04 5.67
C CYS D 1023 1.06 2.29 4.35
N ASN D 1024 1.15 0.96 4.42
CA ASN D 1024 1.21 0.15 3.21
C ASN D 1024 0.04 0.44 2.26
N ARG D 1025 -1.14 0.74 2.81
CA ARG D 1025 -2.24 1.14 1.94
C ARG D 1025 -1.92 2.43 1.21
N TRP D 1026 -1.31 3.38 1.90
CA TRP D 1026 -0.90 4.63 1.26
C TRP D 1026 0.23 4.40 0.27
N LEU D 1027 1.16 3.49 0.59
CA LEU D 1027 2.14 3.08 -0.41
C LEU D 1027 1.46 2.54 -1.65
N ASP D 1028 0.41 1.74 -1.45
CA ASP D 1028 -0.29 1.11 -2.57
C ASP D 1028 -0.84 2.15 -3.53
N VAL D 1029 -1.44 3.23 -3.00
CA VAL D 1029 -1.94 4.29 -3.87
C VAL D 1029 -0.82 4.83 -4.76
N LEU D 1030 0.37 5.01 -4.19
CA LEU D 1030 1.48 5.59 -4.94
C LEU D 1030 2.14 4.57 -5.86
N ASP D 1031 2.37 3.34 -5.37
CA ASP D 1031 3.01 2.33 -6.20
C ASP D 1031 2.14 1.92 -7.38
N SER D 1032 0.82 1.99 -7.21
CA SER D 1032 -0.14 1.75 -8.29
C SER D 1032 -0.23 2.91 -9.27
N HIS D 1033 0.67 3.89 -9.15
CA HIS D 1033 0.65 5.10 -9.98
C HIS D 1033 -0.73 5.74 -10.02
N GLY D 1034 -1.46 5.64 -8.92
CA GLY D 1034 -2.75 6.35 -8.80
C GLY D 1034 -3.93 5.69 -9.45
N LEU D 1035 -3.76 4.45 -9.91
CA LEU D 1035 -4.86 3.80 -10.66
C LEU D 1035 -6.06 3.57 -9.75
N MET D 1036 -5.81 3.40 -8.46
CA MET D 1036 -6.89 3.08 -7.49
C MET D 1036 -7.93 4.21 -7.33
N LEU D 1037 -7.55 5.48 -7.36
CA LEU D 1037 -8.54 6.56 -7.04
C LEU D 1037 -9.12 7.28 -8.26
N GLU D 1038 -10.32 7.85 -8.12
CA GLU D 1038 -10.92 8.61 -9.21
C GLU D 1038 -10.07 9.84 -9.51
N ASP D 1039 -10.12 10.27 -10.76
CA ASP D 1039 -9.27 11.36 -11.23
C ASP D 1039 -9.59 12.68 -10.55
N GLU D 1040 -10.76 12.79 -9.90
CA GLU D 1040 -11.05 13.98 -9.11
C GLU D 1040 -10.38 13.92 -7.75
N ASP D 1041 -10.41 12.75 -7.10
CA ASP D 1041 -9.74 12.59 -5.82
C ASP D 1041 -8.23 12.38 -5.97
N LEU D 1042 -7.72 12.28 -7.20
CA LEU D 1042 -6.28 12.18 -7.37
C LEU D 1042 -5.62 13.55 -7.48
N VAL D 1043 -6.25 14.48 -8.18
CA VAL D 1043 -5.67 15.81 -8.36
C VAL D 1043 -5.51 16.51 -7.01
N SER D 1044 -6.46 16.32 -6.10
CA SER D 1044 -6.36 16.95 -4.79
C SER D 1044 -5.28 16.27 -3.94
N LEU D 1045 -5.31 14.93 -3.87
CA LEU D 1045 -4.37 14.21 -3.03
C LEU D 1045 -2.93 14.52 -3.40
N ILE D 1046 -2.67 14.84 -4.67
CA ILE D 1046 -1.31 15.05 -5.15
C ILE D 1046 -0.94 16.53 -5.24
N CYS D 1047 -1.92 17.43 -5.23
CA CYS D 1047 -1.65 18.86 -5.29
C CYS D 1047 -0.83 19.32 -4.08
N GLU D 1048 0.04 20.28 -4.32
CA GLU D 1048 0.75 20.99 -3.26
C GLU D 1048 0.51 22.49 -3.46
N ASN D 1049 -0.35 23.07 -2.64
CA ASN D 1049 -0.51 24.52 -2.60
C ASN D 1049 0.59 25.09 -1.70
N ARG D 1050 1.26 26.14 -2.18
CA ARG D 1050 2.29 26.88 -1.44
C ARG D 1050 2.35 28.35 -1.81
N SER D 1051 2.12 29.17 -0.79
CA SER D 1051 1.89 30.60 -0.91
C SER D 1051 3.19 31.36 -1.16
N MET D 1052 3.02 32.61 -1.56
CA MET D 1052 4.11 33.45 -2.03
C MET D 1052 3.88 34.84 -1.48
N SER D 1053 4.73 35.26 -0.55
CA SER D 1053 4.43 36.45 0.27
C SER D 1053 4.50 37.72 -0.56
N LYS D 1054 5.53 37.86 -1.40
CA LYS D 1054 5.66 39.02 -2.27
C LYS D 1054 4.99 38.71 -3.61
N THR D 1055 5.27 39.49 -4.63
CA THR D 1055 4.89 39.14 -6.00
C THR D 1055 6.08 38.52 -6.71
N LEU D 1056 5.83 38.00 -7.91
CA LEU D 1056 6.84 37.19 -8.58
C LEU D 1056 8.06 38.04 -8.97
N LYS D 1057 7.81 39.26 -9.43
CA LYS D 1057 8.91 40.19 -9.74
C LYS D 1057 9.88 40.36 -8.56
N GLU D 1058 9.42 40.23 -7.31
CA GLU D 1058 10.32 40.48 -6.19
C GLU D 1058 11.26 39.32 -5.89
N TYR D 1059 10.96 38.11 -6.37
CA TYR D 1059 11.79 36.94 -6.11
C TYR D 1059 12.87 36.74 -7.15
N GLU D 1060 13.17 37.76 -7.95
CA GLU D 1060 14.11 37.60 -9.06
C GLU D 1060 15.47 37.11 -8.56
N GLY D 1061 16.12 36.29 -9.37
CA GLY D 1061 17.37 35.67 -8.99
C GLY D 1061 17.25 34.46 -8.10
N GLN D 1062 16.03 34.01 -7.82
CA GLN D 1062 15.79 32.86 -6.96
C GLN D 1062 15.11 31.74 -7.74
N LYS D 1063 15.14 30.55 -7.17
CA LYS D 1063 14.51 29.37 -7.76
C LYS D 1063 13.69 28.65 -6.70
N SER D 1064 12.44 28.33 -7.03
CA SER D 1064 11.61 27.51 -6.16
C SER D 1064 10.45 26.96 -6.98
N THR D 1065 9.78 25.95 -6.41
CA THR D 1065 8.59 25.40 -7.06
C THR D 1065 7.47 26.43 -7.17
N SER D 1066 7.44 27.41 -6.27
CA SER D 1066 6.35 28.38 -6.24
C SER D 1066 6.45 29.38 -7.38
N ILE D 1067 7.64 29.93 -7.61
CA ILE D 1067 7.83 30.95 -8.62
C ILE D 1067 7.88 30.40 -10.04
N THR D 1068 8.18 29.12 -10.24
CA THR D 1068 7.96 28.55 -11.58
C THR D 1068 6.49 28.26 -11.80
N THR D 1069 5.79 27.76 -10.78
CA THR D 1069 4.34 27.64 -10.86
C THR D 1069 3.68 28.97 -11.18
N ALA D 1070 4.25 30.08 -10.70
CA ALA D 1070 3.62 31.37 -10.89
C ALA D 1070 3.86 31.92 -12.29
N ARG D 1071 5.11 31.87 -12.77
CA ARG D 1071 5.40 32.31 -14.14
C ARG D 1071 4.65 31.46 -15.15
N ARG D 1072 4.67 30.14 -14.96
CA ARG D 1072 3.93 29.26 -15.86
C ARG D 1072 2.45 29.58 -15.84
N LEU D 1073 1.95 29.92 -14.65
CA LEU D 1073 0.51 30.22 -14.53
C LEU D 1073 0.21 31.51 -15.28
N GLY D 1074 1.10 32.49 -15.20
CA GLY D 1074 0.91 33.75 -15.94
C GLY D 1074 0.95 33.51 -17.43
N ASP D 1075 1.91 32.68 -17.88
CA ASP D 1075 1.99 32.34 -19.32
C ASP D 1075 0.70 31.61 -19.70
N PHE D 1076 0.27 30.65 -18.87
CA PHE D 1076 -0.92 29.85 -19.21
C PHE D 1076 -2.15 30.76 -19.25
N LEU D 1077 -2.21 31.70 -18.32
CA LEU D 1077 -3.40 32.59 -18.25
C LEU D 1077 -3.07 34.04 -18.57
N GLY D 1078 -2.82 34.86 -17.57
CA GLY D 1078 -2.61 36.30 -17.85
C GLY D 1078 -1.66 36.86 -16.82
N GLU D 1079 -0.70 37.67 -17.26
CA GLU D 1079 0.18 38.32 -16.27
C GLU D 1079 -0.69 38.77 -15.12
N ASP D 1080 -1.91 39.17 -15.43
CA ASP D 1080 -2.79 39.71 -14.36
C ASP D 1080 -2.80 38.71 -13.22
N MET D 1081 -2.48 37.46 -13.52
CA MET D 1081 -2.44 36.43 -12.45
C MET D 1081 -1.36 36.78 -11.43
N VAL D 1082 -0.21 37.31 -11.85
CA VAL D 1082 0.92 37.53 -10.87
C VAL D 1082 1.02 39.00 -10.44
N LYS D 1083 -0.08 39.75 -10.44
CA LYS D 1083 -0.12 41.15 -10.06
C LYS D 1083 -0.24 41.29 -8.54
N ASP D 1084 -1.10 40.49 -7.92
CA ASP D 1084 -1.33 40.57 -6.48
C ASP D 1084 -0.34 39.70 -5.72
N LYS D 1085 -0.07 40.10 -4.47
CA LYS D 1085 0.76 39.32 -3.58
C LYS D 1085 -0.06 38.23 -2.90
N GLY D 1086 0.64 37.22 -2.38
CA GLY D 1086 -0.05 36.14 -1.70
C GLY D 1086 -0.69 35.13 -2.63
N LEU D 1087 -0.18 35.00 -3.84
CA LEU D 1087 -0.68 33.99 -4.77
C LEU D 1087 -0.54 32.60 -4.19
N GLN D 1088 -1.63 31.83 -4.22
CA GLN D 1088 -1.59 30.42 -3.87
C GLN D 1088 -1.19 29.63 -5.11
N CYS D 1089 0.00 29.03 -5.08
CA CYS D 1089 0.54 28.28 -6.21
C CYS D 1089 0.24 26.81 -6.00
N LYS D 1090 -0.82 26.28 -6.64
CA LYS D 1090 -1.15 24.87 -6.54
C LYS D 1090 -0.50 24.19 -7.74
N TYR D 1091 0.41 23.25 -7.50
CA TYR D 1091 1.20 22.66 -8.57
C TYR D 1091 1.31 21.15 -8.40
N ILE D 1092 1.79 20.50 -9.47
CA ILE D 1092 2.22 19.12 -9.46
C ILE D 1092 3.66 19.10 -9.96
N ILE D 1093 4.39 18.06 -9.57
CA ILE D 1093 5.74 17.80 -10.08
C ILE D 1093 5.64 16.79 -11.21
N SER D 1094 6.47 16.96 -12.23
CA SER D 1094 6.45 16.12 -13.42
C SER D 1094 7.65 15.19 -13.47
N SER D 1095 7.50 14.12 -14.25
CA SER D 1095 8.63 13.24 -14.55
C SER D 1095 9.59 13.91 -15.53
N LYS D 1096 9.04 14.49 -16.60
CA LYS D 1096 9.75 15.04 -17.75
C LYS D 1096 9.65 16.57 -17.76
N PRO D 1097 10.74 17.28 -18.08
CA PRO D 1097 12.07 16.80 -18.49
C PRO D 1097 12.80 16.01 -17.40
N PHE D 1098 13.34 14.87 -17.80
CA PHE D 1098 14.11 14.06 -16.84
C PHE D 1098 15.45 14.77 -16.63
N ASN D 1099 16.17 14.33 -15.61
CA ASN D 1099 17.49 14.94 -15.33
C ASN D 1099 17.26 16.46 -15.27
N ALA D 1100 16.18 16.89 -14.63
CA ALA D 1100 15.91 18.34 -14.48
C ALA D 1100 15.61 18.66 -13.02
N PRO D 1101 15.91 19.88 -12.54
CA PRO D 1101 15.72 20.19 -11.14
C PRO D 1101 14.25 20.14 -10.74
N VAL D 1102 13.97 19.70 -9.51
CA VAL D 1102 12.59 19.67 -9.05
C VAL D 1102 11.92 21.02 -9.29
N THR D 1103 12.73 22.08 -9.36
CA THR D 1103 12.20 23.44 -9.49
C THR D 1103 11.53 23.64 -10.84
N GLU D 1104 12.09 23.06 -11.88
CA GLU D 1104 11.64 23.29 -13.26
C GLU D 1104 10.52 22.36 -13.66
N ARG D 1105 10.04 21.50 -12.76
CA ARG D 1105 9.04 20.49 -13.07
C ARG D 1105 7.70 20.76 -12.42
N ALA D 1106 7.50 21.95 -11.86
CA ALA D 1106 6.25 22.32 -11.22
C ALA D 1106 5.27 22.82 -12.27
N ILE D 1107 4.26 22.03 -12.59
CA ILE D 1107 3.22 22.41 -13.53
C ILE D 1107 2.01 22.93 -12.75
N PRO D 1108 1.49 24.12 -13.08
CA PRO D 1108 0.23 24.57 -12.48
C PRO D 1108 -0.85 23.53 -12.73
N VAL D 1109 -1.51 23.11 -11.65
CA VAL D 1109 -2.49 22.04 -11.80
C VAL D 1109 -3.77 22.55 -12.47
N ALA D 1110 -3.89 23.87 -12.64
CA ALA D 1110 -5.01 24.44 -13.36
C ALA D 1110 -4.94 24.17 -14.85
N ILE D 1111 -3.76 23.86 -15.38
CA ILE D 1111 -3.63 23.55 -16.81
C ILE D 1111 -4.46 22.33 -17.17
N PHE D 1112 -4.76 21.47 -16.20
CA PHE D 1112 -5.49 20.25 -16.49
C PHE D 1112 -7.01 20.43 -16.41
N SER D 1113 -7.47 21.63 -16.08
CA SER D 1113 -8.88 21.98 -16.22
C SER D 1113 -9.09 22.91 -17.41
N ALA D 1114 -8.07 23.09 -18.25
CA ALA D 1114 -8.16 23.96 -19.41
C ALA D 1114 -8.76 23.21 -20.60
N ASP D 1115 -8.92 23.92 -21.70
CA ASP D 1115 -9.33 23.29 -22.96
C ASP D 1115 -8.18 22.44 -23.51
N ILE D 1116 -8.56 21.37 -24.22
CA ILE D 1116 -7.55 20.45 -24.77
C ILE D 1116 -6.48 21.17 -25.59
N PRO D 1117 -6.84 22.11 -26.49
CA PRO D 1117 -5.84 22.85 -27.21
C PRO D 1117 -4.80 23.39 -26.24
N ILE D 1118 -5.22 24.23 -25.30
CA ILE D 1118 -4.26 24.88 -24.37
C ILE D 1118 -3.58 23.82 -23.52
N LYS D 1119 -4.34 22.84 -23.03
CA LYS D 1119 -3.66 21.90 -22.12
C LYS D 1119 -2.55 21.27 -22.94
N ARG D 1120 -2.87 20.90 -24.17
CA ARG D 1120 -1.87 20.21 -25.01
C ARG D 1120 -0.69 21.15 -25.29
N SER D 1121 -0.98 22.38 -25.66
CA SER D 1121 0.13 23.25 -26.08
C SER D 1121 1.10 23.51 -24.93
N PHE D 1122 0.57 23.90 -23.77
CA PHE D 1122 1.48 24.28 -22.67
C PHE D 1122 2.18 23.06 -22.09
N LEU D 1123 1.46 21.96 -21.95
CA LEU D 1123 2.06 20.80 -21.28
C LEU D 1123 3.31 20.43 -22.06
N ARG D 1124 3.18 20.49 -23.38
CA ARG D 1124 4.33 20.13 -24.25
C ARG D 1124 5.50 21.02 -23.90
N ARG D 1125 5.26 22.32 -23.83
CA ARG D 1125 6.34 23.28 -23.61
C ARG D 1125 7.06 23.02 -22.30
N TRP D 1126 6.31 22.75 -21.23
CA TRP D 1126 6.95 22.55 -19.92
C TRP D 1126 7.60 21.18 -19.79
N THR D 1127 7.01 20.16 -20.41
CA THR D 1127 7.66 18.85 -20.44
C THR D 1127 8.81 18.81 -21.44
N LEU D 1128 8.88 19.76 -22.35
CA LEU D 1128 9.92 19.80 -23.38
C LEU D 1128 9.86 18.53 -24.24
N ASP D 1129 8.64 18.12 -24.59
CA ASP D 1129 8.42 16.99 -25.50
C ASP D 1129 7.39 17.40 -26.54
N PRO D 1130 7.79 17.57 -27.80
CA PRO D 1130 6.82 18.01 -28.83
C PRO D 1130 5.76 16.97 -29.18
N SER D 1131 5.86 15.73 -28.68
CA SER D 1131 4.83 14.72 -28.93
C SER D 1131 3.78 14.80 -27.83
N LEU D 1132 2.52 14.97 -28.21
CA LEU D 1132 1.45 15.10 -27.20
C LEU D 1132 1.00 13.69 -26.86
N GLU D 1133 1.88 12.92 -26.20
CA GLU D 1133 1.57 11.48 -25.98
C GLU D 1133 0.27 11.33 -25.22
N ASP D 1134 0.07 12.08 -24.14
CA ASP D 1134 -1.23 12.06 -23.44
C ASP D 1134 -1.32 13.30 -22.58
N LEU D 1135 -2.53 13.71 -22.23
CA LEU D 1135 -2.69 14.87 -21.30
C LEU D 1135 -3.23 14.35 -19.97
N ASP D 1136 -3.32 13.03 -19.82
CA ASP D 1136 -3.78 12.44 -18.53
C ASP D 1136 -2.75 12.74 -17.46
N ILE D 1137 -3.19 13.19 -16.29
CA ILE D 1137 -2.23 13.63 -15.24
C ILE D 1137 -1.38 12.43 -14.85
N ARG D 1138 -1.97 11.25 -14.89
CA ARG D 1138 -1.21 10.06 -14.43
C ARG D 1138 0.03 9.97 -15.30
N THR D 1139 -0.06 10.41 -16.54
CA THR D 1139 1.07 10.24 -17.47
C THR D 1139 2.26 11.11 -17.08
N ILE D 1140 2.04 12.28 -16.47
CA ILE D 1140 3.11 13.23 -16.23
C ILE D 1140 3.74 13.11 -14.84
N ILE D 1141 3.11 12.41 -13.90
CA ILE D 1141 3.49 12.56 -12.50
C ILE D 1141 4.81 11.84 -12.23
N ASP D 1142 5.67 12.47 -11.44
CA ASP D 1142 6.91 11.85 -11.00
C ASP D 1142 6.67 11.11 -9.69
N TRP D 1143 5.95 9.98 -9.82
CA TRP D 1143 5.56 9.19 -8.65
C TRP D 1143 6.78 8.81 -7.80
N GLY D 1144 7.94 8.61 -8.43
CA GLY D 1144 9.14 8.35 -7.65
C GLY D 1144 9.44 9.46 -6.66
N TYR D 1145 9.15 10.70 -7.05
CA TYR D 1145 9.35 11.84 -6.14
C TYR D 1145 8.33 11.81 -5.01
N TYR D 1146 7.06 11.60 -5.36
CA TYR D 1146 6.03 11.50 -4.32
C TYR D 1146 6.23 10.25 -3.47
N ARG D 1147 6.71 9.17 -4.08
CA ARG D 1147 7.04 7.98 -3.28
C ARG D 1147 8.12 8.29 -2.26
N GLU D 1148 9.03 9.20 -2.58
CA GLU D 1148 10.12 9.40 -1.64
C GLU D 1148 9.63 10.26 -0.47
N ARG D 1149 8.83 11.29 -0.78
CA ARG D 1149 8.27 12.15 0.25
C ARG D 1149 7.43 11.35 1.25
N LEU D 1150 6.44 10.59 0.76
CA LEU D 1150 5.69 9.70 1.63
C LEU D 1150 6.61 8.77 2.40
N GLY D 1151 7.63 8.24 1.72
CA GLY D 1151 8.64 7.44 2.37
C GLY D 1151 9.24 8.13 3.56
N SER D 1152 9.77 9.32 3.33
CA SER D 1152 10.43 10.06 4.43
C SER D 1152 9.45 10.14 5.60
N ALA D 1153 8.20 10.45 5.29
CA ALA D 1153 7.24 10.65 6.38
C ALA D 1153 7.08 9.36 7.18
N ILE D 1154 6.92 8.24 6.49
CA ILE D 1154 6.66 7.00 7.24
C ILE D 1154 7.90 6.75 8.08
N GLN D 1155 9.05 7.04 7.51
CA GLN D 1155 10.30 6.75 8.23
C GLN D 1155 10.36 7.59 9.49
N LYS D 1156 10.06 8.88 9.37
CA LYS D 1156 10.20 9.81 10.52
C LYS D 1156 9.14 9.52 11.57
N ILE D 1157 7.89 9.37 11.15
CA ILE D 1157 6.77 9.14 12.11
C ILE D 1157 6.77 7.71 12.66
N ILE D 1158 7.07 6.71 11.83
CA ILE D 1158 6.88 5.31 12.31
C ILE D 1158 8.14 4.45 12.33
N THR D 1159 8.80 4.25 11.20
CA THR D 1159 9.90 3.25 11.15
C THR D 1159 11.11 3.57 12.02
N ILE D 1160 11.69 4.75 11.88
CA ILE D 1160 12.95 5.00 12.64
C ILE D 1160 12.60 5.01 14.12
N PRO D 1161 11.47 5.60 14.54
CA PRO D 1161 11.08 5.52 15.92
C PRO D 1161 11.07 4.07 16.40
N ALA D 1162 10.25 3.24 15.79
CA ALA D 1162 10.12 1.84 16.19
C ALA D 1162 11.49 1.20 16.43
N ALA D 1163 12.45 1.49 15.55
CA ALA D 1163 13.80 0.93 15.72
C ALA D 1163 14.43 1.41 17.03
N LEU D 1164 14.18 2.66 17.41
CA LEU D 1164 14.69 3.16 18.68
C LEU D 1164 13.94 2.60 19.88
N GLN D 1165 12.84 1.86 19.65
CA GLN D 1165 12.14 1.16 20.71
C GLN D 1165 12.25 -0.35 20.55
N GLY D 1166 13.33 -0.82 19.92
CA GLY D 1166 13.57 -2.24 19.76
C GLY D 1166 12.67 -2.96 18.79
N VAL D 1167 11.71 -2.26 18.18
CA VAL D 1167 10.79 -2.90 17.24
C VAL D 1167 11.44 -2.97 15.86
N SER D 1168 11.57 -4.18 15.32
CA SER D 1168 12.07 -4.34 13.96
C SER D 1168 11.07 -3.77 12.98
N ASN D 1169 11.60 -3.19 11.89
CA ASN D 1169 10.88 -2.37 10.90
C ASN D 1169 9.46 -2.85 10.63
N PRO D 1170 8.45 -2.08 11.05
CA PRO D 1170 7.06 -2.48 10.81
C PRO D 1170 6.60 -2.28 9.37
N VAL D 1171 7.23 -1.37 8.64
CA VAL D 1171 6.94 -1.21 7.21
C VAL D 1171 8.20 -1.56 6.42
N PRO D 1172 8.42 -2.84 6.13
CA PRO D 1172 9.65 -3.22 5.41
C PRO D 1172 9.74 -2.66 4.00
N ARG D 1173 8.62 -2.28 3.38
CA ARG D 1173 8.69 -1.74 2.03
C ARG D 1173 9.41 -0.39 2.01
N VAL D 1174 9.41 0.34 3.12
CA VAL D 1174 10.15 1.58 3.24
C VAL D 1174 11.33 1.26 4.15
N GLU D 1175 12.53 1.19 3.59
CA GLU D 1175 13.63 0.57 4.31
C GLU D 1175 14.44 1.59 5.11
N HIS D 1176 15.12 1.07 6.14
CA HIS D 1176 15.86 1.91 7.07
C HIS D 1176 17.03 2.62 6.38
N PRO D 1177 17.41 3.79 6.88
CA PRO D 1177 18.66 4.41 6.39
C PRO D 1177 19.86 3.54 6.71
N ASP D 1178 20.97 3.84 6.03
CA ASP D 1178 22.14 2.98 6.10
C ASP D 1178 22.78 3.00 7.49
N TRP D 1179 22.84 4.17 8.14
CA TRP D 1179 23.37 4.22 9.50
C TRP D 1179 22.52 3.41 10.46
N LEU D 1180 21.20 3.35 10.22
CA LEU D 1180 20.34 2.58 11.10
C LEU D 1180 20.54 1.09 10.90
N LYS D 1181 20.70 0.66 9.64
CA LYS D 1181 21.01 -0.74 9.37
C LYS D 1181 22.28 -1.17 10.11
N ARG D 1182 23.28 -0.30 10.16
CA ARG D 1182 24.51 -0.62 10.90
C ARG D 1182 24.23 -0.75 12.39
N LYS D 1183 23.39 0.12 12.94
CA LYS D 1183 23.11 0.07 14.37
C LYS D 1183 22.27 -1.14 14.72
N ILE D 1184 21.34 -1.53 13.84
CA ILE D 1184 20.59 -2.76 14.07
C ILE D 1184 21.52 -3.96 14.01
N ALA D 1185 22.51 -3.92 13.12
CA ALA D 1185 23.55 -4.94 13.06
C ALA D 1185 24.49 -4.89 14.27
N THR D 1186 24.31 -3.92 15.15
CA THR D 1186 25.08 -3.75 16.39
C THR D 1186 26.59 -3.90 16.18
#